data_4XQU
#
_entry.id   4XQU
#
_cell.length_a   64.874
_cell.length_b   245.853
_cell.length_c   70.995
_cell.angle_alpha   90.000
_cell.angle_beta   112.460
_cell.angle_gamma   90.000
#
_symmetry.space_group_name_H-M   'P 1 21 1'
#
loop_
_entity.id
_entity.type
_entity.pdbx_description
1 polymer 'Hemagglutinin HA1'
2 polymer 'Hemagglutinin HA2'
3 branched 'N-acetyl-alpha-neuraminic acid-(2-3)-beta-D-galactopyranose-(1-4)-2-acetamido-2-deoxy-beta-D-glucopyranose'
4 branched 2-acetamido-2-deoxy-beta-D-glucopyranose-(1-4)-2-acetamido-2-deoxy-beta-D-glucopyranose
5 branched 'N-acetyl-alpha-neuraminic acid-(2-3)-beta-D-galactopyranose'
6 non-polymer 2-acetamido-2-deoxy-beta-D-glucopyranose
#
loop_
_entity_poly.entity_id
_entity_poly.type
_entity_poly.pdbx_seq_one_letter_code
_entity_poly.pdbx_strand_id
1 'polypeptide(L)'
;ADPDKICLGHHAVANGTIVKTLTNEQEEVTNATETVESTGINRLCMKGRKHKDLGNCHPIGMLIGTPACDLHLTGMWDTL
IERENAIAYCYPGATVNVEALRQKIMESGGINKISTGFTYGSSINSAGTTRACMRNGGNSFYAELKWLVSKSKGQNFPQT
TNTYRNTDTAEHLIMWGIHHPSSTQEKNDLYGTQSLSISVGSSTYRNNFVPVVGARPQVNGQSGRIDFHWTLVQPGDNIT
FSHNGGLIAPSRVSKLIGRGLGIQSDAPIDNNCESKCFWRGGSINTRLPFQNLSPRTVGQCPKYVNRRSLMLATGMRNVP
ELIQGR
;
A,C,E
2 'polypeptide(L)'
;GLFGAIAGFLENGWEGMVDGWYGFRHQNAQGTGQAADYKSTQAAIDQITGKLNRLVEKTNTEFESIESEFSEIEHQIGNV
INWTKDSITDIWTYQAELLVAMENQHTIDMADSEMLNLYERVRKQLRQNAEEDGKGCFEIYHACDDSCMESIRNNTYDHS
QYREEALLNRLNINSGRLVPR
;
B,D,F
#
# COMPACT_ATOMS: atom_id res chain seq x y z
N ASP A 4 52.37 -37.26 -12.03
CA ASP A 4 52.30 -35.82 -11.76
C ASP A 4 50.85 -35.34 -11.78
N LYS A 5 50.59 -34.25 -11.05
CA LYS A 5 49.24 -33.73 -10.89
C LYS A 5 49.18 -32.22 -10.92
N ILE A 6 48.03 -31.70 -11.34
CA ILE A 6 47.71 -30.28 -11.18
C ILE A 6 46.28 -30.19 -10.62
N CYS A 7 46.12 -29.39 -9.58
CA CYS A 7 44.86 -29.34 -8.86
C CYS A 7 44.08 -28.07 -9.13
N LEU A 8 42.81 -28.09 -8.75
CA LEU A 8 41.96 -26.91 -8.79
C LEU A 8 41.22 -26.76 -7.47
N GLY A 9 41.17 -25.55 -6.95
CA GLY A 9 40.51 -25.30 -5.69
C GLY A 9 40.08 -23.86 -5.48
N HIS A 10 39.07 -23.68 -4.63
CA HIS A 10 38.65 -22.36 -4.21
C HIS A 10 39.33 -22.05 -2.89
N HIS A 11 39.12 -20.85 -2.35
CA HIS A 11 39.65 -20.57 -1.03
C HIS A 11 38.59 -20.76 0.05
N ALA A 12 39.03 -20.57 1.28
CA ALA A 12 38.17 -20.60 2.44
C ALA A 12 38.85 -19.74 3.48
N VAL A 13 38.12 -19.39 4.53
CA VAL A 13 38.70 -18.60 5.61
C VAL A 13 38.38 -19.30 6.91
N ALA A 14 39.19 -19.03 7.95
CA ALA A 14 39.05 -19.67 9.23
C ALA A 14 37.67 -19.45 9.84
N ASN A 15 37.20 -18.21 9.77
CA ASN A 15 35.84 -17.88 10.20
C ASN A 15 35.07 -17.03 9.19
N GLY A 16 33.86 -17.46 8.84
CA GLY A 16 33.08 -16.77 7.83
C GLY A 16 31.63 -16.49 8.17
N THR A 17 31.09 -15.44 7.56
CA THR A 17 29.73 -14.93 7.81
C THR A 17 28.60 -15.83 7.30
N ILE A 18 27.44 -15.75 7.96
CA ILE A 18 26.27 -16.58 7.63
C ILE A 18 25.16 -15.83 6.86
N VAL A 19 24.61 -16.47 5.82
CA VAL A 19 23.58 -15.86 4.96
C VAL A 19 22.39 -16.79 4.70
N LYS A 20 21.31 -16.21 4.16
CA LYS A 20 20.05 -16.94 3.90
C LYS A 20 19.78 -17.13 2.41
N THR A 21 19.23 -18.29 2.02
CA THR A 21 18.79 -18.50 0.63
C THR A 21 17.38 -19.10 0.49
N LEU A 22 16.84 -19.02 -0.73
CA LEU A 22 15.51 -19.51 -1.07
C LEU A 22 15.24 -20.96 -0.68
N THR A 23 16.30 -21.75 -0.54
CA THR A 23 16.19 -23.16 -0.23
C THR A 23 16.84 -23.51 1.09
N ASN A 24 17.93 -22.83 1.43
CA ASN A 24 18.57 -23.07 2.72
C ASN A 24 18.69 -21.81 3.58
N GLU A 25 18.10 -21.87 4.76
CA GLU A 25 18.16 -20.80 5.74
C GLU A 25 19.60 -20.58 6.22
N GLN A 26 20.34 -21.68 6.32
CA GLN A 26 21.66 -21.68 6.95
C GLN A 26 22.78 -22.12 6.01
N GLU A 27 23.45 -21.14 5.41
CA GLU A 27 24.55 -21.44 4.49
C GLU A 27 25.74 -20.51 4.74
N GLU A 28 26.81 -21.07 5.27
CA GLU A 28 28.04 -20.30 5.50
C GLU A 28 28.64 -19.84 4.18
N VAL A 29 29.25 -18.67 4.20
CA VAL A 29 29.86 -18.07 3.02
C VAL A 29 31.12 -17.39 3.54
N THR A 30 32.07 -17.08 2.65
CA THR A 30 33.31 -16.46 3.09
C THR A 30 33.08 -15.06 3.64
N ASN A 31 32.28 -14.28 2.92
CA ASN A 31 31.99 -12.90 3.31
C ASN A 31 30.57 -12.39 3.01
N ALA A 32 30.11 -11.46 3.84
CA ALA A 32 28.79 -10.87 3.69
C ALA A 32 28.78 -9.39 4.07
N THR A 33 27.77 -8.67 3.60
CA THR A 33 27.64 -7.26 3.92
C THR A 33 26.21 -7.00 4.41
N GLU A 34 26.08 -6.17 5.43
CA GLU A 34 24.78 -5.80 5.99
C GLU A 34 24.01 -4.90 5.01
N THR A 35 22.73 -5.22 4.79
CA THR A 35 21.90 -4.39 3.91
C THR A 35 20.85 -3.54 4.65
N VAL A 36 20.83 -3.61 5.97
CA VAL A 36 19.87 -2.84 6.77
C VAL A 36 20.67 -1.90 7.68
N GLU A 37 20.22 -0.65 7.80
CA GLU A 37 20.98 0.35 8.53
C GLU A 37 20.37 0.61 9.91
N SER A 38 21.17 0.46 10.96
CA SER A 38 20.73 0.78 12.32
C SER A 38 21.64 1.74 13.11
N THR A 39 22.72 2.17 12.50
CA THR A 39 23.63 3.04 13.15
C THR A 39 23.33 4.48 12.80
N GLY A 40 22.05 4.86 12.82
CA GLY A 40 21.64 6.21 12.50
C GLY A 40 22.33 7.27 13.33
N ILE A 41 21.96 8.53 13.14
CA ILE A 41 22.68 9.65 13.74
C ILE A 41 21.78 10.35 14.70
N ASN A 42 22.33 11.26 15.49
CA ASN A 42 21.63 11.84 16.63
C ASN A 42 21.51 13.33 16.59
N ARG A 43 21.82 13.93 15.45
CA ARG A 43 21.67 15.38 15.30
C ARG A 43 20.86 15.69 14.04
N LEU A 44 20.32 16.90 13.93
CA LEU A 44 19.63 17.29 12.71
C LEU A 44 20.64 17.97 11.77
N CYS A 45 21.07 17.25 10.73
CA CYS A 45 21.99 17.83 9.75
C CYS A 45 21.38 18.84 8.79
N MET A 46 21.57 20.11 9.11
CA MET A 46 20.89 21.19 8.39
C MET A 46 21.87 22.03 7.57
N LYS A 47 22.89 21.40 7.02
CA LYS A 47 23.80 22.10 6.09
C LYS A 47 23.22 22.02 4.69
N GLY A 48 23.05 23.19 4.06
CA GLY A 48 22.48 23.25 2.72
C GLY A 48 21.00 23.58 2.80
N ARG A 49 20.37 23.18 3.91
CA ARG A 49 18.96 23.49 4.13
C ARG A 49 18.81 24.77 4.93
N LYS A 50 18.23 25.80 4.30
CA LYS A 50 17.87 27.01 5.03
C LYS A 50 16.76 26.63 5.99
N HIS A 51 16.95 26.81 7.28
CA HIS A 51 16.04 26.19 8.21
C HIS A 51 15.60 27.15 9.29
N LYS A 52 14.46 26.88 9.89
CA LYS A 52 14.10 27.59 11.10
C LYS A 52 13.72 26.61 12.20
N ASP A 53 14.35 26.83 13.36
CA ASP A 53 14.13 26.02 14.56
C ASP A 53 13.13 26.79 15.41
N LEU A 54 11.95 26.21 15.59
CA LEU A 54 10.84 26.88 16.27
C LEU A 54 11.09 27.08 17.75
N GLY A 55 11.79 26.13 18.37
CA GLY A 55 11.82 26.10 19.82
C GLY A 55 10.45 25.80 20.39
N ASN A 56 10.05 26.56 21.41
CA ASN A 56 8.74 26.36 22.04
C ASN A 56 7.53 26.77 21.21
N CYS A 57 7.67 27.71 20.28
CA CYS A 57 6.48 28.10 19.53
C CYS A 57 5.92 26.98 18.66
N HIS A 58 4.62 26.75 18.79
CA HIS A 58 3.91 25.80 17.95
C HIS A 58 3.69 26.52 16.63
N PRO A 59 3.51 25.78 15.51
CA PRO A 59 3.34 26.48 14.23
C PRO A 59 2.12 27.41 14.21
N ILE A 60 1.02 26.97 14.81
CA ILE A 60 -0.21 27.77 14.87
C ILE A 60 0.08 29.16 15.43
N GLY A 61 0.91 29.18 16.48
CA GLY A 61 1.28 30.40 17.18
C GLY A 61 1.93 31.44 16.30
N MET A 62 2.59 30.98 15.23
CA MET A 62 3.18 31.87 14.24
C MET A 62 2.08 32.75 13.65
N LEU A 63 0.99 32.11 13.21
CA LEU A 63 -0.13 32.82 12.60
C LEU A 63 -0.83 33.72 13.62
N ILE A 64 -1.21 33.14 14.75
CA ILE A 64 -1.96 33.89 15.76
C ILE A 64 -1.14 35.02 16.36
N GLY A 65 0.12 34.76 16.72
CA GLY A 65 0.92 35.73 17.45
C GLY A 65 1.28 35.48 18.90
N THR A 66 1.29 34.22 19.30
CA THR A 66 1.70 33.83 20.66
C THR A 66 3.09 34.38 21.01
N PRO A 67 3.30 34.75 22.28
CA PRO A 67 4.54 35.31 22.86
C PRO A 67 5.77 34.43 22.68
N ALA A 68 5.61 33.10 22.67
CA ALA A 68 6.76 32.23 22.41
C ALA A 68 7.29 32.49 21.01
N CYS A 69 6.44 32.35 19.99
CA CYS A 69 6.87 32.68 18.64
C CYS A 69 6.52 34.13 18.34
N ASP A 70 7.47 34.99 18.66
CA ASP A 70 7.33 36.43 18.53
C ASP A 70 8.54 36.84 17.72
N LEU A 71 9.60 36.07 17.86
CA LEU A 71 10.70 35.97 16.91
C LEU A 71 10.29 35.39 15.54
N HIS A 72 9.38 34.43 15.54
CA HIS A 72 9.08 33.66 14.33
C HIS A 72 7.78 34.03 13.62
N LEU A 73 7.31 35.26 13.83
CA LEU A 73 6.07 35.73 13.22
C LEU A 73 6.15 35.71 11.68
N THR A 74 7.30 36.10 11.15
CA THR A 74 7.54 36.09 9.71
C THR A 74 8.87 35.40 9.42
N GLY A 75 8.90 34.56 8.38
CA GLY A 75 10.07 33.75 8.13
C GLY A 75 10.24 33.29 6.69
N MET A 76 11.38 32.64 6.41
CA MET A 76 11.53 31.95 5.14
C MET A 76 12.44 30.71 5.29
N TRP A 77 11.99 29.54 4.81
CA TRP A 77 12.79 28.32 4.94
C TRP A 77 12.47 27.27 3.88
N ASP A 78 13.38 26.33 3.64
CA ASP A 78 12.98 25.09 2.96
C ASP A 78 12.77 23.97 3.98
N THR A 79 13.06 24.25 5.25
CA THR A 79 12.72 23.32 6.34
C THR A 79 12.22 24.01 7.62
N LEU A 80 11.16 23.44 8.20
CA LEU A 80 10.62 23.91 9.49
C LEU A 80 10.61 22.83 10.57
N ILE A 81 11.19 23.16 11.73
CA ILE A 81 11.40 22.18 12.79
C ILE A 81 10.57 22.46 14.05
N GLU A 82 9.59 21.59 14.31
CA GLU A 82 8.74 21.71 15.49
C GLU A 82 9.36 21.00 16.69
N ARG A 83 8.96 21.38 17.90
CA ARG A 83 9.50 20.78 19.13
C ARG A 83 8.38 20.35 20.08
N GLU A 84 8.68 19.36 20.93
CA GLU A 84 7.69 18.74 21.80
C GLU A 84 7.02 19.72 22.76
N ASN A 85 7.77 20.73 23.18
CA ASN A 85 7.34 21.62 24.25
C ASN A 85 6.50 22.74 23.68
N ALA A 86 6.06 22.57 22.44
CA ALA A 86 5.40 23.64 21.68
C ALA A 86 4.29 24.34 22.48
N ILE A 87 4.23 25.65 22.32
CA ILE A 87 3.17 26.47 22.88
C ILE A 87 2.46 27.28 21.80
N ALA A 88 1.16 27.05 21.60
CA ALA A 88 0.43 27.85 20.62
C ALA A 88 -0.54 28.82 21.27
N TYR A 89 -0.87 28.60 22.55
CA TYR A 89 -1.91 29.38 23.20
C TYR A 89 -1.42 29.99 24.51
N CYS A 90 -2.04 31.11 24.87
CA CYS A 90 -1.79 31.77 26.14
C CYS A 90 -3.07 31.71 26.92
N TYR A 91 -4.04 32.45 26.41
CA TYR A 91 -5.42 32.32 26.82
C TYR A 91 -5.88 30.93 26.43
N PRO A 92 -6.57 30.23 27.33
CA PRO A 92 -7.03 28.89 26.95
C PRO A 92 -7.97 28.93 25.75
N GLY A 93 -7.78 27.97 24.85
CA GLY A 93 -8.66 27.81 23.71
C GLY A 93 -8.24 26.64 22.83
N ALA A 94 -9.06 26.32 21.84
CA ALA A 94 -8.72 25.33 20.82
C ALA A 94 -8.98 25.91 19.43
N THR A 95 -8.46 25.23 18.40
CA THR A 95 -8.65 25.68 17.03
C THR A 95 -9.34 24.61 16.17
N VAL A 96 -10.31 25.06 15.38
CA VAL A 96 -10.98 24.24 14.38
C VAL A 96 -10.08 23.84 13.21
N ASN A 97 -10.20 22.60 12.76
CA ASN A 97 -9.30 22.07 11.74
C ASN A 97 -7.85 22.26 12.10
N VAL A 98 -7.52 22.05 13.37
CA VAL A 98 -6.20 22.40 13.85
C VAL A 98 -5.15 21.59 13.10
N GLU A 99 -5.37 20.28 12.95
CA GLU A 99 -4.34 19.47 12.30
C GLU A 99 -4.19 19.95 10.87
N ALA A 100 -5.32 20.27 10.24
CA ALA A 100 -5.36 20.71 8.85
C ALA A 100 -4.52 21.96 8.64
N LEU A 101 -4.76 22.95 9.50
CA LEU A 101 -4.04 24.22 9.45
C LEU A 101 -2.58 23.97 9.77
N ARG A 102 -2.32 23.12 10.76
CA ARG A 102 -0.97 22.88 11.22
C ARG A 102 -0.18 22.28 10.06
N GLN A 103 -0.77 21.31 9.38
CA GLN A 103 -0.12 20.61 8.29
C GLN A 103 0.20 21.57 7.14
N LYS A 104 -0.69 22.52 6.86
CA LYS A 104 -0.41 23.50 5.82
C LYS A 104 0.82 24.33 6.18
N ILE A 105 0.94 24.72 7.45
CA ILE A 105 2.08 25.50 7.90
C ILE A 105 3.38 24.70 7.83
N MET A 106 3.31 23.43 8.22
CA MET A 106 4.50 22.59 8.19
C MET A 106 4.98 22.30 6.76
N GLU A 107 4.05 22.19 5.81
CA GLU A 107 4.43 22.18 4.39
C GLU A 107 5.00 23.52 3.91
N SER A 108 4.49 24.61 4.47
CA SER A 108 4.81 25.96 3.98
C SER A 108 6.31 26.22 4.02
N GLY A 109 6.81 26.87 2.99
CA GLY A 109 8.20 27.28 2.95
C GLY A 109 8.40 28.65 3.57
N GLY A 110 7.30 29.34 3.85
CA GLY A 110 7.37 30.68 4.39
C GLY A 110 6.08 31.10 5.05
N ILE A 111 6.13 32.21 5.77
CA ILE A 111 4.93 32.88 6.24
C ILE A 111 5.08 34.37 5.98
N ASN A 112 4.00 35.03 5.56
CA ASN A 112 4.04 36.47 5.39
C ASN A 112 2.82 37.14 5.98
N LYS A 113 3.02 38.37 6.46
CA LYS A 113 1.99 39.04 7.23
C LYS A 113 1.56 40.34 6.57
N ILE A 114 0.25 40.55 6.49
CA ILE A 114 -0.27 41.80 5.96
C ILE A 114 -1.27 42.39 6.95
N SER A 115 -1.18 43.69 7.20
CA SER A 115 -2.12 44.33 8.11
C SER A 115 -3.52 44.31 7.51
N THR A 116 -4.49 43.88 8.31
CA THR A 116 -5.89 43.93 7.91
C THR A 116 -6.41 45.36 7.87
N GLY A 117 -5.82 46.22 8.69
CA GLY A 117 -6.13 47.64 8.62
C GLY A 117 -7.46 48.01 9.25
N PHE A 118 -8.10 47.04 9.91
CA PHE A 118 -9.39 47.28 10.55
C PHE A 118 -9.34 48.46 11.51
N THR A 119 -10.38 49.28 11.46
CA THR A 119 -10.49 50.45 12.31
C THR A 119 -11.71 50.31 13.22
N TYR A 120 -11.57 50.70 14.49
CA TYR A 120 -12.66 50.59 15.44
C TYR A 120 -13.12 51.94 15.98
N GLY A 121 -14.41 52.06 16.23
CA GLY A 121 -15.01 53.29 16.72
C GLY A 121 -14.69 53.63 18.16
N SER A 122 -15.15 54.80 18.61
CA SER A 122 -14.83 55.32 19.94
C SER A 122 -15.26 54.39 21.07
N SER A 123 -16.44 53.78 20.91
CA SER A 123 -17.01 52.89 21.92
C SER A 123 -16.16 51.64 22.15
N ILE A 124 -15.61 51.10 21.06
CA ILE A 124 -14.75 49.92 21.12
C ILE A 124 -13.35 50.21 21.70
N ASN A 125 -12.87 49.29 22.53
CA ASN A 125 -11.48 49.32 23.02
C ASN A 125 -10.61 48.30 22.29
N SER A 126 -9.69 48.79 21.46
CA SER A 126 -8.88 47.92 20.61
C SER A 126 -7.94 47.09 21.45
N ALA A 127 -7.47 47.67 22.55
CA ALA A 127 -6.47 47.04 23.38
C ALA A 127 -7.12 46.33 24.57
N GLY A 128 -7.11 45.00 24.51
CA GLY A 128 -7.62 44.18 25.59
C GLY A 128 -6.49 43.22 25.83
N THR A 129 -6.10 43.03 27.08
CA THR A 129 -4.98 42.15 27.40
C THR A 129 -5.33 41.12 28.46
N THR A 130 -4.59 40.03 28.44
CA THR A 130 -4.77 38.98 29.44
C THR A 130 -3.44 38.67 30.12
N ARG A 131 -3.52 38.26 31.38
CA ARG A 131 -2.35 37.95 32.17
C ARG A 131 -1.70 36.63 31.72
N ALA A 132 -2.42 35.84 30.94
CA ALA A 132 -1.86 34.60 30.39
C ALA A 132 -0.75 34.88 29.36
N CYS A 133 -0.94 35.93 28.56
CA CYS A 133 0.03 36.32 27.54
C CYS A 133 0.84 37.53 27.97
N MET A 134 2.06 37.31 28.41
CA MET A 134 2.85 38.37 28.98
C MET A 134 4.06 38.56 28.12
N ARG A 135 4.31 39.79 27.75
CA ARG A 135 5.31 40.05 26.76
C ARG A 135 6.47 40.60 27.51
N ASN A 136 6.46 41.88 27.76
CA ASN A 136 7.45 42.48 28.61
C ASN A 136 6.57 41.78 29.62
N GLY A 137 6.81 42.08 30.87
CA GLY A 137 5.91 41.79 31.95
C GLY A 137 4.44 42.13 31.88
N GLY A 138 4.19 43.40 31.56
CA GLY A 138 2.86 43.88 31.32
C GLY A 138 2.02 42.92 30.53
N ASN A 139 0.87 42.62 31.07
CA ASN A 139 -0.02 41.83 30.30
C ASN A 139 0.10 42.21 28.84
N SER A 140 -0.58 41.46 28.00
CA SER A 140 -0.47 41.57 26.55
C SER A 140 -1.46 40.62 25.92
N PHE A 141 -1.42 40.55 24.60
CA PHE A 141 -2.33 39.71 23.84
C PHE A 141 -1.64 39.28 22.56
N TYR A 142 -2.16 38.22 21.95
CA TYR A 142 -1.71 37.74 20.64
C TYR A 142 -1.32 38.89 19.72
N ALA A 143 -0.18 38.77 19.04
CA ALA A 143 0.39 39.90 18.33
C ALA A 143 -0.19 40.12 16.92
N GLU A 144 -1.11 39.27 16.51
CA GLU A 144 -1.79 39.50 15.23
C GLU A 144 -3.28 39.69 15.38
N LEU A 145 -3.82 39.41 16.56
CA LEU A 145 -5.22 39.72 16.78
C LEU A 145 -5.41 40.96 17.65
N LYS A 146 -6.67 41.29 17.90
CA LYS A 146 -7.05 42.32 18.87
C LYS A 146 -8.30 41.87 19.60
N TRP A 147 -8.37 42.17 20.88
CA TRP A 147 -9.51 41.80 21.70
C TRP A 147 -10.44 42.98 21.83
N LEU A 148 -11.64 42.84 21.28
CA LEU A 148 -12.57 43.96 21.25
C LEU A 148 -13.52 43.86 22.44
N VAL A 149 -13.52 44.91 23.26
CA VAL A 149 -14.44 45.07 24.37
C VAL A 149 -14.95 46.51 24.42
N SER A 150 -16.11 46.73 25.04
CA SER A 150 -16.59 48.09 25.24
C SER A 150 -15.73 48.85 26.23
N LYS A 151 -15.43 50.11 25.88
CA LYS A 151 -14.64 50.98 26.75
C LYS A 151 -15.36 51.25 28.06
N SER A 152 -16.69 51.34 27.97
CA SER A 152 -17.52 51.57 29.14
C SER A 152 -18.00 50.20 29.59
N LYS A 153 -17.80 49.88 30.87
CA LYS A 153 -17.98 48.50 31.30
C LYS A 153 -19.42 48.04 31.07
N GLY A 154 -20.39 48.87 31.45
CA GLY A 154 -21.78 48.47 31.28
C GLY A 154 -22.22 48.33 29.83
N GLN A 155 -21.78 49.26 28.98
CA GLN A 155 -22.39 49.48 27.67
C GLN A 155 -22.41 48.31 26.71
N ASN A 156 -23.47 48.27 25.89
CA ASN A 156 -23.60 47.31 24.80
C ASN A 156 -22.57 47.58 23.71
N PHE A 157 -22.05 46.52 23.09
CA PHE A 157 -21.13 46.67 21.98
C PHE A 157 -21.87 47.30 20.80
N PRO A 158 -21.22 48.21 20.07
CA PRO A 158 -21.82 48.72 18.84
C PRO A 158 -21.79 47.70 17.72
N GLN A 159 -22.83 47.68 16.88
CA GLN A 159 -22.83 46.79 15.73
C GLN A 159 -21.75 47.28 14.79
N THR A 160 -20.94 46.36 14.26
CA THR A 160 -19.82 46.81 13.44
C THR A 160 -19.66 45.98 12.17
N THR A 161 -19.16 46.64 11.12
CA THR A 161 -18.75 45.98 9.89
C THR A 161 -17.26 46.22 9.73
N ASN A 162 -16.51 45.15 9.59
CA ASN A 162 -15.09 45.25 9.30
C ASN A 162 -14.83 44.38 8.08
N THR A 163 -14.09 44.92 7.13
CA THR A 163 -13.79 44.18 5.91
C THR A 163 -12.30 44.22 5.60
N TYR A 164 -11.76 43.06 5.27
CA TYR A 164 -10.40 42.97 4.77
C TYR A 164 -10.48 42.59 3.30
N ARG A 165 -9.71 43.29 2.49
CA ARG A 165 -9.66 43.01 1.06
C ARG A 165 -8.27 42.55 0.69
N ASN A 166 -8.20 41.43 -0.02
CA ASN A 166 -6.93 40.87 -0.45
C ASN A 166 -6.60 41.45 -1.81
N THR A 167 -5.73 42.45 -1.82
CA THR A 167 -5.22 43.06 -3.04
C THR A 167 -4.21 42.20 -3.79
N ASP A 168 -3.43 41.42 -3.06
CA ASP A 168 -2.28 40.74 -3.63
C ASP A 168 -2.69 39.67 -4.66
N THR A 169 -1.73 39.26 -5.49
CA THR A 169 -1.93 38.22 -6.49
C THR A 169 -2.22 36.84 -5.90
N ALA A 170 -1.46 36.44 -4.89
CA ALA A 170 -1.62 35.12 -4.26
C ALA A 170 -2.72 35.11 -3.19
N GLU A 171 -3.22 33.91 -2.86
CA GLU A 171 -4.24 33.75 -1.80
C GLU A 171 -3.69 33.92 -0.39
N HIS A 172 -4.55 34.38 0.52
CA HIS A 172 -4.14 34.70 1.89
C HIS A 172 -4.89 33.88 2.95
N LEU A 173 -4.27 33.69 4.10
CA LEU A 173 -4.85 32.92 5.20
C LEU A 173 -5.15 33.83 6.39
N ILE A 174 -6.43 33.94 6.77
CA ILE A 174 -6.84 34.87 7.82
C ILE A 174 -7.48 34.17 9.03
N MET A 175 -6.98 34.51 10.22
CA MET A 175 -7.52 33.90 11.44
C MET A 175 -8.11 34.94 12.37
N TRP A 176 -9.27 34.59 12.91
CA TRP A 176 -10.01 35.41 13.85
C TRP A 176 -10.46 34.52 15.00
N GLY A 177 -10.96 35.12 16.07
CA GLY A 177 -11.44 34.30 17.18
C GLY A 177 -12.81 34.67 17.69
N ILE A 178 -13.47 33.68 18.30
CA ILE A 178 -14.72 33.92 19.01
C ILE A 178 -14.56 33.67 20.51
N HIS A 179 -14.90 34.66 21.34
CA HIS A 179 -14.63 34.54 22.77
C HIS A 179 -15.88 34.17 23.55
N HIS A 180 -15.80 33.08 24.29
CA HIS A 180 -16.91 32.62 25.12
C HIS A 180 -16.64 32.86 26.60
N PRO A 181 -17.37 33.79 27.22
CA PRO A 181 -17.16 34.17 28.62
C PRO A 181 -17.60 33.09 29.62
N SER A 182 -16.94 33.03 30.77
CA SER A 182 -17.27 32.06 31.83
C SER A 182 -18.64 32.27 32.46
N SER A 183 -19.00 33.53 32.71
CA SER A 183 -20.26 33.83 33.37
C SER A 183 -20.96 34.99 32.69
N THR A 184 -22.29 35.07 32.88
CA THR A 184 -23.11 36.08 32.21
C THR A 184 -22.68 37.50 32.53
N GLN A 185 -22.28 37.75 33.78
CA GLN A 185 -21.79 39.06 34.21
C GLN A 185 -20.54 39.48 33.44
N GLU A 186 -19.68 38.51 33.19
CA GLU A 186 -18.44 38.66 32.44
C GLU A 186 -18.83 39.16 31.06
N LYS A 187 -19.72 38.40 30.44
CA LYS A 187 -20.25 38.67 29.10
C LYS A 187 -20.81 40.09 29.04
N ASN A 188 -21.54 40.48 30.10
CA ASN A 188 -22.22 41.77 30.17
C ASN A 188 -21.23 42.94 30.21
N ASP A 189 -20.23 42.84 31.07
CA ASP A 189 -19.16 43.83 31.10
C ASP A 189 -18.50 43.99 29.73
N LEU A 190 -18.06 42.88 29.16
CA LEU A 190 -17.26 42.96 27.94
C LEU A 190 -18.05 43.47 26.75
N TYR A 191 -19.24 42.91 26.53
CA TYR A 191 -19.97 43.17 25.29
C TYR A 191 -21.40 43.70 25.46
N GLY A 192 -21.85 43.88 26.70
CA GLY A 192 -23.23 44.29 26.93
C GLY A 192 -24.23 43.17 27.12
N THR A 193 -25.49 43.55 27.34
CA THR A 193 -26.56 42.60 27.63
C THR A 193 -27.33 42.12 26.40
N GLN A 194 -27.03 42.71 25.26
CA GLN A 194 -27.66 42.37 23.98
C GLN A 194 -27.24 40.99 23.46
N SER A 195 -28.14 40.32 22.73
CA SER A 195 -27.79 39.09 22.03
C SER A 195 -26.68 39.32 20.99
N LEU A 196 -25.70 38.43 20.97
CA LEU A 196 -24.45 38.62 20.22
C LEU A 196 -24.35 37.75 18.96
N SER A 197 -24.09 38.35 17.81
CA SER A 197 -23.86 37.57 16.60
C SER A 197 -22.65 38.04 15.77
N ILE A 198 -21.69 37.17 15.57
CA ILE A 198 -20.61 37.42 14.61
C ILE A 198 -20.97 36.73 13.30
N SER A 199 -20.91 37.45 12.19
CA SER A 199 -21.16 36.82 10.90
C SER A 199 -19.99 37.07 9.95
N VAL A 200 -19.51 36.00 9.33
CA VAL A 200 -18.40 36.09 8.37
C VAL A 200 -18.89 35.81 6.95
N GLY A 201 -18.38 36.56 5.97
CA GLY A 201 -18.76 36.32 4.61
C GLY A 201 -17.75 36.68 3.53
N SER A 202 -17.54 35.74 2.61
CA SER A 202 -16.71 36.00 1.45
C SER A 202 -17.35 35.35 0.22
N SER A 203 -16.75 35.55 -0.96
CA SER A 203 -17.21 34.89 -2.18
C SER A 203 -17.38 33.38 -2.00
N THR A 204 -16.29 32.75 -1.57
CA THR A 204 -16.25 31.35 -1.12
C THR A 204 -16.98 31.02 0.18
N TYR A 205 -16.77 31.85 1.21
CA TYR A 205 -17.02 31.44 2.60
C TYR A 205 -18.12 32.18 3.35
N ARG A 206 -19.02 31.41 3.96
CA ARG A 206 -20.15 31.94 4.71
C ARG A 206 -20.35 31.19 6.03
N ASN A 207 -20.44 31.93 7.13
CA ASN A 207 -20.64 31.32 8.44
C ASN A 207 -21.19 32.27 9.49
N ASN A 208 -21.82 31.69 10.52
CA ASN A 208 -22.31 32.45 11.66
C ASN A 208 -21.79 31.90 13.00
N PHE A 209 -21.31 32.78 13.86
CA PHE A 209 -20.83 32.40 15.17
C PHE A 209 -21.57 33.16 16.26
N VAL A 210 -21.91 32.46 17.33
CA VAL A 210 -22.53 33.07 18.50
C VAL A 210 -21.73 32.75 19.75
N PRO A 211 -21.29 33.78 20.49
CA PRO A 211 -20.60 33.53 21.76
C PRO A 211 -21.51 32.83 22.77
N VAL A 212 -20.95 31.87 23.51
CA VAL A 212 -21.71 31.07 24.44
C VAL A 212 -21.19 31.20 25.88
N VAL A 213 -22.09 31.46 26.82
CA VAL A 213 -21.67 31.59 28.21
C VAL A 213 -21.91 30.29 28.95
N GLY A 214 -20.83 29.73 29.51
CA GLY A 214 -20.92 28.57 30.37
C GLY A 214 -19.82 28.57 31.40
N ALA A 215 -20.08 27.97 32.55
CA ALA A 215 -19.03 27.80 33.55
C ALA A 215 -18.04 26.76 33.06
N ARG A 216 -16.75 27.07 33.18
CA ARG A 216 -15.68 26.15 32.78
C ARG A 216 -14.49 26.27 33.73
N PRO A 217 -13.73 25.18 33.88
CA PRO A 217 -12.56 25.16 34.77
C PRO A 217 -11.45 26.06 34.27
N GLN A 218 -10.69 26.63 35.20
CA GLN A 218 -9.66 27.59 34.86
C GLN A 218 -8.46 26.87 34.21
N VAL A 219 -7.94 27.45 33.13
CA VAL A 219 -6.65 27.05 32.60
C VAL A 219 -5.85 28.32 32.33
N ASN A 220 -4.60 28.34 32.80
CA ASN A 220 -3.76 29.53 32.72
C ASN A 220 -4.39 30.62 33.57
N GLY A 221 -5.29 30.22 34.44
CA GLY A 221 -6.00 31.12 35.34
C GLY A 221 -7.26 31.73 34.76
N GLN A 222 -7.67 31.29 33.57
CA GLN A 222 -8.86 31.86 32.94
C GLN A 222 -9.95 30.85 32.60
N SER A 223 -11.12 31.03 33.20
CA SER A 223 -12.29 30.22 32.84
C SER A 223 -12.84 30.57 31.45
N GLY A 224 -12.67 31.82 31.02
CA GLY A 224 -13.15 32.23 29.71
C GLY A 224 -12.37 31.53 28.62
N ARG A 225 -12.97 31.35 27.44
CA ARG A 225 -12.29 30.61 26.37
C ARG A 225 -12.36 31.32 25.02
N ILE A 226 -11.35 31.08 24.19
CA ILE A 226 -11.29 31.67 22.85
C ILE A 226 -11.16 30.53 21.83
N ASP A 227 -12.09 30.45 20.89
CA ASP A 227 -11.94 29.49 19.80
C ASP A 227 -11.48 30.16 18.52
N PHE A 228 -10.49 29.57 17.87
CA PHE A 228 -9.86 30.21 16.71
C PHE A 228 -10.36 29.61 15.41
N HIS A 229 -10.64 30.47 14.42
CA HIS A 229 -11.08 30.00 13.12
C HIS A 229 -10.23 30.57 11.98
N TRP A 230 -10.14 29.84 10.89
CA TRP A 230 -9.34 30.28 9.75
C TRP A 230 -10.10 30.05 8.45
N THR A 231 -9.65 30.75 7.41
CA THR A 231 -10.08 30.45 6.05
C THR A 231 -9.12 31.08 5.07
N LEU A 232 -9.31 30.77 3.79
CA LEU A 232 -8.51 31.39 2.76
C LEU A 232 -9.26 32.52 2.05
N VAL A 233 -8.60 33.65 1.91
CA VAL A 233 -9.18 34.76 1.16
C VAL A 233 -8.55 34.73 -0.22
N GLN A 234 -9.38 34.48 -1.22
CA GLN A 234 -8.90 34.29 -2.57
C GLN A 234 -8.45 35.64 -3.12
N PRO A 235 -7.48 35.63 -4.05
CA PRO A 235 -6.93 36.92 -4.48
C PRO A 235 -8.02 37.83 -5.04
N GLY A 236 -7.97 39.10 -4.68
CA GLY A 236 -8.94 40.06 -5.19
C GLY A 236 -10.30 39.91 -4.54
N ASP A 237 -10.42 38.95 -3.64
CA ASP A 237 -11.66 38.73 -2.89
C ASP A 237 -11.69 39.72 -1.71
N ASN A 238 -12.87 39.84 -1.10
CA ASN A 238 -13.00 40.60 0.14
C ASN A 238 -13.80 39.78 1.15
N ILE A 239 -13.43 39.86 2.42
CA ILE A 239 -14.15 39.13 3.46
C ILE A 239 -14.60 40.07 4.58
N THR A 240 -15.86 39.91 4.99
CA THR A 240 -16.50 40.86 5.88
C THR A 240 -16.83 40.27 7.24
N PHE A 241 -16.72 41.09 8.27
CA PHE A 241 -17.05 40.69 9.63
C PHE A 241 -18.10 41.64 10.19
N SER A 242 -19.33 41.14 10.27
CA SER A 242 -20.43 41.87 10.90
C SER A 242 -20.57 41.30 12.30
N HIS A 243 -20.27 42.09 13.33
CA HIS A 243 -20.23 41.51 14.67
C HIS A 243 -20.78 42.39 15.78
N ASN A 244 -21.40 41.72 16.74
CA ASN A 244 -22.09 42.34 17.83
C ASN A 244 -21.25 42.37 19.09
N GLY A 245 -20.00 41.93 18.96
CA GLY A 245 -19.15 41.72 20.12
C GLY A 245 -18.87 40.26 20.38
N GLY A 246 -17.76 40.00 21.07
CA GLY A 246 -17.26 38.65 21.26
C GLY A 246 -16.33 38.18 20.15
N LEU A 247 -15.92 39.11 19.29
CA LEU A 247 -15.02 38.77 18.19
C LEU A 247 -13.59 39.08 18.57
N ILE A 248 -12.70 38.12 18.42
CA ILE A 248 -11.29 38.46 18.43
C ILE A 248 -10.88 38.67 16.98
N ALA A 249 -10.50 39.89 16.65
CA ALA A 249 -10.40 40.28 15.25
C ALA A 249 -8.96 40.44 14.81
N PRO A 250 -8.65 40.02 13.58
CA PRO A 250 -7.27 40.05 13.11
C PRO A 250 -6.72 41.47 12.97
N SER A 251 -5.45 41.68 13.31
CA SER A 251 -4.82 42.96 13.01
C SER A 251 -3.81 42.76 11.89
N ARG A 252 -3.43 41.51 11.66
CA ARG A 252 -2.68 41.14 10.47
C ARG A 252 -3.15 39.78 9.94
N VAL A 253 -2.87 39.49 8.68
CA VAL A 253 -3.26 38.24 8.04
C VAL A 253 -2.02 37.46 7.61
N SER A 254 -2.17 36.17 7.36
CA SER A 254 -1.04 35.33 7.04
C SER A 254 -1.05 34.95 5.57
N LYS A 255 0.13 34.63 5.03
CA LYS A 255 0.28 34.20 3.66
C LYS A 255 1.39 33.15 3.55
N LEU A 256 1.01 31.87 3.61
CA LEU A 256 1.99 30.80 3.47
C LEU A 256 2.68 30.90 2.12
N ILE A 257 3.97 30.62 2.07
CA ILE A 257 4.75 30.86 0.86
C ILE A 257 5.57 29.64 0.49
N GLY A 258 5.59 29.27 -0.78
CA GLY A 258 6.49 28.23 -1.24
C GLY A 258 6.20 26.87 -0.62
N ARG A 259 7.17 25.95 -0.73
CA ARG A 259 7.09 24.67 -0.04
C ARG A 259 8.33 24.40 0.81
N GLY A 260 8.11 24.00 2.07
CA GLY A 260 9.19 23.59 2.93
C GLY A 260 9.02 22.14 3.35
N LEU A 261 9.84 21.69 4.31
CA LEU A 261 9.78 20.31 4.79
C LEU A 261 9.53 20.21 6.29
N GLY A 262 8.35 19.72 6.66
CA GLY A 262 7.96 19.67 8.07
C GLY A 262 8.70 18.61 8.87
N ILE A 263 9.22 18.98 10.02
CA ILE A 263 9.93 18.03 10.88
C ILE A 263 9.56 18.12 12.36
N GLN A 264 9.02 17.04 12.91
CA GLN A 264 8.82 16.97 14.36
C GLN A 264 9.95 16.15 15.00
N SER A 265 10.80 16.80 15.78
CA SER A 265 12.11 16.26 16.12
C SER A 265 12.57 16.63 17.52
N ASP A 266 13.06 15.64 18.27
CA ASP A 266 13.69 15.88 19.56
C ASP A 266 15.17 16.26 19.45
N ALA A 267 15.72 16.13 18.25
CA ALA A 267 17.17 16.27 18.06
C ALA A 267 17.62 17.72 17.94
N PRO A 268 18.83 18.01 18.43
CA PRO A 268 19.47 19.33 18.30
C PRO A 268 20.09 19.51 16.92
N ILE A 269 20.23 20.75 16.47
CA ILE A 269 20.73 21.02 15.13
C ILE A 269 22.23 20.76 14.99
N ASP A 270 22.62 20.26 13.81
CA ASP A 270 23.99 20.31 13.33
C ASP A 270 23.96 20.97 11.95
N ASN A 271 24.38 22.22 11.87
CA ASN A 271 24.39 22.94 10.61
C ASN A 271 25.71 22.71 9.85
N ASN A 272 26.45 21.67 10.23
CA ASN A 272 27.66 21.34 9.49
C ASN A 272 27.75 19.88 9.04
N CYS A 273 26.60 19.24 8.85
CA CYS A 273 26.54 18.03 8.02
C CYS A 273 25.32 18.14 7.12
N GLU A 274 25.30 17.41 6.00
CA GLU A 274 24.11 17.42 5.16
C GLU A 274 23.33 16.13 5.39
N SER A 275 22.03 16.16 5.10
CA SER A 275 21.20 14.97 5.14
C SER A 275 19.85 15.23 4.48
N LYS A 276 19.20 14.15 4.04
CA LYS A 276 17.93 14.24 3.34
C LYS A 276 16.82 13.36 3.95
N CYS A 277 17.19 12.50 4.89
CA CYS A 277 16.21 11.79 5.71
C CYS A 277 16.19 12.25 7.16
N PHE A 278 15.00 12.37 7.75
CA PHE A 278 14.85 12.82 9.14
C PHE A 278 13.77 12.06 9.93
N TRP A 279 14.04 11.74 11.20
CA TRP A 279 12.99 11.27 12.10
C TRP A 279 13.06 12.05 13.42
N ARG A 280 12.27 11.62 14.39
CA ARG A 280 12.20 12.28 15.68
C ARG A 280 13.54 12.18 16.37
N GLY A 281 14.17 11.02 16.26
CA GLY A 281 15.47 10.78 16.84
C GLY A 281 16.64 11.59 16.31
N GLY A 282 16.68 11.79 15.00
CA GLY A 282 17.88 12.28 14.35
C GLY A 282 17.82 12.24 12.84
N SER A 283 18.98 12.12 12.20
CA SER A 283 19.06 12.17 10.76
C SER A 283 19.78 10.91 10.32
N ILE A 284 19.60 10.52 9.07
CA ILE A 284 20.24 9.31 8.55
C ILE A 284 21.06 9.52 7.27
N ASN A 285 22.29 9.03 7.26
CA ASN A 285 23.08 8.95 6.03
C ASN A 285 23.57 7.52 5.84
N THR A 286 23.06 6.85 4.81
CA THR A 286 23.45 5.47 4.53
C THR A 286 23.33 5.12 3.05
N ARG A 287 24.17 4.20 2.59
CA ARG A 287 24.08 3.70 1.23
C ARG A 287 22.93 2.69 1.16
N LEU A 288 22.64 2.08 2.30
CA LEU A 288 21.73 0.96 2.41
C LEU A 288 20.27 1.28 2.04
N PRO A 289 19.60 0.34 1.36
CA PRO A 289 18.20 0.42 0.93
C PRO A 289 17.17 0.37 2.06
N PHE A 290 17.28 -0.61 2.96
CA PHE A 290 16.34 -0.77 4.06
C PHE A 290 16.87 -0.22 5.39
N GLN A 291 15.97 -0.03 6.35
CA GLN A 291 16.32 0.56 7.65
C GLN A 291 15.36 0.09 8.75
N ASN A 292 15.86 -0.05 9.97
CA ASN A 292 15.03 -0.59 11.05
C ASN A 292 14.83 0.30 12.29
N LEU A 293 15.31 1.53 12.26
CA LEU A 293 15.12 2.44 13.39
C LEU A 293 13.67 2.89 13.64
N SER A 294 13.12 3.63 12.67
CA SER A 294 11.84 4.32 12.83
C SER A 294 10.83 3.99 11.75
N PRO A 295 9.63 3.55 12.17
CA PRO A 295 8.51 3.33 11.24
C PRO A 295 8.04 4.65 10.63
N ARG A 296 8.19 5.72 11.41
CA ARG A 296 7.83 7.07 11.01
C ARG A 296 9.03 7.86 10.50
N THR A 297 9.04 8.20 9.22
CA THR A 297 10.19 8.93 8.66
C THR A 297 9.73 10.01 7.69
N VAL A 298 10.60 10.97 7.45
CA VAL A 298 10.24 12.13 6.64
C VAL A 298 11.34 12.50 5.63
N GLY A 299 10.93 12.73 4.38
CA GLY A 299 11.87 13.08 3.34
C GLY A 299 12.26 11.87 2.52
N GLN A 300 13.43 11.95 1.90
CA GLN A 300 13.91 10.89 1.03
C GLN A 300 14.56 9.85 1.94
N CYS A 301 13.80 8.83 2.32
CA CYS A 301 14.29 7.83 3.27
C CYS A 301 14.14 6.38 2.83
N PRO A 302 15.11 5.54 3.22
CA PRO A 302 15.13 4.07 3.11
C PRO A 302 13.93 3.41 3.79
N LYS A 303 13.38 2.36 3.18
CA LYS A 303 12.12 1.79 3.62
C LYS A 303 12.29 1.12 4.98
N TYR A 304 11.23 1.08 5.77
CA TYR A 304 11.29 0.48 7.08
C TYR A 304 10.85 -0.99 7.02
N VAL A 305 11.75 -1.88 7.44
CA VAL A 305 11.52 -3.32 7.41
C VAL A 305 11.57 -3.90 8.82
N ASN A 306 10.68 -4.86 9.10
CA ASN A 306 10.57 -5.45 10.44
C ASN A 306 11.66 -6.47 10.80
N ARG A 307 12.89 -6.17 10.42
CA ARG A 307 14.03 -7.08 10.60
C ARG A 307 15.23 -6.30 11.08
N ARG A 308 16.00 -6.86 12.00
CA ARG A 308 17.22 -6.19 12.47
C ARG A 308 18.40 -6.46 11.55
N SER A 309 18.38 -7.60 10.86
CA SER A 309 19.49 -7.93 9.97
C SER A 309 19.13 -8.83 8.80
N LEU A 310 19.64 -8.46 7.64
CA LEU A 310 19.62 -9.30 6.45
C LEU A 310 21.03 -9.29 5.86
N MET A 311 21.68 -10.44 5.84
CA MET A 311 23.06 -10.49 5.39
C MET A 311 23.10 -10.88 3.92
N LEU A 312 23.78 -10.06 3.12
CA LEU A 312 23.95 -10.31 1.70
C LEU A 312 25.35 -10.85 1.37
N ALA A 313 25.43 -12.16 1.17
CA ALA A 313 26.69 -12.83 0.85
C ALA A 313 27.43 -12.14 -0.28
N THR A 314 28.68 -11.76 -0.02
CA THR A 314 29.50 -11.14 -1.04
C THR A 314 30.74 -12.01 -1.29
N GLY A 315 30.57 -13.31 -1.10
CA GLY A 315 31.62 -14.28 -1.35
C GLY A 315 31.04 -15.64 -1.69
N MET A 316 31.89 -16.66 -1.74
CA MET A 316 31.47 -18.00 -2.13
C MET A 316 31.17 -18.90 -0.93
N ARG A 317 30.61 -20.08 -1.21
CA ARG A 317 30.37 -21.09 -0.18
C ARG A 317 31.68 -21.39 0.54
N ASN A 318 31.70 -21.26 1.87
CA ASN A 318 32.93 -21.47 2.63
C ASN A 318 33.02 -22.92 3.09
N VAL A 319 33.99 -23.65 2.53
CA VAL A 319 34.27 -25.02 2.97
C VAL A 319 35.70 -25.10 3.50
N PRO A 320 35.85 -25.38 4.81
CA PRO A 320 37.11 -25.38 5.57
C PRO A 320 37.94 -26.67 5.51
N GLU A 321 39.12 -26.59 6.12
CA GLU A 321 40.03 -27.74 6.21
C GLU A 321 39.49 -28.83 7.11
N GLY B 4 27.33 -27.41 -8.13
CA GLY B 4 27.85 -28.75 -8.34
C GLY B 4 29.30 -28.94 -7.92
N ALA B 5 30.13 -27.95 -8.25
CA ALA B 5 31.58 -28.03 -8.01
C ALA B 5 32.02 -27.88 -6.54
N ILE B 6 31.48 -26.90 -5.80
CA ILE B 6 31.94 -26.66 -4.44
C ILE B 6 31.27 -27.54 -3.37
N ALA B 7 29.97 -27.78 -3.52
CA ALA B 7 29.26 -28.57 -2.52
C ALA B 7 29.27 -30.04 -2.95
N GLY B 8 29.90 -30.31 -4.09
CA GLY B 8 29.87 -31.64 -4.68
C GLY B 8 31.16 -32.44 -4.63
N PHE B 9 31.98 -32.31 -5.66
CA PHE B 9 33.16 -33.17 -5.79
C PHE B 9 34.51 -32.54 -5.37
N LEU B 10 34.65 -31.23 -5.49
CA LEU B 10 35.75 -30.54 -4.82
C LEU B 10 35.57 -30.51 -3.30
N GLU B 11 36.33 -31.33 -2.60
CA GLU B 11 36.00 -31.66 -1.21
C GLU B 11 36.29 -30.51 -0.24
N ASN B 12 37.33 -29.73 -0.50
CA ASN B 12 37.71 -28.63 0.39
C ASN B 12 38.19 -27.37 -0.32
N GLY B 13 38.25 -26.29 0.45
CA GLY B 13 38.76 -25.02 -0.02
C GLY B 13 40.05 -24.78 0.74
N TRP B 14 41.03 -24.17 0.09
CA TRP B 14 42.32 -23.98 0.76
C TRP B 14 42.41 -22.63 1.48
N GLU B 15 42.51 -22.70 2.80
CA GLU B 15 42.60 -21.51 3.64
C GLU B 15 43.88 -20.75 3.32
N GLY B 16 44.92 -21.50 2.95
CA GLY B 16 46.25 -20.97 2.76
C GLY B 16 46.32 -19.93 1.65
N MET B 17 45.53 -20.13 0.60
CA MET B 17 45.51 -19.19 -0.51
C MET B 17 44.99 -17.85 -0.02
N VAL B 18 45.66 -16.76 -0.41
CA VAL B 18 45.21 -15.43 0.00
C VAL B 18 45.00 -14.44 -1.14
N ASP B 19 45.77 -14.55 -2.21
CA ASP B 19 45.64 -13.60 -3.32
C ASP B 19 44.30 -13.67 -4.03
N GLY B 20 43.76 -14.88 -4.19
CA GLY B 20 42.62 -15.06 -5.07
C GLY B 20 41.53 -15.97 -4.53
N TRP B 21 40.40 -15.93 -5.21
CA TRP B 21 39.28 -16.85 -4.98
C TRP B 21 39.52 -18.26 -5.54
N TYR B 22 40.09 -18.34 -6.74
CA TYR B 22 40.30 -19.62 -7.42
C TYR B 22 41.78 -19.96 -7.52
N GLY B 23 42.10 -21.24 -7.30
CA GLY B 23 43.49 -21.63 -7.23
C GLY B 23 44.01 -22.79 -8.05
N PHE B 24 45.32 -22.72 -8.28
CA PHE B 24 46.08 -23.74 -8.98
C PHE B 24 47.10 -24.26 -7.97
N ARG B 25 47.12 -25.57 -7.73
CA ARG B 25 48.28 -26.14 -7.05
C ARG B 25 48.67 -27.46 -7.68
N HIS B 26 49.97 -27.63 -7.86
CA HIS B 26 50.49 -28.74 -8.65
C HIS B 26 51.56 -29.53 -7.93
N GLN B 27 51.73 -30.79 -8.34
CA GLN B 27 52.79 -31.65 -7.84
C GLN B 27 53.88 -31.88 -8.88
N ASN B 28 55.03 -31.24 -8.68
CA ASN B 28 56.16 -31.35 -9.59
C ASN B 28 57.43 -31.85 -8.92
N ALA B 29 58.31 -32.44 -9.72
CA ALA B 29 59.57 -32.98 -9.21
C ALA B 29 60.49 -31.88 -8.70
N GLN B 30 60.59 -30.79 -9.45
CA GLN B 30 61.41 -29.65 -9.04
C GLN B 30 60.86 -28.93 -7.80
N GLY B 31 59.55 -28.69 -7.79
CA GLY B 31 58.91 -27.97 -6.70
C GLY B 31 57.40 -28.16 -6.68
N THR B 32 56.76 -27.79 -5.57
CA THR B 32 55.30 -27.73 -5.54
C THR B 32 54.84 -26.30 -5.29
N GLY B 33 53.89 -25.83 -6.10
CA GLY B 33 53.48 -24.44 -6.02
C GLY B 33 52.00 -24.13 -5.98
N GLN B 34 51.68 -22.96 -5.44
CA GLN B 34 50.31 -22.45 -5.36
C GLN B 34 50.14 -21.23 -6.26
N ALA B 35 49.13 -21.24 -7.11
CA ALA B 35 48.91 -20.13 -8.03
C ALA B 35 47.48 -19.63 -8.05
N ALA B 36 47.33 -18.31 -8.19
CA ALA B 36 46.01 -17.70 -8.25
C ALA B 36 45.75 -17.22 -9.67
N ASP B 37 44.54 -17.49 -10.18
CA ASP B 37 44.19 -17.09 -11.54
C ASP B 37 43.51 -15.73 -11.49
N TYR B 38 44.18 -14.73 -12.04
CA TYR B 38 43.72 -13.35 -11.96
C TYR B 38 42.40 -13.20 -12.70
N LYS B 39 42.29 -13.85 -13.85
CA LYS B 39 41.13 -13.71 -14.72
C LYS B 39 39.84 -14.26 -14.11
N SER B 40 39.94 -15.46 -13.55
CA SER B 40 38.78 -16.18 -13.04
C SER B 40 38.19 -15.58 -11.75
N THR B 41 39.06 -15.18 -10.84
CA THR B 41 38.62 -14.48 -9.64
C THR B 41 38.05 -13.09 -9.95
N GLN B 42 38.65 -12.42 -10.93
CA GLN B 42 38.19 -11.09 -11.31
C GLN B 42 36.75 -11.13 -11.82
N ALA B 43 36.41 -12.22 -12.50
CA ALA B 43 35.04 -12.41 -12.97
C ALA B 43 34.04 -12.46 -11.81
N ALA B 44 34.37 -13.20 -10.77
CA ALA B 44 33.50 -13.28 -9.60
C ALA B 44 33.39 -11.93 -8.89
N ILE B 45 34.52 -11.26 -8.72
CA ILE B 45 34.54 -9.97 -8.03
C ILE B 45 33.73 -8.90 -8.77
N ASP B 46 33.80 -8.93 -10.10
CA ASP B 46 33.02 -8.00 -10.92
C ASP B 46 31.50 -8.20 -10.79
N GLN B 47 31.05 -9.45 -10.74
CA GLN B 47 29.61 -9.71 -10.57
C GLN B 47 29.11 -9.55 -9.14
N ILE B 48 29.99 -9.61 -8.15
CA ILE B 48 29.61 -9.27 -6.78
C ILE B 48 29.48 -7.77 -6.57
N THR B 49 30.43 -7.00 -7.09
CA THR B 49 30.35 -5.55 -6.96
C THR B 49 29.21 -4.99 -7.81
N GLY B 50 28.73 -5.78 -8.76
CA GLY B 50 27.58 -5.39 -9.56
C GLY B 50 26.30 -5.46 -8.75
N LYS B 51 26.21 -6.45 -7.87
CA LYS B 51 25.04 -6.62 -7.03
C LYS B 51 25.00 -5.58 -5.93
N LEU B 52 26.18 -5.27 -5.41
CA LEU B 52 26.34 -4.24 -4.40
C LEU B 52 25.93 -2.88 -4.96
N ASN B 53 26.23 -2.65 -6.22
CA ASN B 53 25.86 -1.40 -6.86
C ASN B 53 24.35 -1.33 -7.05
N ARG B 54 23.76 -2.34 -7.67
CA ARG B 54 22.31 -2.37 -7.86
C ARG B 54 21.56 -2.26 -6.52
N LEU B 55 22.15 -2.80 -5.47
CA LEU B 55 21.59 -2.70 -4.12
C LEU B 55 21.56 -1.28 -3.57
N VAL B 56 22.58 -0.48 -3.87
CA VAL B 56 22.70 0.84 -3.25
C VAL B 56 22.34 1.95 -4.22
N GLU B 57 22.18 1.59 -5.50
CA GLU B 57 21.60 2.46 -6.51
C GLU B 57 20.10 2.63 -6.31
N LYS B 58 19.71 3.19 -5.16
CA LYS B 58 18.31 3.47 -4.89
C LYS B 58 18.08 4.95 -4.60
N THR B 59 17.16 5.56 -5.35
CA THR B 59 16.76 6.94 -5.11
C THR B 59 15.28 7.01 -4.71
N ASN B 60 15.00 7.79 -3.67
CA ASN B 60 13.67 7.79 -3.06
C ASN B 60 12.95 9.11 -3.26
N THR B 61 11.66 9.03 -3.58
CA THR B 61 10.79 10.20 -3.62
C THR B 61 10.75 10.81 -2.22
N GLU B 62 10.79 12.13 -2.13
CA GLU B 62 10.73 12.77 -0.83
C GLU B 62 9.35 12.50 -0.21
N PHE B 63 9.30 12.35 1.10
CA PHE B 63 8.03 12.07 1.78
C PHE B 63 7.73 13.12 2.84
N GLU B 64 6.47 13.16 3.25
CA GLU B 64 6.02 14.10 4.25
C GLU B 64 5.28 13.34 5.35
N SER B 65 5.13 13.97 6.51
CA SER B 65 4.41 13.37 7.63
C SER B 65 2.91 13.23 7.36
N ILE B 66 2.34 12.09 7.75
CA ILE B 66 0.89 11.98 7.87
C ILE B 66 0.50 11.62 9.30
N GLU B 67 1.47 11.65 10.20
CA GLU B 67 1.25 11.27 11.58
C GLU B 67 1.82 12.34 12.51
N SER B 68 0.94 13.08 13.19
CA SER B 68 1.38 13.98 14.25
C SER B 68 2.09 13.25 15.38
N GLU B 69 3.34 13.63 15.64
CA GLU B 69 4.09 13.04 16.76
C GLU B 69 3.74 13.67 18.11
N PHE B 70 3.39 14.96 18.11
CA PHE B 70 3.19 15.71 19.36
C PHE B 70 1.75 16.15 19.62
N SER B 71 0.82 15.73 18.77
CA SER B 71 -0.57 16.11 18.97
C SER B 71 -1.50 14.94 18.70
N GLU B 72 -2.73 15.06 19.19
CA GLU B 72 -3.74 14.03 18.97
C GLU B 72 -4.12 13.94 17.49
N ILE B 73 -4.56 12.75 17.10
CA ILE B 73 -5.04 12.48 15.76
C ILE B 73 -6.40 11.83 15.93
N GLU B 74 -7.35 12.17 15.06
CA GLU B 74 -8.70 11.65 15.21
C GLU B 74 -8.66 10.12 15.07
N HIS B 75 -9.51 9.45 15.86
CA HIS B 75 -9.43 8.00 16.01
C HIS B 75 -9.61 7.15 14.75
N GLN B 76 -10.62 7.47 13.95
CA GLN B 76 -10.88 6.72 12.73
C GLN B 76 -9.77 6.89 11.69
N ILE B 77 -9.34 8.12 11.46
CA ILE B 77 -8.29 8.36 10.50
C ILE B 77 -6.98 7.72 10.99
N GLY B 78 -6.78 7.71 12.30
CA GLY B 78 -5.58 7.11 12.88
C GLY B 78 -5.53 5.63 12.55
N ASN B 79 -6.66 4.94 12.75
CA ASN B 79 -6.75 3.51 12.43
C ASN B 79 -6.49 3.22 10.96
N VAL B 80 -7.02 4.05 10.08
CA VAL B 80 -6.79 3.90 8.64
C VAL B 80 -5.33 4.09 8.24
N ILE B 81 -4.66 5.08 8.83
CA ILE B 81 -3.22 5.27 8.63
C ILE B 81 -2.39 4.15 9.25
N ASN B 82 -2.80 3.68 10.43
CA ASN B 82 -2.06 2.62 11.09
C ASN B 82 -2.07 1.36 10.24
N TRP B 83 -3.26 1.01 9.77
CA TRP B 83 -3.45 -0.16 8.91
C TRP B 83 -2.70 -0.07 7.59
N THR B 84 -2.73 1.11 6.96
CA THR B 84 -1.91 1.35 5.77
C THR B 84 -0.40 1.35 6.00
N LYS B 85 0.07 2.09 7.00
CA LYS B 85 1.50 2.20 7.25
C LYS B 85 2.12 0.86 7.61
N ASP B 86 1.37 0.07 8.37
CA ASP B 86 1.78 -1.27 8.74
C ASP B 86 1.70 -2.29 7.59
N SER B 87 0.69 -2.17 6.73
CA SER B 87 0.62 -3.02 5.55
C SER B 87 1.70 -2.70 4.52
N ILE B 88 2.08 -1.43 4.41
CA ILE B 88 3.20 -1.05 3.55
C ILE B 88 4.47 -1.66 4.10
N THR B 89 4.67 -1.49 5.40
CA THR B 89 5.83 -2.07 6.09
C THR B 89 5.92 -3.59 5.94
N ASP B 90 4.80 -4.28 6.01
CA ASP B 90 4.79 -5.74 5.86
C ASP B 90 5.22 -6.17 4.47
N ILE B 91 4.83 -5.39 3.48
CA ILE B 91 5.22 -5.68 2.10
C ILE B 91 6.72 -5.51 1.96
N TRP B 92 7.23 -4.38 2.45
CA TRP B 92 8.63 -4.06 2.33
C TRP B 92 9.56 -4.97 3.13
N THR B 93 9.04 -5.60 4.20
CA THR B 93 9.83 -6.59 4.93
C THR B 93 9.87 -7.92 4.16
N TYR B 94 8.72 -8.35 3.62
CA TYR B 94 8.68 -9.53 2.77
C TYR B 94 9.46 -9.35 1.48
N GLN B 95 9.56 -8.11 1.00
CA GLN B 95 10.24 -7.83 -0.24
C GLN B 95 11.75 -7.83 0.00
N ALA B 96 12.13 -7.54 1.23
CA ALA B 96 13.54 -7.52 1.60
C ALA B 96 14.05 -8.95 1.78
N GLU B 97 13.37 -9.73 2.60
CA GLU B 97 13.67 -11.15 2.73
C GLU B 97 13.71 -11.90 1.40
N LEU B 98 12.86 -11.52 0.46
CA LEU B 98 12.92 -12.13 -0.87
C LEU B 98 14.23 -11.76 -1.54
N LEU B 99 14.45 -10.45 -1.69
CA LEU B 99 15.65 -9.92 -2.35
C LEU B 99 16.91 -10.66 -1.94
N VAL B 100 17.14 -10.71 -0.63
CA VAL B 100 18.35 -11.30 -0.05
C VAL B 100 18.42 -12.83 -0.19
N ALA B 101 17.36 -13.52 0.19
CA ALA B 101 17.31 -14.98 0.05
C ALA B 101 17.39 -15.42 -1.41
N MET B 102 16.94 -14.58 -2.33
CA MET B 102 17.04 -14.92 -3.75
C MET B 102 18.43 -14.63 -4.30
N GLU B 103 18.97 -13.46 -3.99
CA GLU B 103 20.28 -13.06 -4.51
C GLU B 103 21.46 -13.73 -3.80
N ASN B 104 21.21 -14.34 -2.64
CA ASN B 104 22.21 -15.20 -2.03
C ASN B 104 22.30 -16.55 -2.73
N GLN B 105 21.13 -17.12 -3.01
CA GLN B 105 21.00 -18.31 -3.83
C GLN B 105 21.85 -18.18 -5.09
N HIS B 106 21.78 -16.99 -5.68
CA HIS B 106 22.40 -16.71 -6.96
C HIS B 106 23.89 -16.36 -6.82
N THR B 107 24.25 -15.62 -5.78
CA THR B 107 25.66 -15.27 -5.55
C THR B 107 26.53 -16.50 -5.32
N ILE B 108 26.01 -17.41 -4.52
CA ILE B 108 26.68 -18.67 -4.22
C ILE B 108 26.89 -19.52 -5.48
N ASP B 109 25.81 -19.74 -6.22
CA ASP B 109 25.88 -20.52 -7.46
C ASP B 109 26.67 -19.88 -8.60
N MET B 110 26.70 -18.55 -8.67
CA MET B 110 27.56 -17.89 -9.64
C MET B 110 29.02 -18.24 -9.33
N ALA B 111 29.34 -18.20 -8.04
CA ALA B 111 30.67 -18.50 -7.54
C ALA B 111 31.03 -19.96 -7.81
N ASP B 112 30.04 -20.82 -7.65
CA ASP B 112 30.19 -22.24 -7.91
C ASP B 112 30.51 -22.50 -9.39
N SER B 113 29.76 -21.88 -10.29
CA SER B 113 29.97 -22.10 -11.72
C SER B 113 31.30 -21.57 -12.24
N GLU B 114 31.74 -20.41 -11.76
CA GLU B 114 32.98 -19.80 -12.27
C GLU B 114 34.18 -20.72 -12.06
N MET B 115 34.16 -21.45 -10.95
CA MET B 115 35.14 -22.49 -10.67
C MET B 115 35.05 -23.66 -11.65
N LEU B 116 33.84 -24.15 -11.86
CA LEU B 116 33.61 -25.29 -12.73
C LEU B 116 33.99 -24.94 -14.18
N ASN B 117 33.81 -23.67 -14.54
CA ASN B 117 34.30 -23.13 -15.81
C ASN B 117 35.82 -23.06 -15.92
N LEU B 118 36.50 -22.68 -14.84
CA LEU B 118 37.96 -22.69 -14.85
C LEU B 118 38.41 -24.14 -15.00
N TYR B 119 37.75 -25.03 -14.26
CA TYR B 119 38.12 -26.44 -14.24
C TYR B 119 37.97 -27.07 -15.61
N GLU B 120 36.86 -26.79 -16.27
CA GLU B 120 36.66 -27.23 -17.65
C GLU B 120 37.71 -26.59 -18.55
N ARG B 121 38.05 -25.33 -18.28
CA ARG B 121 38.99 -24.60 -19.15
C ARG B 121 40.33 -25.31 -19.20
N VAL B 122 40.81 -25.74 -18.03
CA VAL B 122 42.05 -26.48 -17.90
C VAL B 122 41.93 -27.83 -18.60
N ARG B 123 40.84 -28.54 -18.28
CA ARG B 123 40.63 -29.91 -18.73
C ARG B 123 40.60 -30.06 -20.25
N LYS B 124 39.76 -29.29 -20.93
CA LYS B 124 39.70 -29.42 -22.39
C LYS B 124 40.95 -28.81 -23.04
N GLN B 125 41.66 -27.97 -22.29
CA GLN B 125 42.93 -27.42 -22.75
C GLN B 125 44.00 -28.50 -22.84
N LEU B 126 43.96 -29.42 -21.87
CA LEU B 126 44.90 -30.54 -21.82
C LEU B 126 44.66 -31.56 -22.93
N ARG B 127 43.41 -31.69 -23.35
CA ARG B 127 43.00 -32.71 -24.32
C ARG B 127 43.42 -34.10 -23.80
N GLN B 128 44.42 -34.70 -24.44
CA GLN B 128 44.76 -36.10 -24.19
C GLN B 128 45.93 -36.32 -23.24
N ASN B 129 46.61 -35.25 -22.84
CA ASN B 129 47.85 -35.39 -22.07
C ASN B 129 47.61 -35.72 -20.60
N ALA B 130 46.35 -35.89 -20.22
CA ALA B 130 45.99 -36.01 -18.81
C ALA B 130 44.60 -36.60 -18.64
N GLU B 131 44.19 -36.83 -17.40
CA GLU B 131 42.97 -37.59 -17.14
C GLU B 131 42.16 -37.04 -15.98
N GLU B 132 40.91 -37.50 -15.87
CA GLU B 132 39.97 -37.06 -14.84
C GLU B 132 39.91 -37.65 -13.44
N ASP B 133 40.66 -37.08 -12.51
CA ASP B 133 40.50 -37.38 -11.10
C ASP B 133 39.45 -36.54 -10.37
N GLY B 134 38.53 -37.19 -9.66
CA GLY B 134 37.44 -36.47 -9.01
C GLY B 134 37.83 -35.86 -7.68
N LYS B 135 39.02 -35.28 -7.67
CA LYS B 135 39.54 -34.52 -6.55
C LYS B 135 39.71 -33.11 -7.07
N GLY B 136 39.18 -32.87 -8.27
CA GLY B 136 39.42 -31.64 -9.00
C GLY B 136 40.90 -31.61 -9.34
N CYS B 137 41.42 -32.78 -9.70
CA CYS B 137 42.84 -32.96 -10.01
C CYS B 137 43.07 -33.66 -11.34
N PHE B 138 44.18 -33.33 -11.99
CA PHE B 138 44.52 -33.93 -13.26
C PHE B 138 45.84 -34.69 -13.15
N GLU B 139 45.85 -36.00 -13.36
CA GLU B 139 47.16 -36.63 -13.50
C GLU B 139 47.65 -36.30 -14.91
N ILE B 140 48.81 -35.66 -14.97
CA ILE B 140 49.53 -35.45 -16.21
C ILE B 140 50.48 -36.61 -16.45
N TYR B 141 50.45 -37.18 -17.66
CA TYR B 141 51.26 -38.35 -17.95
C TYR B 141 52.52 -38.00 -18.74
N HIS B 142 53.25 -37.02 -18.23
CA HIS B 142 54.58 -36.68 -18.69
C HIS B 142 55.26 -35.79 -17.66
N ALA B 143 56.57 -35.61 -17.78
CA ALA B 143 57.28 -34.70 -16.89
C ALA B 143 56.96 -33.25 -17.25
N CYS B 144 56.21 -32.58 -16.40
CA CYS B 144 55.88 -31.17 -16.60
C CYS B 144 56.58 -30.33 -15.53
N ASP B 145 57.51 -29.48 -15.97
CA ASP B 145 58.33 -28.72 -15.03
C ASP B 145 57.76 -27.34 -14.65
N ASP B 146 58.60 -26.51 -14.05
CA ASP B 146 58.16 -25.25 -13.46
C ASP B 146 57.80 -24.19 -14.48
N SER B 147 58.39 -24.26 -15.67
CA SER B 147 58.02 -23.38 -16.76
C SER B 147 56.70 -23.87 -17.36
N CYS B 148 56.56 -25.19 -17.38
CA CYS B 148 55.38 -25.86 -17.93
C CYS B 148 54.15 -25.61 -17.06
N MET B 149 54.34 -25.61 -15.75
CA MET B 149 53.22 -25.47 -14.82
C MET B 149 52.35 -24.24 -15.05
N GLU B 150 52.93 -23.06 -15.24
CA GLU B 150 52.08 -21.91 -15.54
C GLU B 150 52.18 -21.51 -17.01
N SER B 151 52.84 -22.35 -17.81
CA SER B 151 52.45 -22.52 -19.21
C SER B 151 50.97 -22.89 -19.26
N ILE B 152 50.54 -23.69 -18.28
CA ILE B 152 49.14 -24.08 -18.15
C ILE B 152 48.25 -22.98 -17.59
N ARG B 153 48.75 -22.22 -16.61
CA ARG B 153 47.95 -21.15 -16.01
C ARG B 153 47.89 -19.85 -16.82
N ASN B 154 48.90 -19.59 -17.65
CA ASN B 154 48.80 -18.54 -18.66
C ASN B 154 47.79 -18.94 -19.73
N ASN B 155 47.57 -20.26 -19.81
CA ASN B 155 46.64 -20.93 -20.73
C ASN B 155 47.37 -21.14 -22.06
N THR B 156 48.63 -20.72 -22.09
CA THR B 156 49.54 -20.90 -23.21
C THR B 156 49.76 -22.37 -23.65
N TYR B 157 49.63 -23.29 -22.69
CA TYR B 157 50.04 -24.69 -22.87
C TYR B 157 49.49 -25.39 -24.12
N ASP B 158 50.40 -25.99 -24.87
CA ASP B 158 50.11 -26.63 -26.15
C ASP B 158 50.36 -28.14 -26.07
N HIS B 159 49.30 -28.93 -26.23
CA HIS B 159 49.41 -30.39 -26.13
C HIS B 159 50.22 -31.02 -27.26
N SER B 160 50.20 -30.40 -28.43
CA SER B 160 50.72 -31.01 -29.65
C SER B 160 52.23 -31.26 -29.64
N GLN B 161 52.97 -30.54 -28.79
CA GLN B 161 54.42 -30.70 -28.79
C GLN B 161 54.91 -31.72 -27.75
N TYR B 162 54.13 -31.92 -26.68
CA TYR B 162 54.38 -33.07 -25.81
C TYR B 162 53.80 -34.36 -26.39
N ARG B 163 52.60 -34.27 -26.96
CA ARG B 163 52.10 -35.20 -27.97
C ARG B 163 52.29 -36.68 -27.56
N GLU B 164 53.06 -37.42 -28.34
CA GLU B 164 53.26 -38.86 -28.13
C GLU B 164 53.88 -39.22 -26.79
N GLU B 165 54.75 -38.37 -26.25
CA GLU B 165 55.35 -38.65 -24.95
C GLU B 165 54.23 -38.84 -23.93
N ALA B 166 53.24 -37.96 -24.00
CA ALA B 166 52.09 -37.99 -23.10
C ALA B 166 51.24 -39.24 -23.31
N LEU B 167 50.99 -39.60 -24.57
CA LEU B 167 50.24 -40.81 -24.88
C LEU B 167 50.96 -42.06 -24.39
N LEU B 168 52.29 -42.06 -24.52
CA LEU B 168 53.14 -43.10 -23.94
C LEU B 168 53.19 -42.95 -22.42
N ASN B 169 53.12 -44.09 -21.72
CA ASN B 169 53.19 -44.21 -20.26
C ASN B 169 51.80 -43.93 -19.68
N ARG B 170 50.92 -43.43 -20.54
CA ARG B 170 49.50 -43.50 -20.32
C ARG B 170 49.12 -44.90 -20.81
N LEU B 171 49.67 -45.22 -21.98
CA LEU B 171 49.45 -46.49 -22.66
C LEU B 171 50.25 -47.67 -22.08
N ASN B 172 51.46 -47.42 -21.59
CA ASN B 172 52.25 -48.47 -20.95
C ASN B 172 52.53 -48.18 -19.49
N ASP C 4 27.50 -55.58 -21.43
CA ASP C 4 27.61 -55.07 -20.07
C ASP C 4 27.41 -53.56 -19.99
N LYS C 5 26.36 -53.16 -19.30
CA LYS C 5 25.87 -51.78 -19.33
C LYS C 5 25.31 -51.36 -17.96
N ILE C 6 25.46 -50.08 -17.65
CA ILE C 6 24.87 -49.52 -16.44
C ILE C 6 24.12 -48.23 -16.80
N CYS C 7 22.91 -48.05 -16.26
CA CYS C 7 22.07 -46.94 -16.70
C CYS C 7 21.45 -46.12 -15.57
N LEU C 8 21.40 -44.81 -15.79
CA LEU C 8 21.01 -43.83 -14.79
C LEU C 8 19.58 -43.34 -15.03
N GLY C 9 18.90 -42.89 -13.99
CA GLY C 9 17.55 -42.38 -14.16
C GLY C 9 16.78 -41.93 -12.94
N HIS C 10 15.67 -41.24 -13.20
CA HIS C 10 14.84 -40.59 -12.18
C HIS C 10 13.44 -41.17 -12.15
N HIS C 11 12.72 -40.96 -11.04
CA HIS C 11 11.35 -41.47 -10.95
C HIS C 11 10.39 -40.70 -11.86
N ALA C 12 9.14 -41.13 -11.86
CA ALA C 12 8.07 -40.50 -12.62
C ALA C 12 6.72 -40.99 -12.11
N VAL C 13 5.65 -40.25 -12.37
CA VAL C 13 4.33 -40.65 -11.87
C VAL C 13 3.27 -40.61 -12.95
N ALA C 14 2.26 -41.47 -12.79
CA ALA C 14 1.29 -41.77 -13.85
C ALA C 14 0.38 -40.60 -14.18
N ASN C 15 -0.26 -40.04 -13.17
CA ASN C 15 -1.05 -38.83 -13.34
C ASN C 15 -0.33 -37.72 -12.57
N GLY C 16 0.52 -37.00 -13.28
CA GLY C 16 1.21 -35.86 -12.69
C GLY C 16 0.33 -34.64 -12.59
N THR C 17 0.63 -33.79 -11.61
CA THR C 17 -0.18 -32.61 -11.37
C THR C 17 0.52 -31.45 -12.07
N ILE C 18 -0.20 -30.37 -12.27
CA ILE C 18 0.34 -29.31 -13.11
C ILE C 18 0.71 -28.08 -12.28
N VAL C 19 1.68 -27.29 -12.75
CA VAL C 19 2.09 -26.05 -12.09
C VAL C 19 2.51 -24.96 -13.08
N LYS C 20 2.77 -23.77 -12.57
CA LYS C 20 3.19 -22.66 -13.43
C LYS C 20 4.64 -22.31 -13.15
N THR C 21 5.31 -21.75 -14.15
CA THR C 21 6.64 -21.19 -13.97
C THR C 21 6.73 -19.81 -14.61
N LEU C 22 7.95 -19.30 -14.73
CA LEU C 22 8.18 -18.02 -15.40
C LEU C 22 8.27 -18.20 -16.91
N THR C 23 8.44 -19.46 -17.33
CA THR C 23 8.58 -19.80 -18.74
C THR C 23 7.44 -20.68 -19.26
N ASN C 24 6.67 -21.28 -18.37
CA ASN C 24 5.64 -22.21 -18.84
C ASN C 24 4.31 -22.06 -18.10
N GLU C 25 3.28 -21.73 -18.89
CA GLU C 25 1.91 -21.61 -18.43
C GLU C 25 1.34 -22.89 -17.83
N GLN C 26 1.74 -24.03 -18.38
CA GLN C 26 1.30 -25.31 -17.85
C GLN C 26 2.38 -26.41 -17.94
N GLU C 27 3.10 -26.56 -16.83
CA GLU C 27 4.12 -27.59 -16.65
C GLU C 27 3.62 -28.69 -15.71
N GLU C 28 3.72 -29.97 -16.08
CA GLU C 28 3.34 -30.98 -15.09
C GLU C 28 4.56 -31.58 -14.41
N VAL C 29 4.34 -32.07 -13.20
CA VAL C 29 5.38 -32.26 -12.20
C VAL C 29 4.96 -33.47 -11.35
N THR C 30 5.93 -34.15 -10.73
CA THR C 30 5.64 -35.38 -10.00
C THR C 30 4.67 -35.12 -8.85
N ASN C 31 4.87 -34.00 -8.17
CA ASN C 31 3.98 -33.55 -7.10
C ASN C 31 4.03 -32.05 -6.91
N ALA C 32 2.89 -31.49 -6.51
CA ALA C 32 2.82 -30.10 -6.08
C ALA C 32 1.85 -29.97 -4.92
N THR C 33 2.08 -28.98 -4.06
CA THR C 33 1.14 -28.70 -2.99
C THR C 33 0.48 -27.34 -3.11
N GLU C 34 -0.45 -27.07 -2.19
CA GLU C 34 -1.18 -25.81 -2.15
C GLU C 34 -0.40 -24.70 -1.45
N THR C 35 -0.49 -23.49 -1.99
CA THR C 35 0.14 -22.32 -1.38
C THR C 35 -0.89 -21.32 -0.87
N VAL C 36 -2.12 -21.43 -1.38
CA VAL C 36 -3.19 -20.51 -1.01
C VAL C 36 -4.31 -21.28 -0.32
N GLU C 37 -4.76 -20.79 0.84
CA GLU C 37 -5.84 -21.43 1.58
C GLU C 37 -7.20 -21.14 0.95
N SER C 38 -8.18 -21.98 1.28
CA SER C 38 -9.53 -21.79 0.75
C SER C 38 -10.62 -22.32 1.67
N THR C 39 -10.28 -23.36 2.43
CA THR C 39 -11.24 -24.01 3.31
C THR C 39 -11.30 -23.32 4.66
N GLY C 40 -12.02 -22.21 4.71
CA GLY C 40 -12.22 -21.48 5.94
C GLY C 40 -13.15 -22.25 6.86
N ILE C 41 -12.99 -22.05 8.16
CA ILE C 41 -13.88 -22.68 9.12
C ILE C 41 -14.96 -21.67 9.49
N ASN C 42 -16.21 -22.07 9.32
CA ASN C 42 -17.36 -21.19 9.48
C ASN C 42 -17.62 -20.67 10.91
N ARG C 43 -17.38 -21.50 11.92
CA ARG C 43 -17.53 -21.04 13.30
C ARG C 43 -16.39 -20.12 13.75
N LEU C 44 -16.62 -19.40 14.86
CA LEU C 44 -15.56 -18.62 15.49
C LEU C 44 -14.75 -19.47 16.48
N CYS C 45 -13.44 -19.55 16.26
CA CYS C 45 -12.58 -20.41 17.06
C CYS C 45 -11.91 -19.67 18.22
N MET C 46 -12.63 -19.55 19.33
CA MET C 46 -12.25 -18.62 20.40
C MET C 46 -11.46 -19.26 21.55
N LYS C 47 -10.87 -20.43 21.33
CA LYS C 47 -10.07 -21.09 22.37
C LYS C 47 -8.92 -20.24 22.91
N GLY C 48 -8.76 -20.25 24.23
CA GLY C 48 -7.67 -19.54 24.86
C GLY C 48 -8.01 -18.10 25.15
N ARG C 49 -8.91 -17.55 24.34
CA ARG C 49 -9.41 -16.20 24.53
C ARG C 49 -10.57 -16.10 25.54
N LYS C 50 -10.39 -15.22 26.51
CA LYS C 50 -11.46 -14.75 27.38
C LYS C 50 -12.32 -13.76 26.62
N HIS C 51 -13.52 -14.14 26.20
CA HIS C 51 -14.21 -13.32 25.21
C HIS C 51 -15.62 -12.88 25.58
N LYS C 52 -16.23 -12.12 24.67
CA LYS C 52 -17.56 -11.58 24.89
C LYS C 52 -18.40 -11.59 23.61
N ASP C 53 -19.49 -12.34 23.62
CA ASP C 53 -20.44 -12.27 22.52
C ASP C 53 -21.64 -11.43 22.95
N LEU C 54 -21.76 -10.24 22.39
CA LEU C 54 -22.71 -9.25 22.88
C LEU C 54 -24.13 -9.66 22.51
N GLY C 55 -24.24 -10.57 21.54
CA GLY C 55 -25.53 -10.94 20.98
C GLY C 55 -26.13 -9.73 20.31
N ASN C 56 -27.38 -9.43 20.64
CA ASN C 56 -28.12 -8.39 19.93
C ASN C 56 -27.86 -7.03 20.56
N CYS C 57 -26.84 -6.99 21.40
CA CYS C 57 -26.31 -5.75 21.97
C CYS C 57 -25.18 -5.15 21.12
N HIS C 58 -25.33 -3.86 20.79
CA HIS C 58 -24.30 -3.08 20.14
C HIS C 58 -23.21 -2.69 21.14
N PRO C 59 -22.01 -2.31 20.66
CA PRO C 59 -21.04 -1.79 21.63
C PRO C 59 -21.45 -0.44 22.25
N ILE C 60 -21.90 0.53 21.47
CA ILE C 60 -22.22 1.86 22.01
C ILE C 60 -23.25 1.71 23.12
N GLY C 61 -24.08 0.67 22.97
CA GLY C 61 -25.11 0.32 23.94
C GLY C 61 -24.55 0.03 25.32
N MET C 62 -23.32 -0.51 25.36
CA MET C 62 -22.62 -0.78 26.62
C MET C 62 -22.32 0.48 27.41
N LEU C 63 -21.84 1.52 26.71
CA LEU C 63 -21.49 2.77 27.36
C LEU C 63 -22.73 3.49 27.90
N ILE C 64 -23.83 3.46 27.15
CA ILE C 64 -25.05 4.11 27.60
C ILE C 64 -26.10 3.17 28.22
N GLY C 65 -25.80 1.88 28.30
CA GLY C 65 -26.71 0.93 28.92
C GLY C 65 -28.12 0.68 28.39
N THR C 66 -28.26 0.39 27.10
CA THR C 66 -29.54 -0.07 26.56
C THR C 66 -29.96 -1.37 27.24
N PRO C 67 -31.28 -1.63 27.31
CA PRO C 67 -31.72 -2.83 28.04
C PRO C 67 -31.19 -4.13 27.44
N ALA C 68 -31.14 -4.23 26.12
CA ALA C 68 -30.62 -5.42 25.45
C ALA C 68 -29.20 -5.69 25.94
N CYS C 69 -28.54 -4.60 26.33
CA CYS C 69 -27.14 -4.56 26.69
C CYS C 69 -26.87 -4.77 28.18
N ASP C 70 -27.91 -5.11 28.95
CA ASP C 70 -27.84 -5.00 30.41
C ASP C 70 -26.76 -5.88 31.04
N LEU C 71 -26.61 -7.09 30.52
CA LEU C 71 -25.59 -8.00 31.02
C LEU C 71 -24.17 -7.54 30.74
N HIS C 72 -23.98 -6.85 29.62
CA HIS C 72 -22.65 -6.49 29.13
C HIS C 72 -22.17 -5.10 29.54
N LEU C 73 -22.78 -4.53 30.58
CA LEU C 73 -22.44 -3.16 30.99
C LEU C 73 -20.99 -2.95 31.45
N THR C 74 -20.37 -3.95 32.06
CA THR C 74 -18.96 -3.87 32.41
C THR C 74 -18.20 -5.16 32.06
N GLY C 75 -16.91 -5.20 32.40
CA GLY C 75 -16.11 -6.40 32.24
C GLY C 75 -14.91 -6.21 31.34
N MET C 76 -14.09 -7.24 31.22
CA MET C 76 -12.89 -7.18 30.38
C MET C 76 -12.78 -8.43 29.52
N TRP C 77 -12.17 -8.30 28.35
CA TRP C 77 -12.22 -9.38 27.38
C TRP C 77 -10.89 -9.53 26.66
N ASP C 78 -10.58 -10.76 26.25
CA ASP C 78 -9.45 -10.98 25.36
C ASP C 78 -9.87 -10.34 24.04
N THR C 79 -11.13 -10.60 23.67
CA THR C 79 -11.66 -10.22 22.36
C THR C 79 -13.17 -9.90 22.46
N LEU C 80 -13.67 -9.07 21.55
CA LEU C 80 -15.06 -8.60 21.59
C LEU C 80 -15.82 -9.05 20.33
N ILE C 81 -17.04 -9.54 20.50
CA ILE C 81 -17.83 -10.01 19.35
C ILE C 81 -19.15 -9.28 19.18
N GLU C 82 -19.42 -8.77 17.98
CA GLU C 82 -20.66 -8.04 17.72
C GLU C 82 -21.55 -8.72 16.68
N ARG C 83 -22.82 -8.97 17.04
CA ARG C 83 -23.77 -9.56 16.10
C ARG C 83 -24.28 -8.58 15.05
N GLU C 84 -24.79 -9.11 13.94
CA GLU C 84 -25.25 -8.32 12.81
C GLU C 84 -26.44 -7.39 13.11
N ASN C 85 -27.37 -7.82 13.95
CA ASN C 85 -28.60 -7.06 14.18
C ASN C 85 -28.66 -6.32 15.52
N ALA C 86 -27.49 -6.06 16.10
CA ALA C 86 -27.39 -5.53 17.45
C ALA C 86 -28.11 -4.20 17.67
N ILE C 87 -28.80 -4.09 18.80
CA ILE C 87 -29.55 -2.88 19.14
C ILE C 87 -28.65 -1.83 19.79
N ALA C 88 -28.52 -0.67 19.14
CA ALA C 88 -27.70 0.40 19.71
C ALA C 88 -28.59 1.42 20.40
N TYR C 89 -29.68 1.76 19.75
CA TYR C 89 -30.64 2.72 20.31
C TYR C 89 -32.01 2.08 20.32
N CYS C 90 -32.62 2.05 21.51
CA CYS C 90 -33.99 1.61 21.68
C CYS C 90 -34.97 2.77 21.46
N TYR C 91 -34.68 3.89 22.11
CA TYR C 91 -35.25 5.17 21.72
C TYR C 91 -34.46 5.74 20.55
N PRO C 92 -35.16 6.25 19.53
CA PRO C 92 -34.56 6.76 18.29
C PRO C 92 -33.65 7.96 18.48
N GLY C 93 -32.44 7.86 17.95
CA GLY C 93 -31.38 8.82 18.18
C GLY C 93 -30.16 8.48 17.35
N ALA C 94 -29.18 9.36 17.33
CA ALA C 94 -27.89 9.06 16.70
C ALA C 94 -26.76 9.48 17.62
N THR C 95 -25.55 9.02 17.32
CA THR C 95 -24.38 9.43 18.09
C THR C 95 -23.45 10.17 17.15
N VAL C 96 -22.67 11.11 17.68
CA VAL C 96 -21.79 11.91 16.84
C VAL C 96 -20.37 11.40 16.97
N ASN C 97 -19.73 11.18 15.82
CA ASN C 97 -18.42 10.54 15.77
C ASN C 97 -18.57 9.16 16.39
N VAL C 98 -19.68 8.51 16.07
CA VAL C 98 -19.99 7.17 16.58
C VAL C 98 -18.99 6.12 16.10
N GLU C 99 -18.54 6.22 14.86
CA GLU C 99 -17.59 5.23 14.34
C GLU C 99 -16.26 5.27 15.08
N ALA C 100 -15.75 6.47 15.32
CA ALA C 100 -14.53 6.63 16.10
C ALA C 100 -14.73 6.10 17.52
N LEU C 101 -15.93 6.31 18.06
CA LEU C 101 -16.27 5.80 19.38
C LEU C 101 -16.36 4.28 19.42
N ARG C 102 -17.02 3.69 18.41
CA ARG C 102 -17.21 2.24 18.40
C ARG C 102 -15.85 1.55 18.31
N GLN C 103 -14.97 2.13 17.51
CA GLN C 103 -13.62 1.62 17.34
C GLN C 103 -12.78 1.72 18.62
N LYS C 104 -12.96 2.77 19.42
CA LYS C 104 -12.25 2.84 20.70
C LYS C 104 -12.63 1.62 21.52
N ILE C 105 -13.92 1.31 21.53
CA ILE C 105 -14.41 0.16 22.27
C ILE C 105 -13.87 -1.16 21.72
N MET C 106 -13.87 -1.30 20.40
CA MET C 106 -13.41 -2.55 19.79
C MET C 106 -11.91 -2.76 20.02
N GLU C 107 -11.12 -1.69 19.96
CA GLU C 107 -9.70 -1.78 20.33
C GLU C 107 -9.51 -2.09 21.82
N SER C 108 -10.45 -1.63 22.65
CA SER C 108 -10.32 -1.75 24.10
C SER C 108 -10.43 -3.17 24.63
N GLY C 109 -9.61 -3.46 25.64
CA GLY C 109 -9.71 -4.66 26.45
C GLY C 109 -10.82 -4.82 27.48
N GLY C 110 -11.24 -3.72 28.10
CA GLY C 110 -12.29 -3.77 29.12
C GLY C 110 -12.97 -2.47 29.52
N ILE C 111 -14.17 -2.58 30.10
CA ILE C 111 -14.91 -1.40 30.55
C ILE C 111 -15.36 -1.43 32.01
N ASN C 112 -15.11 -0.33 32.71
CA ASN C 112 -15.53 -0.14 34.10
C ASN C 112 -16.42 1.09 34.20
N LYS C 113 -17.43 1.08 35.06
CA LYS C 113 -18.30 2.25 35.18
C LYS C 113 -18.23 2.94 36.55
N ILE C 114 -18.05 4.26 36.49
CA ILE C 114 -17.83 5.12 37.65
C ILE C 114 -18.96 6.14 37.79
N SER C 115 -19.62 6.18 38.94
CA SER C 115 -20.76 7.09 39.13
C SER C 115 -20.37 8.57 39.10
N THR C 116 -21.22 9.37 38.46
CA THR C 116 -21.08 10.83 38.42
C THR C 116 -21.38 11.56 39.72
N GLY C 117 -22.31 11.01 40.51
CA GLY C 117 -22.70 11.65 41.75
C GLY C 117 -23.74 12.74 41.58
N PHE C 118 -24.30 12.85 40.38
CA PHE C 118 -25.30 13.88 40.09
C PHE C 118 -26.55 13.76 40.94
N THR C 119 -27.04 14.91 41.40
CA THR C 119 -28.25 15.00 42.22
C THR C 119 -29.12 16.14 41.68
N TYR C 120 -30.44 16.01 41.79
CA TYR C 120 -31.36 16.98 41.19
C TYR C 120 -32.42 17.51 42.15
N GLY C 121 -32.85 18.74 41.91
CA GLY C 121 -33.84 19.39 42.75
C GLY C 121 -35.19 18.71 42.66
N SER C 122 -36.09 19.05 43.58
CA SER C 122 -37.42 18.45 43.62
C SER C 122 -38.29 18.82 42.42
N SER C 123 -38.15 20.04 41.92
CA SER C 123 -38.94 20.48 40.77
C SER C 123 -38.67 19.61 39.55
N ILE C 124 -37.42 19.16 39.45
CA ILE C 124 -37.00 18.22 38.40
C ILE C 124 -37.48 16.79 38.65
N ASN C 125 -37.78 16.08 37.57
CA ASN C 125 -38.11 14.66 37.61
C ASN C 125 -36.97 13.87 36.98
N SER C 126 -36.17 13.23 37.82
CA SER C 126 -35.04 12.44 37.33
C SER C 126 -35.53 11.17 36.64
N ALA C 127 -36.64 10.63 37.12
CA ALA C 127 -37.12 9.32 36.68
C ALA C 127 -37.95 9.37 35.40
N GLY C 128 -37.36 9.86 34.31
CA GLY C 128 -38.02 9.84 33.02
C GLY C 128 -38.04 8.42 32.46
N THR C 129 -39.06 8.11 31.65
CA THR C 129 -39.15 6.82 30.97
C THR C 129 -39.79 6.91 29.59
N THR C 130 -39.59 5.86 28.79
CA THR C 130 -40.23 5.72 27.48
C THR C 130 -40.59 4.25 27.25
N ARG C 131 -41.55 3.98 26.37
CA ARG C 131 -41.84 2.59 26.03
C ARG C 131 -40.93 2.08 24.90
N ALA C 132 -40.12 2.96 24.35
CA ALA C 132 -39.09 2.56 23.39
C ALA C 132 -38.03 1.68 24.07
N CYS C 133 -37.80 1.99 25.35
CA CYS C 133 -36.88 1.26 26.21
C CYS C 133 -37.60 0.46 27.28
N MET C 134 -37.55 -0.87 27.23
CA MET C 134 -38.38 -1.63 28.17
C MET C 134 -37.59 -2.66 28.96
N ARG C 135 -37.85 -2.66 30.26
CA ARG C 135 -37.27 -3.62 31.21
C ARG C 135 -38.39 -4.31 31.96
N ASN C 136 -38.32 -5.63 32.09
CA ASN C 136 -39.38 -6.39 32.75
C ASN C 136 -40.73 -6.09 32.12
N GLY C 137 -40.77 -5.95 30.80
CA GLY C 137 -42.03 -5.68 30.11
C GLY C 137 -42.74 -4.42 30.53
N GLY C 138 -41.97 -3.45 31.03
CA GLY C 138 -42.51 -2.18 31.49
C GLY C 138 -41.63 -1.07 30.94
N ASN C 139 -42.16 0.15 30.89
CA ASN C 139 -41.41 1.29 30.39
C ASN C 139 -40.19 1.63 31.24
N SER C 140 -39.11 2.01 30.57
CA SER C 140 -37.83 2.25 31.22
C SER C 140 -37.02 3.23 30.40
N PHE C 141 -35.85 3.61 30.91
CA PHE C 141 -34.93 4.45 30.15
C PHE C 141 -33.54 3.81 30.18
N TYR C 142 -32.57 4.38 29.46
CA TYR C 142 -31.21 3.86 29.46
C TYR C 142 -30.64 3.76 30.87
N ALA C 143 -29.95 2.65 31.13
CA ALA C 143 -29.50 2.32 32.49
C ALA C 143 -28.53 3.33 33.08
N GLU C 144 -27.60 3.79 32.25
CA GLU C 144 -26.54 4.66 32.73
C GLU C 144 -26.83 6.15 32.53
N LEU C 145 -28.04 6.45 32.06
CA LEU C 145 -28.44 7.83 31.82
C LEU C 145 -29.74 8.14 32.54
N LYS C 146 -29.96 9.41 32.86
CA LYS C 146 -31.21 9.85 33.50
C LYS C 146 -31.90 10.90 32.64
N TRP C 147 -33.20 10.70 32.38
CA TRP C 147 -33.99 11.69 31.63
C TRP C 147 -34.61 12.74 32.54
N LEU C 148 -34.06 13.95 32.50
CA LEU C 148 -34.50 15.03 33.37
C LEU C 148 -35.63 15.85 32.75
N VAL C 149 -36.84 15.70 33.30
CA VAL C 149 -37.94 16.61 32.98
C VAL C 149 -38.50 17.31 34.21
N SER C 150 -39.30 18.35 33.99
CA SER C 150 -40.01 19.07 35.05
C SER C 150 -41.14 18.27 35.71
N LYS C 151 -41.12 18.17 37.04
CA LYS C 151 -42.12 17.35 37.71
C LYS C 151 -43.47 18.06 37.67
N SER C 152 -43.43 19.38 37.82
CA SER C 152 -44.64 20.18 37.72
C SER C 152 -44.82 20.47 36.23
N LYS C 153 -45.76 19.75 35.61
CA LYS C 153 -45.94 19.81 34.16
C LYS C 153 -46.25 21.19 33.63
N GLY C 154 -45.46 21.62 32.65
CA GLY C 154 -45.65 22.90 32.00
C GLY C 154 -44.66 23.92 32.51
N GLN C 155 -44.30 23.79 33.79
CA GLN C 155 -43.43 24.77 34.45
C GLN C 155 -42.02 24.74 33.91
N ASN C 156 -41.37 25.90 33.98
CA ASN C 156 -40.01 26.06 33.50
C ASN C 156 -38.99 25.16 34.20
N PHE C 157 -38.08 24.60 33.42
CA PHE C 157 -36.99 23.83 33.98
C PHE C 157 -36.12 24.79 34.78
N PRO C 158 -35.75 24.41 36.01
CA PRO C 158 -34.88 25.32 36.75
C PRO C 158 -33.47 25.30 36.19
N GLN C 159 -32.76 26.42 36.24
CA GLN C 159 -31.38 26.43 35.78
C GLN C 159 -30.58 25.49 36.66
N THR C 160 -29.80 24.61 36.06
CA THR C 160 -29.11 23.57 36.80
C THR C 160 -27.65 23.52 36.41
N THR C 161 -26.81 23.18 37.39
CA THR C 161 -25.40 22.99 37.16
C THR C 161 -24.94 21.64 37.72
N ASN C 162 -24.33 20.85 36.86
CA ASN C 162 -23.78 19.56 37.26
C ASN C 162 -22.32 19.46 36.85
N THR C 163 -21.48 19.06 37.80
CA THR C 163 -20.06 18.92 37.54
C THR C 163 -19.57 17.52 37.90
N TYR C 164 -18.80 16.92 36.98
CA TYR C 164 -18.15 15.66 37.27
C TYR C 164 -16.64 15.86 37.30
N ARG C 165 -16.00 15.34 38.34
CA ARG C 165 -14.58 15.50 38.52
C ARG C 165 -13.87 14.15 38.38
N ASN C 166 -12.86 14.11 37.52
CA ASN C 166 -12.07 12.89 37.27
C ASN C 166 -10.89 12.72 38.23
N THR C 167 -11.18 12.19 39.40
CA THR C 167 -10.18 11.95 40.45
C THR C 167 -9.16 10.85 40.11
N ASP C 168 -9.60 9.81 39.42
CA ASP C 168 -8.75 8.65 39.11
C ASP C 168 -7.59 9.03 38.16
N THR C 169 -6.54 8.22 38.20
CA THR C 169 -5.35 8.37 37.34
C THR C 169 -5.63 8.16 35.86
N ALA C 170 -6.56 7.28 35.54
CA ALA C 170 -6.97 7.00 34.15
C ALA C 170 -7.88 8.07 33.55
N GLU C 171 -7.82 8.22 32.24
CA GLU C 171 -8.76 9.06 31.49
C GLU C 171 -10.11 8.36 31.37
N HIS C 172 -11.19 9.14 31.44
CA HIS C 172 -12.53 8.56 31.45
C HIS C 172 -13.36 9.00 30.23
N LEU C 173 -14.17 8.09 29.71
CA LEU C 173 -15.01 8.41 28.57
C LEU C 173 -16.42 8.71 29.07
N ILE C 174 -16.97 9.87 28.72
CA ILE C 174 -18.26 10.30 29.26
C ILE C 174 -19.28 10.59 28.16
N MET C 175 -20.50 10.09 28.34
CA MET C 175 -21.53 10.16 27.32
C MET C 175 -22.82 10.81 27.84
N TRP C 176 -23.31 11.83 27.15
CA TRP C 176 -24.61 12.40 27.50
C TRP C 176 -25.52 12.44 26.28
N GLY C 177 -26.73 12.98 26.45
CA GLY C 177 -27.69 13.05 25.37
C GLY C 177 -28.43 14.37 25.28
N ILE C 178 -28.75 14.78 24.05
CA ILE C 178 -29.49 16.02 23.81
C ILE C 178 -30.83 15.74 23.14
N HIS C 179 -31.92 15.80 23.92
CA HIS C 179 -33.24 15.42 23.45
C HIS C 179 -33.97 16.49 22.63
N HIS C 180 -34.30 16.14 21.39
CA HIS C 180 -35.08 16.96 20.47
C HIS C 180 -36.55 16.52 20.37
N PRO C 181 -37.47 17.33 20.91
CA PRO C 181 -38.91 17.03 20.92
C PRO C 181 -39.56 17.10 19.54
N SER C 182 -40.83 16.73 19.45
CA SER C 182 -41.52 16.76 18.16
C SER C 182 -42.52 17.91 18.05
N SER C 183 -43.28 18.15 19.11
CA SER C 183 -44.28 19.20 19.10
C SER C 183 -43.69 20.45 19.74
N THR C 184 -44.23 21.62 19.43
CA THR C 184 -44.02 22.76 20.32
C THR C 184 -44.87 22.54 21.57
N GLN C 185 -46.01 21.88 21.38
CA GLN C 185 -46.85 21.38 22.46
C GLN C 185 -46.05 20.58 23.47
N GLU C 186 -45.45 19.52 22.96
CA GLU C 186 -44.65 18.54 23.69
C GLU C 186 -43.46 19.17 24.41
N LYS C 187 -42.73 20.03 23.72
CA LYS C 187 -41.54 20.65 24.28
C LYS C 187 -41.98 21.50 25.46
N ASN C 188 -43.08 22.22 25.28
CA ASN C 188 -43.59 23.13 26.29
C ASN C 188 -44.01 22.40 27.56
N ASP C 189 -44.63 21.23 27.39
CA ASP C 189 -45.09 20.45 28.54
C ASP C 189 -43.94 20.00 29.43
N LEU C 190 -42.89 19.45 28.83
CA LEU C 190 -41.74 18.99 29.60
C LEU C 190 -40.85 20.10 30.19
N TYR C 191 -40.56 21.13 29.40
CA TYR C 191 -39.52 22.09 29.81
C TYR C 191 -40.00 23.54 29.96
N GLY C 192 -41.26 23.82 29.65
CA GLY C 192 -41.75 25.18 29.65
C GLY C 192 -41.50 25.94 28.36
N THR C 193 -41.75 27.25 28.37
CA THR C 193 -41.65 28.08 27.18
C THR C 193 -40.30 28.78 27.10
N GLN C 194 -39.38 28.35 27.96
CA GLN C 194 -38.03 28.90 28.02
C GLN C 194 -37.28 28.78 26.71
N SER C 195 -36.39 29.74 26.44
CA SER C 195 -35.33 29.53 25.44
C SER C 195 -34.30 28.54 26.01
N LEU C 196 -34.20 27.36 25.43
CA LEU C 196 -33.40 26.28 26.00
C LEU C 196 -31.95 26.22 25.50
N SER C 197 -31.04 25.84 26.40
CA SER C 197 -29.62 25.75 26.07
C SER C 197 -28.89 24.78 27.00
N ILE C 198 -28.00 23.97 26.44
CA ILE C 198 -27.09 23.11 27.21
C ILE C 198 -25.63 23.38 26.85
N SER C 199 -24.83 23.81 27.82
CA SER C 199 -23.41 24.13 27.55
C SER C 199 -22.46 23.29 28.40
N VAL C 200 -21.35 22.88 27.79
CA VAL C 200 -20.45 21.87 28.36
C VAL C 200 -18.99 22.31 28.30
N GLY C 201 -18.33 22.40 29.45
CA GLY C 201 -16.94 22.80 29.48
C GLY C 201 -15.99 21.98 30.33
N SER C 202 -14.77 21.79 29.82
CA SER C 202 -13.66 21.22 30.59
C SER C 202 -12.42 21.96 30.12
N SER C 203 -11.25 21.65 30.69
CA SER C 203 -10.01 22.27 30.21
C SER C 203 -9.76 21.97 28.74
N THR C 204 -10.05 20.74 28.32
CA THR C 204 -9.80 20.33 26.95
C THR C 204 -11.02 20.39 26.02
N TYR C 205 -12.23 20.40 26.57
CA TYR C 205 -13.44 20.32 25.76
C TYR C 205 -14.47 21.42 26.02
N ARG C 206 -14.82 22.19 25.00
CA ARG C 206 -15.93 23.14 25.10
C ARG C 206 -16.96 22.93 23.99
N ASN C 207 -18.25 22.91 24.34
CA ASN C 207 -19.31 22.77 23.34
C ASN C 207 -20.70 23.22 23.84
N ASN C 208 -21.56 23.67 22.93
CA ASN C 208 -22.91 24.09 23.30
C ASN C 208 -24.00 23.39 22.48
N PHE C 209 -25.04 22.95 23.17
CA PHE C 209 -26.14 22.19 22.59
C PHE C 209 -27.51 22.85 22.76
N VAL C 210 -28.24 23.02 21.66
CA VAL C 210 -29.59 23.61 21.70
C VAL C 210 -30.61 22.65 21.08
N PRO C 211 -31.64 22.29 21.86
CA PRO C 211 -32.70 21.38 21.41
C PRO C 211 -33.60 21.99 20.34
N VAL C 212 -34.00 21.16 19.40
CA VAL C 212 -34.77 21.61 18.24
C VAL C 212 -36.13 20.93 18.17
N VAL C 213 -37.19 21.71 18.09
CA VAL C 213 -38.48 21.14 17.73
C VAL C 213 -38.55 20.87 16.24
N GLY C 214 -39.07 19.70 15.89
CA GLY C 214 -39.22 19.32 14.50
C GLY C 214 -40.32 18.29 14.35
N ALA C 215 -40.86 18.14 13.14
CA ALA C 215 -41.86 17.11 12.91
C ALA C 215 -41.18 16.01 12.13
N ARG C 216 -41.32 14.78 12.60
CA ARG C 216 -40.63 13.64 12.00
C ARG C 216 -41.49 12.38 12.10
N PRO C 217 -41.23 11.39 11.24
CA PRO C 217 -42.01 10.16 11.27
C PRO C 217 -41.61 9.32 12.46
N GLN C 218 -42.55 8.53 12.96
CA GLN C 218 -42.30 7.70 14.13
C GLN C 218 -41.25 6.64 13.85
N VAL C 219 -40.34 6.47 14.82
CA VAL C 219 -39.40 5.36 14.83
C VAL C 219 -39.63 4.66 16.15
N ASN C 220 -39.85 3.34 16.09
CA ASN C 220 -40.07 2.53 17.29
C ASN C 220 -41.33 3.03 17.99
N GLY C 221 -42.18 3.72 17.23
CA GLY C 221 -43.38 4.32 17.77
C GLY C 221 -43.18 5.73 18.32
N GLN C 222 -41.98 6.27 18.17
CA GLN C 222 -41.69 7.63 18.66
C GLN C 222 -41.18 8.67 17.67
N SER C 223 -41.88 9.80 17.64
CA SER C 223 -41.50 10.96 16.85
C SER C 223 -40.23 11.63 17.40
N GLY C 224 -40.08 11.60 18.73
CA GLY C 224 -38.96 12.23 19.41
C GLY C 224 -37.59 11.65 19.11
N ARG C 225 -36.55 12.47 19.29
CA ARG C 225 -35.16 12.04 19.08
C ARG C 225 -34.23 12.36 20.26
N ILE C 226 -33.35 11.42 20.60
CA ILE C 226 -32.25 11.70 21.54
C ILE C 226 -30.86 11.38 20.97
N ASP C 227 -30.15 12.41 20.54
CA ASP C 227 -28.81 12.23 19.98
C ASP C 227 -27.74 12.29 21.07
N PHE C 228 -26.78 11.36 21.02
CA PHE C 228 -25.75 11.25 22.06
C PHE C 228 -24.39 11.86 21.70
N HIS C 229 -23.74 12.50 22.66
CA HIS C 229 -22.38 12.99 22.47
C HIS C 229 -21.43 12.43 23.51
N TRP C 230 -20.13 12.47 23.21
CA TRP C 230 -19.13 11.86 24.10
C TRP C 230 -17.79 12.60 24.06
N THR C 231 -17.08 12.59 25.19
CA THR C 231 -15.73 13.16 25.23
C THR C 231 -14.87 12.42 26.25
N LEU C 232 -13.57 12.69 26.22
CA LEU C 232 -12.63 12.10 27.16
C LEU C 232 -12.28 13.10 28.26
N VAL C 233 -12.46 12.71 29.51
CA VAL C 233 -12.07 13.57 30.63
C VAL C 233 -10.71 13.18 31.16
N GLN C 234 -9.71 14.03 30.90
CA GLN C 234 -8.35 13.73 31.31
C GLN C 234 -8.25 13.85 32.83
N PRO C 235 -7.35 13.06 33.44
CA PRO C 235 -7.28 12.91 34.90
C PRO C 235 -6.92 14.19 35.65
N GLY C 236 -7.56 14.35 36.81
CA GLY C 236 -7.36 15.53 37.63
C GLY C 236 -8.08 16.72 37.03
N ASP C 237 -9.02 16.45 36.13
CA ASP C 237 -9.78 17.51 35.52
C ASP C 237 -11.29 17.30 35.62
N ASN C 238 -12.01 18.41 35.55
CA ASN C 238 -13.45 18.45 35.73
C ASN C 238 -14.22 18.97 34.52
N ILE C 239 -15.35 18.36 34.24
CA ILE C 239 -16.21 18.83 33.15
C ILE C 239 -17.54 19.31 33.73
N THR C 240 -17.95 20.51 33.32
CA THR C 240 -19.12 21.15 33.92
C THR C 240 -20.29 21.14 32.92
N PHE C 241 -21.44 20.71 33.43
CA PHE C 241 -22.65 20.61 32.64
C PHE C 241 -23.67 21.67 33.03
N SER C 242 -23.88 22.64 32.16
CA SER C 242 -24.79 23.75 32.43
C SER C 242 -26.01 23.59 31.55
N HIS C 243 -27.17 23.32 32.15
CA HIS C 243 -28.33 23.00 31.31
C HIS C 243 -29.61 23.62 31.81
N ASN C 244 -30.59 23.63 30.92
CA ASN C 244 -31.70 24.57 30.95
C ASN C 244 -33.00 23.83 30.73
N GLY C 245 -32.86 22.64 30.14
CA GLY C 245 -33.97 21.73 29.88
C GLY C 245 -33.74 21.05 28.56
N GLY C 246 -33.62 19.72 28.58
CA GLY C 246 -33.33 18.99 27.36
C GLY C 246 -32.20 18.00 27.51
N LEU C 247 -31.35 18.22 28.51
CA LEU C 247 -30.20 17.33 28.75
C LEU C 247 -30.61 15.95 29.23
N ILE C 248 -29.92 14.95 28.72
CA ILE C 248 -29.99 13.61 29.27
C ILE C 248 -28.67 13.40 30.02
N ALA C 249 -28.76 13.26 31.33
CA ALA C 249 -27.59 13.43 32.18
C ALA C 249 -27.04 12.09 32.65
N PRO C 250 -25.72 11.91 32.53
CA PRO C 250 -25.11 10.63 32.94
C PRO C 250 -25.20 10.37 34.44
N SER C 251 -25.60 9.16 34.81
CA SER C 251 -25.56 8.73 36.20
C SER C 251 -24.30 7.92 36.48
N ARG C 252 -23.69 7.42 35.41
CA ARG C 252 -22.46 6.65 35.51
C ARG C 252 -21.57 6.99 34.31
N VAL C 253 -20.27 6.75 34.44
CA VAL C 253 -19.33 7.04 33.37
C VAL C 253 -18.45 5.84 33.03
N SER C 254 -18.22 5.64 31.73
CA SER C 254 -17.37 4.58 31.21
C SER C 254 -15.87 4.83 31.37
N LYS C 255 -15.11 3.76 31.60
CA LYS C 255 -13.66 3.77 31.46
C LYS C 255 -13.15 2.62 30.60
N LEU C 256 -12.29 2.90 29.62
CA LEU C 256 -11.80 1.88 28.71
C LEU C 256 -10.42 1.40 29.15
N ILE C 257 -10.26 0.07 29.24
CA ILE C 257 -9.05 -0.54 29.79
C ILE C 257 -8.29 -1.42 28.79
N GLY C 258 -7.02 -1.13 28.54
CA GLY C 258 -6.19 -2.08 27.82
C GLY C 258 -6.43 -2.14 26.33
N ARG C 259 -5.72 -3.03 25.65
CA ARG C 259 -5.91 -3.23 24.23
C ARG C 259 -6.32 -4.66 23.94
N GLY C 260 -7.32 -4.81 23.09
CA GLY C 260 -7.89 -6.11 22.75
C GLY C 260 -8.36 -6.18 21.33
N LEU C 261 -8.61 -7.40 20.85
CA LEU C 261 -9.19 -7.62 19.54
C LEU C 261 -10.70 -7.35 19.50
N GLY C 262 -11.16 -6.83 18.37
CA GLY C 262 -12.58 -6.62 18.13
C GLY C 262 -13.00 -7.37 16.88
N ILE C 263 -14.07 -8.14 17.01
CA ILE C 263 -14.59 -8.95 15.91
C ILE C 263 -16.03 -8.63 15.54
N GLN C 264 -16.25 -8.34 14.27
CA GLN C 264 -17.58 -8.16 13.73
C GLN C 264 -17.97 -9.39 12.95
N SER C 265 -18.82 -10.22 13.54
CA SER C 265 -19.23 -11.47 12.94
C SER C 265 -20.58 -11.93 13.47
N ASP C 266 -21.37 -12.53 12.59
CA ASP C 266 -22.66 -13.11 12.98
C ASP C 266 -22.63 -14.64 12.99
N ALA C 267 -21.47 -15.22 12.69
CA ALA C 267 -21.29 -16.67 12.76
C ALA C 267 -21.28 -17.16 14.21
N PRO C 268 -21.77 -18.37 14.46
CA PRO C 268 -21.83 -18.94 15.81
C PRO C 268 -20.45 -19.26 16.41
N ILE C 269 -20.31 -19.08 17.71
CA ILE C 269 -19.07 -19.40 18.41
C ILE C 269 -18.79 -20.91 18.48
N ASP C 270 -17.54 -21.30 18.26
CA ASP C 270 -17.07 -22.64 18.64
C ASP C 270 -15.87 -22.43 19.56
N ASN C 271 -16.05 -22.75 20.84
CA ASN C 271 -15.01 -22.54 21.85
C ASN C 271 -13.74 -23.40 21.75
N ASN C 272 -13.86 -24.66 21.36
CA ASN C 272 -12.72 -25.57 21.40
C ASN C 272 -11.54 -25.28 20.46
N CYS C 273 -11.79 -25.07 19.17
CA CYS C 273 -10.69 -24.80 18.24
C CYS C 273 -10.11 -23.39 18.45
N GLU C 274 -8.82 -23.23 18.19
CA GLU C 274 -8.15 -21.96 18.44
C GLU C 274 -7.69 -21.30 17.14
N SER C 275 -7.94 -20.00 17.01
CA SER C 275 -7.43 -19.27 15.85
C SER C 275 -6.87 -17.90 16.21
N LYS C 276 -5.90 -17.45 15.42
CA LYS C 276 -5.34 -16.11 15.53
C LYS C 276 -5.89 -15.25 14.38
N CYS C 277 -6.82 -15.82 13.64
CA CYS C 277 -7.48 -15.17 12.50
C CYS C 277 -9.00 -15.29 12.49
N PHE C 278 -9.70 -14.21 12.11
CA PHE C 278 -11.17 -14.22 12.05
C PHE C 278 -11.73 -13.35 10.93
N TRP C 279 -12.91 -13.69 10.43
CA TRP C 279 -13.70 -12.77 9.61
C TRP C 279 -15.19 -12.97 9.89
N ARG C 280 -16.03 -12.46 9.01
CA ARG C 280 -17.45 -12.45 9.22
C ARG C 280 -17.98 -13.83 9.34
N GLY C 281 -17.35 -14.74 8.61
CA GLY C 281 -17.56 -16.16 8.82
C GLY C 281 -16.55 -16.39 9.92
N GLY C 282 -16.43 -17.64 10.35
CA GLY C 282 -15.63 -17.97 11.51
C GLY C 282 -14.16 -17.59 11.53
N SER C 283 -13.32 -18.59 11.68
CA SER C 283 -11.91 -18.35 11.81
C SER C 283 -11.21 -19.01 10.67
N ILE C 284 -9.90 -18.84 10.63
CA ILE C 284 -9.06 -19.45 9.62
C ILE C 284 -7.84 -20.03 10.28
N ASN C 285 -7.55 -21.28 9.93
CA ASN C 285 -6.42 -22.00 10.49
C ASN C 285 -5.48 -22.50 9.38
N THR C 286 -4.24 -22.01 9.37
CA THR C 286 -3.27 -22.42 8.37
C THR C 286 -1.82 -22.03 8.67
N ARG C 287 -0.88 -22.76 8.05
CA ARG C 287 0.50 -22.31 7.94
C ARG C 287 0.73 -21.53 6.63
N LEU C 288 0.04 -21.95 5.57
CA LEU C 288 0.06 -21.28 4.27
C LEU C 288 0.01 -19.75 4.35
N PRO C 289 0.92 -19.07 3.65
CA PRO C 289 1.12 -17.63 3.71
C PRO C 289 0.10 -16.78 2.93
N PHE C 290 -0.68 -17.39 2.04
CA PHE C 290 -1.72 -16.66 1.32
C PHE C 290 -3.09 -17.27 1.55
N GLN C 291 -4.14 -16.53 1.21
CA GLN C 291 -5.52 -17.01 1.30
C GLN C 291 -6.44 -16.24 0.37
N ASN C 292 -7.58 -16.83 0.00
CA ASN C 292 -8.51 -16.18 -0.91
C ASN C 292 -9.97 -16.21 -0.43
N LEU C 293 -10.14 -16.44 0.88
CA LEU C 293 -11.48 -16.44 1.49
C LEU C 293 -12.21 -15.10 1.43
N SER C 294 -11.56 -14.04 1.90
CA SER C 294 -12.19 -12.73 2.03
C SER C 294 -11.18 -11.62 2.34
N PRO C 295 -11.29 -10.49 1.61
CA PRO C 295 -10.35 -9.36 1.66
C PRO C 295 -10.31 -8.58 2.98
N ARG C 296 -11.17 -8.91 3.94
CA ARG C 296 -11.16 -8.22 5.23
C ARG C 296 -11.14 -9.19 6.42
N THR C 297 -10.00 -9.27 7.09
CA THR C 297 -9.88 -10.06 8.32
C THR C 297 -9.32 -9.28 9.51
N VAL C 298 -9.05 -10.01 10.59
CA VAL C 298 -8.60 -9.42 11.84
C VAL C 298 -7.70 -10.38 12.62
N GLY C 299 -6.59 -9.87 13.14
CA GLY C 299 -5.64 -10.69 13.89
C GLY C 299 -4.35 -10.98 13.14
N GLN C 300 -3.64 -12.03 13.52
CA GLN C 300 -2.47 -12.43 12.75
C GLN C 300 -2.96 -13.33 11.62
N CYS C 301 -3.16 -12.72 10.46
CA CYS C 301 -3.82 -13.40 9.35
C CYS C 301 -3.02 -13.41 8.06
N PRO C 302 -3.23 -14.43 7.22
CA PRO C 302 -2.54 -14.50 5.92
C PRO C 302 -3.07 -13.45 4.95
N LYS C 303 -2.24 -13.04 4.00
CA LYS C 303 -2.62 -12.04 3.01
C LYS C 303 -3.62 -12.56 1.97
N TYR C 304 -4.52 -11.69 1.52
CA TYR C 304 -5.61 -12.08 0.64
C TYR C 304 -5.27 -11.89 -0.84
N VAL C 305 -5.43 -12.96 -1.61
CA VAL C 305 -5.07 -12.95 -3.03
C VAL C 305 -6.25 -13.39 -3.91
N ASN C 306 -6.46 -12.68 -5.01
CA ASN C 306 -7.60 -12.96 -5.90
C ASN C 306 -7.33 -14.10 -6.89
N ARG C 307 -6.99 -15.27 -6.37
CA ARG C 307 -6.72 -16.42 -7.24
C ARG C 307 -7.55 -17.67 -6.94
N ARG C 308 -7.75 -18.46 -7.99
CA ARG C 308 -8.30 -19.81 -7.87
C ARG C 308 -7.41 -20.63 -6.96
N SER C 309 -6.22 -20.95 -7.46
CA SER C 309 -5.14 -21.42 -6.62
C SER C 309 -3.78 -21.26 -7.28
N LEU C 310 -2.76 -21.26 -6.44
CA LEU C 310 -1.38 -21.19 -6.90
C LEU C 310 -0.65 -22.44 -6.43
N MET C 311 -0.01 -23.14 -7.37
CA MET C 311 0.57 -24.44 -7.08
C MET C 311 2.08 -24.37 -7.04
N LEU C 312 2.67 -24.84 -5.95
CA LEU C 312 4.12 -24.87 -5.86
C LEU C 312 4.63 -26.30 -5.92
N ALA C 313 5.48 -26.55 -6.92
CA ALA C 313 5.99 -27.87 -7.22
C ALA C 313 6.86 -28.44 -6.11
N THR C 314 6.62 -29.70 -5.79
CA THR C 314 7.51 -30.49 -4.94
C THR C 314 7.95 -31.77 -5.67
N MET C 316 9.76 -33.14 -9.05
CA MET C 316 10.47 -32.75 -10.26
C MET C 316 9.56 -32.79 -11.48
N ARG C 317 10.08 -32.37 -12.63
CA ARG C 317 9.42 -32.59 -13.92
C ARG C 317 9.04 -34.06 -14.09
N ASN C 318 7.75 -34.32 -14.30
CA ASN C 318 7.30 -35.68 -14.58
C ASN C 318 7.26 -35.98 -16.07
N VAL C 319 8.23 -36.76 -16.52
CA VAL C 319 8.33 -37.21 -17.91
C VAL C 319 7.81 -38.64 -18.09
N PRO C 320 6.75 -38.81 -18.90
CA PRO C 320 6.20 -40.17 -19.01
C PRO C 320 6.95 -40.99 -20.06
N GLU C 321 6.85 -42.32 -19.97
CA GLU C 321 7.27 -43.21 -21.05
C GLU C 321 6.50 -42.99 -22.34
N LEU C 322 7.07 -43.47 -23.44
CA LEU C 322 6.47 -43.36 -24.77
C LEU C 322 7.18 -44.26 -25.78
N LEU D 2 18.51 -24.79 -18.48
CA LEU D 2 18.33 -26.21 -18.65
C LEU D 2 19.64 -26.98 -18.43
N PHE D 3 19.63 -27.89 -17.47
CA PHE D 3 20.68 -28.89 -17.37
C PHE D 3 20.29 -30.13 -18.16
N GLY D 4 21.27 -30.72 -18.82
CA GLY D 4 21.03 -31.64 -19.93
C GLY D 4 20.07 -32.77 -19.63
N ALA D 5 20.04 -33.23 -18.39
CA ALA D 5 19.46 -34.53 -18.08
C ALA D 5 17.95 -34.73 -18.29
N ILE D 6 17.10 -34.00 -17.57
CA ILE D 6 15.66 -34.30 -17.57
C ILE D 6 14.90 -33.96 -18.86
N ALA D 7 15.25 -32.85 -19.50
CA ALA D 7 14.58 -32.42 -20.72
C ALA D 7 15.48 -32.60 -21.93
N GLY D 8 16.67 -33.16 -21.69
CA GLY D 8 17.63 -33.39 -22.75
C GLY D 8 17.96 -34.85 -23.03
N PHE D 9 19.18 -35.28 -22.72
CA PHE D 9 19.60 -36.62 -23.14
C PHE D 9 18.94 -37.79 -22.41
N LEU D 10 18.51 -37.64 -21.16
CA LEU D 10 17.67 -38.69 -20.56
C LEU D 10 16.25 -38.53 -21.09
N GLU D 11 15.67 -39.61 -21.62
CA GLU D 11 14.42 -39.49 -22.36
C GLU D 11 13.14 -39.67 -21.55
N ASN D 12 13.22 -40.36 -20.41
CA ASN D 12 12.07 -40.47 -19.52
C ASN D 12 12.43 -41.09 -18.17
N GLY D 13 11.52 -40.98 -17.22
CA GLY D 13 11.69 -41.56 -15.90
C GLY D 13 11.08 -42.94 -15.79
N TRP D 14 11.62 -43.76 -14.89
CA TRP D 14 11.08 -45.11 -14.73
C TRP D 14 10.15 -45.15 -13.52
N GLU D 15 8.96 -45.70 -13.75
CA GLU D 15 7.90 -45.74 -12.76
C GLU D 15 8.11 -46.87 -11.76
N MET D 17 10.99 -47.37 -9.58
CA MET D 17 11.87 -46.93 -8.51
C MET D 17 10.99 -46.44 -7.35
N VAL D 18 11.34 -46.77 -6.11
CA VAL D 18 10.39 -46.64 -5.01
C VAL D 18 10.73 -45.63 -3.89
N ASP D 19 11.95 -45.63 -3.37
CA ASP D 19 12.40 -44.53 -2.53
C ASP D 19 13.77 -44.09 -2.99
N GLY D 20 13.77 -42.98 -3.72
CA GLY D 20 14.97 -42.44 -4.30
C GLY D 20 14.47 -41.68 -5.51
N TRP D 21 14.94 -40.45 -5.69
CA TRP D 21 14.60 -39.72 -6.89
C TRP D 21 15.49 -40.20 -8.01
N TYR D 22 16.72 -40.59 -7.68
CA TYR D 22 17.67 -41.09 -8.66
C TYR D 22 18.12 -42.51 -8.32
N PHE D 24 19.62 -46.34 -10.27
CA PHE D 24 20.41 -47.14 -11.20
C PHE D 24 19.61 -48.29 -11.78
N ARG D 25 19.98 -48.72 -12.99
CA ARG D 25 19.69 -50.06 -13.47
C ARG D 25 20.88 -50.57 -14.29
N HIS D 26 21.38 -51.75 -13.95
CA HIS D 26 22.49 -52.35 -14.70
C HIS D 26 22.16 -53.73 -15.26
N GLN D 27 22.81 -54.09 -16.36
CA GLN D 27 22.56 -55.37 -17.01
C GLN D 27 23.79 -56.27 -17.16
N ASN D 28 23.71 -57.47 -16.59
CA ASN D 28 24.80 -58.44 -16.66
C ASN D 28 24.21 -59.85 -16.78
N ALA D 29 25.06 -60.82 -17.13
CA ALA D 29 24.63 -62.20 -17.38
C ALA D 29 23.84 -62.91 -16.27
N GLN D 30 24.33 -62.87 -15.04
CA GLN D 30 23.64 -63.55 -13.93
C GLN D 30 22.48 -62.80 -13.27
N GLY D 31 22.36 -61.50 -13.48
CA GLY D 31 21.29 -60.74 -12.85
C GLY D 31 20.91 -59.42 -13.48
N THR D 32 19.68 -59.00 -13.23
CA THR D 32 19.23 -57.64 -13.53
C THR D 32 18.79 -56.90 -12.29
N GLN D 34 17.85 -53.14 -9.84
CA GLN D 34 17.54 -51.72 -9.76
C GLN D 34 17.82 -51.15 -8.38
N ALA D 35 18.43 -49.96 -8.34
CA ALA D 35 18.77 -49.31 -7.10
C ALA D 35 18.62 -47.79 -7.21
N ALA D 36 18.40 -47.13 -6.08
CA ALA D 36 18.28 -45.67 -6.06
C ALA D 36 19.32 -45.05 -5.14
N TYR D 38 21.00 -43.00 -2.16
CA TYR D 38 20.46 -42.29 -1.01
C TYR D 38 21.00 -40.86 -0.87
N LYS D 39 22.29 -40.69 -1.05
CA LYS D 39 22.92 -39.38 -0.81
C LYS D 39 22.43 -38.33 -1.81
N SER D 40 22.23 -38.76 -3.05
CA SER D 40 21.76 -37.88 -4.13
C SER D 40 20.34 -37.34 -3.88
N THR D 41 19.41 -38.22 -3.51
CA THR D 41 18.05 -37.82 -3.20
C THR D 41 17.92 -36.97 -1.94
N GLN D 42 18.68 -37.33 -0.89
CA GLN D 42 18.65 -36.57 0.36
C GLN D 42 19.17 -35.16 0.14
N ALA D 43 20.11 -35.03 -0.79
CA ALA D 43 20.59 -33.73 -1.23
C ALA D 43 19.45 -32.92 -1.84
N ALA D 44 18.61 -33.56 -2.66
CA ALA D 44 17.44 -32.89 -3.24
C ALA D 44 16.29 -32.60 -2.25
N ILE D 45 15.83 -33.63 -1.54
CA ILE D 45 14.59 -33.53 -0.77
C ILE D 45 14.69 -32.44 0.29
N ASP D 46 15.88 -32.26 0.87
CA ASP D 46 16.10 -31.25 1.89
C ASP D 46 15.79 -29.85 1.37
N GLN D 47 16.18 -29.58 0.14
CA GLN D 47 15.88 -28.33 -0.53
C GLN D 47 14.38 -28.10 -0.72
N ILE D 48 13.65 -29.18 -1.01
CA ILE D 48 12.18 -29.08 -1.09
C ILE D 48 11.54 -28.68 0.24
N THR D 49 11.98 -29.31 1.33
CA THR D 49 11.51 -28.93 2.65
C THR D 49 11.99 -27.52 2.96
N GLY D 50 13.22 -27.24 2.54
CA GLY D 50 13.86 -25.95 2.76
C GLY D 50 13.03 -24.80 2.23
N LYS D 51 12.42 -25.01 1.06
CA LYS D 51 11.48 -24.08 0.47
C LYS D 51 10.16 -24.06 1.26
N LEU D 52 9.70 -25.23 1.68
CA LEU D 52 8.46 -25.33 2.45
C LEU D 52 8.54 -24.63 3.82
N ASN D 53 9.67 -24.80 4.50
CA ASN D 53 9.89 -24.18 5.81
C ASN D 53 9.83 -22.66 5.75
N ARG D 54 10.37 -22.08 4.69
CA ARG D 54 10.28 -20.65 4.46
C ARG D 54 8.84 -20.19 4.27
N LEU D 55 8.03 -21.03 3.63
CA LEU D 55 6.63 -20.69 3.38
C LEU D 55 5.76 -20.53 4.62
N VAL D 56 5.87 -21.44 5.58
CA VAL D 56 4.97 -21.43 6.75
C VAL D 56 5.12 -20.23 7.72
N GLU D 57 6.34 -19.73 7.91
CA GLU D 57 6.62 -18.71 8.92
C GLU D 57 5.81 -17.41 8.78
N LYS D 58 5.30 -16.92 9.91
CA LYS D 58 4.41 -15.76 9.93
C LYS D 58 5.18 -14.46 10.15
N THR D 61 2.05 -9.98 11.67
CA THR D 61 1.63 -8.86 12.51
C THR D 61 0.11 -8.94 12.71
N GLU D 62 -0.41 -8.26 13.73
CA GLU D 62 -1.87 -8.13 13.88
C GLU D 62 -2.43 -6.93 13.13
N PHE D 63 -3.71 -7.04 12.78
CA PHE D 63 -4.43 -6.00 12.05
C PHE D 63 -5.85 -5.83 12.59
N GLU D 64 -6.32 -4.59 12.57
CA GLU D 64 -7.59 -4.25 13.19
C GLU D 64 -8.57 -3.79 12.13
N SER D 65 -9.87 -3.91 12.40
CA SER D 65 -10.89 -3.57 11.42
C SER D 65 -10.92 -2.06 11.17
N ILE D 66 -10.87 -1.66 9.91
CA ILE D 66 -10.97 -0.25 9.58
C ILE D 66 -12.27 0.14 8.87
N GLU D 67 -12.90 -0.79 8.15
CA GLU D 67 -14.30 -0.58 7.75
C GLU D 67 -15.26 -1.63 8.35
N SER D 68 -16.31 -1.12 8.99
CA SER D 68 -17.33 -1.94 9.65
C SER D 68 -18.23 -2.76 8.72
N GLU D 69 -18.70 -3.90 9.21
CA GLU D 69 -19.63 -4.77 8.49
C GLU D 69 -21.12 -4.42 8.62
N PHE D 70 -21.54 -3.91 9.78
CA PHE D 70 -22.98 -3.87 10.10
C PHE D 70 -23.56 -2.47 10.22
N SER D 71 -22.70 -1.48 10.05
CA SER D 71 -23.10 -0.09 10.01
C SER D 71 -22.55 0.33 8.68
N GLU D 72 -22.78 1.55 8.23
CA GLU D 72 -22.12 1.88 6.99
C GLU D 72 -21.26 3.11 7.20
N ILE D 73 -20.29 3.26 6.30
CA ILE D 73 -19.12 4.07 6.52
C ILE D 73 -19.26 5.35 5.70
N GLU D 74 -18.79 6.47 6.24
CA GLU D 74 -18.83 7.73 5.51
C GLU D 74 -18.20 7.50 4.15
N HIS D 75 -18.89 7.96 3.10
CA HIS D 75 -18.52 7.64 1.73
C HIS D 75 -17.06 7.84 1.37
N GLN D 76 -16.57 9.07 1.51
CA GLN D 76 -15.26 9.43 0.97
C GLN D 76 -14.17 8.54 1.57
N ILE D 77 -14.24 8.34 2.88
CA ILE D 77 -13.29 7.48 3.59
C ILE D 77 -13.47 6.01 3.19
N GLY D 78 -14.72 5.60 2.97
CA GLY D 78 -15.03 4.24 2.57
C GLY D 78 -14.39 3.90 1.24
N ASN D 79 -14.44 4.86 0.31
CA ASN D 79 -13.79 4.72 -0.98
C ASN D 79 -12.26 4.65 -0.84
N VAL D 80 -11.68 5.51 -0.01
CA VAL D 80 -10.23 5.51 0.23
C VAL D 80 -9.76 4.21 0.86
N ILE D 81 -10.53 3.71 1.82
CA ILE D 81 -10.27 2.42 2.43
C ILE D 81 -10.34 1.28 1.42
N ASN D 82 -11.35 1.33 0.55
CA ASN D 82 -11.48 0.34 -0.50
C ASN D 82 -10.35 0.39 -1.52
N TRP D 83 -9.91 1.59 -1.88
CA TRP D 83 -8.84 1.75 -2.87
C TRP D 83 -7.50 1.27 -2.37
N THR D 84 -7.14 1.67 -1.14
CA THR D 84 -5.92 1.19 -0.51
C THR D 84 -5.94 -0.32 -0.30
N LYS D 85 -7.03 -0.82 0.27
CA LYS D 85 -7.24 -2.26 0.41
C LYS D 85 -7.20 -3.03 -0.91
N ASP D 86 -7.81 -2.48 -1.95
CA ASP D 86 -7.79 -3.08 -3.27
C ASP D 86 -6.36 -3.15 -3.83
N SER D 87 -5.67 -2.02 -3.83
CA SER D 87 -4.34 -1.94 -4.43
C SER D 87 -3.32 -2.81 -3.71
N ILE D 88 -3.48 -2.97 -2.39
CA ILE D 88 -2.63 -3.87 -1.62
C ILE D 88 -2.84 -5.34 -1.99
N THR D 89 -4.09 -5.74 -2.21
CA THR D 89 -4.39 -7.08 -2.69
C THR D 89 -3.79 -7.31 -4.07
N ASP D 90 -3.79 -6.26 -4.88
CA ASP D 90 -3.16 -6.30 -6.20
C ASP D 90 -1.67 -6.63 -6.09
N ILE D 91 -0.99 -5.95 -5.18
CA ILE D 91 0.43 -6.20 -4.93
C ILE D 91 0.74 -7.58 -4.35
N TRP D 92 -0.04 -8.02 -3.38
CA TRP D 92 0.14 -9.34 -2.79
C TRP D 92 -0.20 -10.50 -3.72
N THR D 93 -1.19 -10.31 -4.58
CA THR D 93 -1.48 -11.30 -5.63
C THR D 93 -0.32 -11.40 -6.62
N TYR D 94 0.25 -10.27 -7.00
CA TYR D 94 1.38 -10.28 -7.93
C TYR D 94 2.52 -11.05 -7.29
N GLN D 95 2.75 -10.80 -6.01
CA GLN D 95 3.81 -11.46 -5.26
C GLN D 95 3.61 -12.96 -5.11
N ALA D 96 2.37 -13.37 -4.88
CA ALA D 96 2.05 -14.77 -4.75
C ALA D 96 2.27 -15.48 -6.08
N GLU D 97 1.79 -14.86 -7.15
CA GLU D 97 1.96 -15.40 -8.50
C GLU D 97 3.43 -15.47 -8.91
N LEU D 98 4.21 -14.44 -8.59
CA LEU D 98 5.64 -14.43 -8.92
C LEU D 98 6.47 -15.42 -8.11
N LEU D 99 6.22 -15.53 -6.82
CA LEU D 99 7.04 -16.40 -5.98
C LEU D 99 6.82 -17.86 -6.35
N VAL D 100 5.56 -18.24 -6.46
CA VAL D 100 5.22 -19.62 -6.83
C VAL D 100 5.77 -19.93 -8.21
N ALA D 101 5.61 -19.00 -9.14
CA ALA D 101 6.13 -19.15 -10.49
C ALA D 101 7.64 -19.35 -10.48
N MET D 102 8.33 -18.50 -9.74
CA MET D 102 9.78 -18.60 -9.64
C MET D 102 10.27 -19.80 -8.85
N GLU D 103 9.67 -20.07 -7.70
CA GLU D 103 10.20 -21.14 -6.85
C GLU D 103 9.91 -22.49 -7.50
N ASN D 104 8.89 -22.53 -8.35
CA ASN D 104 8.66 -23.70 -9.18
C ASN D 104 9.68 -23.79 -10.30
N GLN D 105 10.04 -22.62 -10.83
CA GLN D 105 11.07 -22.55 -11.87
C GLN D 105 12.37 -23.12 -11.35
N HIS D 106 12.71 -22.77 -10.10
CA HIS D 106 13.91 -23.28 -9.46
C HIS D 106 13.75 -24.73 -9.01
N THR D 107 12.59 -25.07 -8.45
CA THR D 107 12.32 -26.43 -7.95
C THR D 107 12.48 -27.51 -9.00
N ILE D 108 11.85 -27.31 -10.15
CA ILE D 108 12.03 -28.19 -11.30
C ILE D 108 13.51 -28.35 -11.66
N ASP D 109 14.20 -27.21 -11.74
CA ASP D 109 15.57 -27.16 -12.26
C ASP D 109 16.64 -27.46 -11.21
N MET D 110 16.21 -27.81 -10.00
CA MET D 110 17.15 -28.22 -8.96
C MET D 110 17.33 -29.74 -8.93
N ALA D 111 16.22 -30.47 -9.04
CA ALA D 111 16.25 -31.93 -9.09
C ALA D 111 17.13 -32.37 -10.26
N ASP D 112 17.11 -31.58 -11.31
CA ASP D 112 17.84 -31.83 -12.53
C ASP D 112 19.34 -31.61 -12.33
N SER D 113 19.70 -30.66 -11.48
CA SER D 113 21.08 -30.52 -11.02
C SER D 113 21.58 -31.73 -10.25
N GLU D 114 20.79 -32.21 -9.28
CA GLU D 114 21.28 -33.29 -8.43
C GLU D 114 21.27 -34.61 -9.20
N MET D 115 20.62 -34.57 -10.36
CA MET D 115 20.68 -35.65 -11.33
C MET D 115 22.00 -35.63 -12.11
N LEU D 116 22.26 -34.52 -12.82
CA LEU D 116 23.42 -34.41 -13.68
C LEU D 116 24.77 -34.52 -12.98
N ASN D 117 24.89 -33.99 -11.77
CA ASN D 117 26.15 -34.16 -11.04
C ASN D 117 26.46 -35.60 -10.67
N LEU D 118 25.41 -36.39 -10.41
CA LEU D 118 25.58 -37.83 -10.18
C LEU D 118 26.18 -38.49 -11.42
N TYR D 119 25.75 -38.02 -12.58
CA TYR D 119 26.26 -38.48 -13.87
C TYR D 119 27.75 -38.18 -14.03
N GLU D 120 28.15 -36.96 -13.67
CA GLU D 120 29.54 -36.56 -13.85
C GLU D 120 30.44 -37.22 -12.81
N ARG D 121 29.93 -37.36 -11.59
CA ARG D 121 30.58 -38.14 -10.54
C ARG D 121 30.94 -39.53 -11.09
N VAL D 122 30.00 -40.18 -11.76
CA VAL D 122 30.23 -41.51 -12.29
C VAL D 122 31.22 -41.47 -13.45
N ARG D 123 30.95 -40.63 -14.45
CA ARG D 123 31.77 -40.58 -15.66
C ARG D 123 33.24 -40.31 -15.32
N LYS D 124 33.48 -39.46 -14.32
CA LYS D 124 34.83 -39.21 -13.84
C LYS D 124 35.39 -40.37 -13.02
N GLN D 125 34.52 -41.26 -12.55
CA GLN D 125 34.97 -42.33 -11.66
C GLN D 125 35.37 -43.58 -12.43
N LEU D 126 34.69 -43.83 -13.56
CA LEU D 126 35.09 -44.90 -14.46
C LEU D 126 36.31 -44.44 -15.25
N ARG D 127 36.55 -43.14 -15.20
CA ARG D 127 37.63 -42.46 -15.93
C ARG D 127 37.66 -42.99 -17.38
N GLN D 128 38.62 -43.86 -17.70
CA GLN D 128 38.85 -44.28 -19.08
C GLN D 128 38.41 -45.71 -19.38
N ASN D 129 37.64 -46.33 -18.49
CA ASN D 129 37.25 -47.71 -18.69
C ASN D 129 35.83 -47.87 -19.25
N ALA D 130 35.25 -46.75 -19.72
CA ALA D 130 33.90 -46.77 -20.29
C ALA D 130 33.66 -45.59 -21.24
N GLU D 131 32.63 -45.72 -22.09
CA GLU D 131 32.23 -44.65 -23.00
C GLU D 131 30.72 -44.37 -22.90
N GLU D 132 30.31 -43.10 -22.84
CA GLU D 132 28.92 -42.75 -22.49
C GLU D 132 27.78 -42.84 -23.53
N ASP D 133 28.08 -43.08 -24.80
CA ASP D 133 27.05 -43.31 -25.84
C ASP D 133 25.94 -42.27 -26.07
N GLY D 134 25.94 -41.14 -25.36
CA GLY D 134 25.03 -40.06 -25.68
C GLY D 134 23.57 -40.07 -25.20
N LYS D 135 23.19 -41.07 -24.40
CA LYS D 135 21.81 -41.13 -23.88
C LYS D 135 21.76 -41.42 -22.39
N GLY D 136 22.86 -41.15 -21.69
CA GLY D 136 23.03 -41.53 -20.31
C GLY D 136 23.15 -42.98 -19.90
N CYS D 137 23.67 -43.82 -20.79
CA CYS D 137 24.09 -45.15 -20.39
C CYS D 137 25.60 -45.22 -20.52
N PHE D 138 26.26 -45.87 -19.57
CA PHE D 138 27.69 -46.06 -19.70
C PHE D 138 27.98 -47.47 -20.14
N GLU D 139 28.70 -47.59 -21.25
CA GLU D 139 28.99 -48.91 -21.77
C GLU D 139 30.32 -49.28 -21.18
N ILE D 140 30.36 -50.39 -20.44
CA ILE D 140 31.60 -50.78 -19.81
C ILE D 140 32.10 -52.05 -20.48
N TYR D 141 33.28 -51.92 -21.05
CA TYR D 141 33.97 -52.99 -21.73
C TYR D 141 34.50 -54.08 -20.80
N HIS D 142 34.83 -53.72 -19.57
CA HIS D 142 35.40 -54.69 -18.66
C HIS D 142 34.26 -55.28 -17.85
N ALA D 143 34.18 -56.62 -17.81
CA ALA D 143 33.05 -57.31 -17.22
C ALA D 143 32.83 -56.91 -15.76
N CYS D 144 31.58 -56.83 -15.32
CA CYS D 144 31.28 -56.41 -13.96
C CYS D 144 30.15 -57.20 -13.29
N ASP D 145 30.54 -58.03 -12.32
CA ASP D 145 29.59 -58.72 -11.44
C ASP D 145 28.86 -57.74 -10.53
N ASP D 146 27.78 -58.21 -9.91
CA ASP D 146 27.01 -57.41 -8.95
C ASP D 146 27.88 -56.76 -7.87
N SER D 147 28.74 -57.53 -7.23
CA SER D 147 29.59 -57.02 -6.15
C SER D 147 30.52 -55.90 -6.63
N CYS D 148 30.63 -55.75 -7.95
CA CYS D 148 31.38 -54.66 -8.55
C CYS D 148 30.51 -53.41 -8.63
N MET D 149 29.29 -53.59 -9.16
CA MET D 149 28.27 -52.54 -9.17
C MET D 149 28.15 -51.85 -7.82
N GLU D 150 28.14 -52.62 -6.74
CA GLU D 150 27.98 -52.06 -5.42
C GLU D 150 29.23 -51.26 -5.02
N SER D 151 30.37 -51.59 -5.62
CA SER D 151 31.58 -50.79 -5.46
C SER D 151 31.43 -49.42 -6.13
N ILE D 152 30.50 -49.32 -7.07
CA ILE D 152 30.18 -48.04 -7.71
C ILE D 152 29.25 -47.19 -6.83
N ARG D 153 28.20 -47.83 -6.31
CA ARG D 153 27.17 -47.13 -5.54
C ARG D 153 27.68 -46.60 -4.20
N ASN D 154 28.70 -47.25 -3.64
CA ASN D 154 29.29 -46.78 -2.39
C ASN D 154 30.60 -46.05 -2.62
N ASN D 155 30.91 -45.80 -3.90
CA ASN D 155 32.05 -44.96 -4.29
C ASN D 155 33.40 -45.55 -3.84
N THR D 156 33.50 -46.87 -3.89
CA THR D 156 34.74 -47.58 -3.53
C THR D 156 35.32 -48.28 -4.75
N TYR D 157 34.89 -47.87 -5.93
CA TYR D 157 35.31 -48.44 -7.20
C TYR D 157 36.67 -47.92 -7.67
N ASP D 158 37.64 -48.83 -7.76
CA ASP D 158 38.97 -48.50 -8.26
C ASP D 158 39.04 -48.72 -9.77
N HIS D 159 39.46 -47.68 -10.49
CA HIS D 159 39.56 -47.70 -11.94
C HIS D 159 40.84 -48.36 -12.44
N SER D 160 41.94 -48.15 -11.70
CA SER D 160 43.27 -48.49 -12.16
C SER D 160 43.45 -49.97 -12.49
N GLN D 161 42.93 -50.82 -11.61
CA GLN D 161 43.16 -52.26 -11.72
C GLN D 161 42.45 -52.90 -12.90
N TYR D 162 41.27 -52.40 -13.26
CA TYR D 162 40.57 -52.81 -14.47
C TYR D 162 41.12 -52.17 -15.74
N ARG D 163 41.83 -51.05 -15.59
CA ARG D 163 42.22 -50.21 -16.72
C ARG D 163 42.96 -50.98 -17.82
N GLU D 164 43.86 -51.87 -17.41
CA GLU D 164 44.73 -52.60 -18.35
C GLU D 164 43.88 -53.46 -19.29
N GLU D 165 42.86 -54.09 -18.73
CA GLU D 165 41.97 -54.96 -19.48
C GLU D 165 41.08 -54.14 -20.41
N ALA D 166 40.59 -53.02 -19.90
CA ALA D 166 39.73 -52.12 -20.67
C ALA D 166 40.34 -51.73 -22.01
N LEU D 167 41.41 -50.93 -21.97
CA LEU D 167 41.99 -50.31 -23.17
C LEU D 167 42.15 -51.25 -24.38
N LEU D 168 42.58 -52.48 -24.14
CA LEU D 168 42.63 -53.52 -25.17
C LEU D 168 41.27 -53.81 -25.83
N ASN D 169 40.22 -53.80 -25.02
CA ASN D 169 38.86 -53.96 -25.52
C ASN D 169 38.37 -52.73 -26.29
N ARG D 170 38.73 -51.53 -25.82
CA ARG D 170 38.31 -50.31 -26.51
C ARG D 170 38.93 -50.14 -27.89
N LEU D 171 40.21 -50.48 -28.02
CA LEU D 171 40.95 -50.22 -29.25
C LEU D 171 40.85 -51.35 -30.29
N ASN D 172 40.65 -52.58 -29.83
CA ASN D 172 40.54 -53.71 -30.75
C ASN D 172 39.27 -54.51 -30.52
N ASP E 4 40.45 -31.13 -40.67
CA ASP E 4 39.07 -31.55 -40.84
C ASP E 4 38.35 -31.34 -39.49
N LYS E 5 37.53 -30.30 -39.41
CA LYS E 5 36.94 -29.89 -38.14
C LYS E 5 35.43 -29.62 -38.19
N ILE E 6 34.75 -29.66 -37.05
CA ILE E 6 33.40 -29.10 -36.96
C ILE E 6 33.29 -28.09 -35.80
N CYS E 7 32.69 -26.93 -36.08
CA CYS E 7 32.52 -25.90 -35.08
C CYS E 7 31.04 -25.66 -34.76
N LEU E 8 30.72 -25.42 -33.48
CA LEU E 8 29.38 -25.01 -33.10
C LEU E 8 29.28 -23.50 -32.91
N HIS E 10 27.13 -19.21 -32.08
CA HIS E 10 25.86 -18.53 -31.87
C HIS E 10 25.79 -17.23 -32.68
N HIS E 11 24.60 -16.65 -32.81
CA HIS E 11 24.44 -15.41 -33.58
C HIS E 11 24.72 -14.18 -32.74
N ALA E 12 25.27 -13.16 -33.39
CA ALA E 12 25.35 -11.83 -32.80
C ALA E 12 24.68 -10.86 -33.77
N VAL E 13 24.50 -9.62 -33.36
CA VAL E 13 23.91 -8.59 -34.22
C VAL E 13 24.71 -7.28 -34.13
N ALA E 14 24.64 -6.48 -35.19
CA ALA E 14 25.37 -5.21 -35.24
C ALA E 14 24.98 -4.25 -34.12
N ASN E 15 23.67 -4.15 -33.87
CA ASN E 15 23.20 -3.30 -32.79
C ASN E 15 22.48 -4.07 -31.70
N GLY E 16 22.96 -3.93 -30.47
CA GLY E 16 22.33 -4.56 -29.33
C GLY E 16 21.93 -3.52 -28.31
N THR E 17 20.64 -3.52 -27.95
CA THR E 17 20.19 -2.65 -26.88
C THR E 17 20.72 -3.20 -25.56
N ILE E 18 20.97 -2.31 -24.61
CA ILE E 18 21.52 -2.73 -23.34
C ILE E 18 20.40 -2.88 -22.31
N VAL E 19 20.39 -4.03 -21.64
CA VAL E 19 19.41 -4.27 -20.59
C VAL E 19 20.13 -4.17 -19.26
N LYS E 20 19.38 -4.29 -18.16
CA LYS E 20 20.04 -4.38 -16.87
C LYS E 20 19.81 -5.73 -16.21
N THR E 21 20.88 -6.27 -15.61
CA THR E 21 20.78 -7.57 -14.94
C THR E 21 21.11 -7.38 -13.47
N LEU E 22 21.12 -8.47 -12.72
CA LEU E 22 21.41 -8.41 -11.29
C LEU E 22 22.87 -8.08 -11.02
N THR E 23 23.75 -8.44 -11.96
CA THR E 23 25.17 -8.19 -11.79
C THR E 23 25.65 -7.09 -12.73
N ASN E 24 24.97 -6.95 -13.86
CA ASN E 24 25.43 -6.10 -14.93
C ASN E 24 24.33 -5.18 -15.41
N GLU E 25 24.49 -3.89 -15.15
CA GLU E 25 23.95 -2.87 -16.04
C GLU E 25 24.72 -2.87 -17.36
N GLN E 26 24.16 -2.24 -18.39
CA GLN E 26 24.87 -1.99 -19.64
C GLN E 26 25.24 -3.27 -20.42
N GLU E 27 24.49 -4.35 -20.21
CA GLU E 27 24.75 -5.63 -20.85
C GLU E 27 24.08 -5.76 -22.23
N GLU E 28 24.87 -5.81 -23.30
CA GLU E 28 24.31 -5.87 -24.65
C GLU E 28 23.58 -7.19 -24.87
N VAL E 29 22.55 -7.15 -25.70
CA VAL E 29 21.71 -8.31 -26.00
C VAL E 29 21.18 -8.18 -27.44
N THR E 30 20.78 -9.30 -28.03
CA THR E 30 20.36 -9.35 -29.44
C THR E 30 18.99 -8.72 -29.72
N ASN E 31 18.10 -8.74 -28.73
CA ASN E 31 16.83 -8.03 -28.83
C ASN E 31 16.22 -7.85 -27.43
N ALA E 32 15.63 -6.68 -27.18
CA ALA E 32 14.95 -6.44 -25.92
C ALA E 32 13.70 -5.57 -26.08
N THR E 33 12.66 -5.90 -25.31
CA THR E 33 11.38 -5.19 -25.42
C THR E 33 11.06 -4.34 -24.18
N GLU E 34 10.43 -3.20 -24.43
CA GLU E 34 9.88 -2.32 -23.41
C GLU E 34 8.73 -2.90 -22.57
N THR E 35 8.81 -2.78 -21.26
CA THR E 35 7.70 -3.23 -20.40
C THR E 35 6.88 -2.08 -19.82
N VAL E 36 7.23 -0.85 -20.16
CA VAL E 36 6.47 0.33 -19.72
C VAL E 36 5.99 1.16 -20.90
N GLU E 37 4.68 1.37 -21.04
CA GLU E 37 4.26 2.33 -22.05
C GLU E 37 4.42 3.74 -21.52
N SER E 38 4.95 4.61 -22.37
CA SER E 38 5.18 5.99 -22.04
C SER E 38 4.48 6.88 -23.06
N THR E 39 3.86 6.24 -24.03
CA THR E 39 3.05 6.93 -25.01
C THR E 39 1.61 6.46 -24.87
N GLY E 40 0.69 7.40 -24.71
CA GLY E 40 -0.70 7.06 -24.50
C GLY E 40 -1.58 7.93 -25.39
N ILE E 41 -2.74 7.41 -25.77
CA ILE E 41 -3.59 8.13 -26.69
C ILE E 41 -4.03 9.44 -26.06
N ASN E 42 -3.95 10.52 -26.82
CA ASN E 42 -4.33 11.83 -26.33
C ASN E 42 -5.81 11.87 -26.00
N ARG E 43 -6.59 11.25 -26.86
CA ARG E 43 -8.06 11.21 -26.70
C ARG E 43 -8.62 10.19 -25.69
N LEU E 44 -9.93 10.27 -25.40
CA LEU E 44 -10.62 9.20 -24.65
C LEU E 44 -11.33 8.21 -25.54
N CYS E 45 -10.97 6.94 -25.41
CA CYS E 45 -11.50 5.85 -26.23
C CYS E 45 -12.81 5.30 -25.65
N MET E 46 -13.92 5.39 -26.39
CA MET E 46 -15.22 5.03 -25.81
C MET E 46 -16.04 3.95 -26.54
N LYS E 47 -15.43 3.24 -27.47
CA LYS E 47 -16.00 2.00 -28.04
C LYS E 47 -16.76 1.16 -27.02
N GLY E 48 -17.92 0.65 -27.44
CA GLY E 48 -18.63 -0.39 -26.71
C GLY E 48 -19.02 0.00 -25.31
N ARG E 49 -19.05 1.31 -25.05
CA ARG E 49 -19.51 1.84 -23.78
C ARG E 49 -20.66 2.81 -23.99
N LYS E 50 -21.74 2.61 -23.24
CA LYS E 50 -22.86 3.53 -23.20
C LYS E 50 -22.54 4.69 -22.25
N HIS E 51 -22.15 5.85 -22.78
CA HIS E 51 -21.70 6.89 -21.86
C HIS E 51 -22.38 8.25 -21.99
N LYS E 52 -22.00 9.15 -21.09
CA LYS E 52 -22.61 10.47 -20.95
C LYS E 52 -21.56 11.56 -20.72
N ASP E 53 -21.36 12.46 -21.69
CA ASP E 53 -20.48 13.59 -21.47
C ASP E 53 -21.23 14.84 -20.99
N LEU E 54 -21.16 15.11 -19.69
CA LEU E 54 -21.89 16.22 -19.08
C LEU E 54 -21.49 17.60 -19.58
N GLY E 55 -20.36 17.70 -20.28
CA GLY E 55 -19.89 18.98 -20.79
C GLY E 55 -19.71 19.97 -19.65
N ASN E 56 -20.20 21.19 -19.81
CA ASN E 56 -20.11 22.19 -18.74
C ASN E 56 -21.16 22.06 -17.64
N CYS E 57 -21.81 20.90 -17.59
CA CYS E 57 -22.66 20.47 -16.47
C CYS E 57 -21.92 19.82 -15.31
N HIS E 58 -22.07 20.35 -14.11
CA HIS E 58 -21.48 19.68 -12.95
C HIS E 58 -22.38 18.52 -12.55
N PRO E 59 -21.79 17.43 -12.05
CA PRO E 59 -22.56 16.27 -11.60
C PRO E 59 -23.58 16.58 -10.50
N ILE E 60 -23.29 17.55 -9.64
CA ILE E 60 -24.25 17.97 -8.62
C ILE E 60 -25.48 18.56 -9.30
N GLY E 61 -25.23 19.32 -10.37
CA GLY E 61 -26.28 20.05 -11.08
C GLY E 61 -27.43 19.20 -11.58
N MET E 62 -27.11 17.99 -12.04
CA MET E 62 -28.10 17.01 -12.46
C MET E 62 -29.25 16.83 -11.46
N LEU E 63 -28.92 16.68 -10.18
CA LEU E 63 -29.95 16.47 -9.14
C LEU E 63 -30.69 17.77 -8.80
N ILE E 64 -29.94 18.87 -8.79
CA ILE E 64 -30.44 20.20 -8.47
C ILE E 64 -31.28 20.80 -9.62
N GLY E 65 -30.90 20.52 -10.86
CA GLY E 65 -31.53 21.14 -12.01
C GLY E 65 -30.96 22.44 -12.53
N THR E 66 -29.64 22.61 -12.41
CA THR E 66 -28.95 23.81 -12.89
C THR E 66 -29.30 23.96 -14.38
N PRO E 67 -29.45 25.20 -14.88
CA PRO E 67 -29.94 25.34 -16.25
C PRO E 67 -29.08 24.63 -17.30
N ALA E 68 -27.76 24.63 -17.12
CA ALA E 68 -26.87 23.93 -18.04
C ALA E 68 -27.08 22.41 -17.97
N CYS E 69 -27.68 21.95 -16.88
CA CYS E 69 -27.85 20.51 -16.62
C CYS E 69 -29.23 20.01 -17.03
N ASP E 70 -29.94 20.80 -17.84
CA ASP E 70 -31.29 20.44 -18.31
C ASP E 70 -31.46 19.16 -19.13
N LEU E 71 -30.58 18.94 -20.10
CA LEU E 71 -30.70 17.74 -20.93
C LEU E 71 -29.96 16.57 -20.31
N HIS E 72 -29.59 16.71 -19.05
CA HIS E 72 -28.90 15.66 -18.31
C HIS E 72 -29.63 15.18 -17.06
N LEU E 73 -30.69 15.88 -16.68
CA LEU E 73 -31.50 15.54 -15.49
C LEU E 73 -31.99 14.10 -15.40
N THR E 74 -31.83 13.32 -16.46
CA THR E 74 -32.02 11.86 -16.41
C THR E 74 -31.23 11.16 -17.50
N GLY E 75 -31.05 9.85 -17.35
CA GLY E 75 -30.29 9.06 -18.30
C GLY E 75 -29.86 7.72 -17.73
N MET E 76 -29.07 6.97 -18.49
CA MET E 76 -28.41 5.76 -18.02
C MET E 76 -27.03 5.67 -18.65
N TRP E 77 -26.04 5.15 -17.93
CA TRP E 77 -24.67 5.15 -18.45
C TRP E 77 -23.73 4.06 -17.92
N ASP E 78 -22.96 3.49 -18.83
CA ASP E 78 -21.82 2.65 -18.45
C ASP E 78 -20.81 3.58 -17.81
N THR E 79 -20.59 4.72 -18.46
CA THR E 79 -19.51 5.63 -18.13
C THR E 79 -20.04 7.06 -18.03
N LEU E 80 -19.47 7.84 -17.11
CA LEU E 80 -19.87 9.23 -16.94
C LEU E 80 -18.61 10.09 -16.99
N ILE E 81 -18.74 11.26 -17.59
CA ILE E 81 -17.57 12.14 -17.75
C ILE E 81 -17.83 13.52 -17.16
N GLU E 82 -16.80 14.11 -16.56
CA GLU E 82 -16.90 15.43 -15.95
C GLU E 82 -15.87 16.32 -16.62
N ARG E 83 -16.06 17.64 -16.55
CA ARG E 83 -15.20 18.56 -17.27
C ARG E 83 -14.66 19.65 -16.35
N GLU E 84 -13.65 20.36 -16.82
CA GLU E 84 -12.83 21.23 -15.98
C GLU E 84 -13.58 22.38 -15.30
N ASN E 85 -14.45 23.05 -16.02
CA ASN E 85 -15.18 24.16 -15.43
C ASN E 85 -16.70 24.04 -15.47
N ALA E 86 -17.18 22.86 -15.08
CA ALA E 86 -18.61 22.56 -15.05
C ALA E 86 -19.33 23.51 -14.08
N ILE E 87 -20.57 23.87 -14.39
CA ILE E 87 -21.32 24.79 -13.53
C ILE E 87 -22.32 24.04 -12.65
N ALA E 88 -21.97 23.91 -11.37
CA ALA E 88 -22.92 23.40 -10.38
C ALA E 88 -23.94 24.46 -10.00
N TYR E 89 -23.48 25.67 -9.69
CA TYR E 89 -24.38 26.65 -9.10
C TYR E 89 -24.66 27.83 -9.99
N CYS E 90 -25.94 27.92 -10.30
CA CYS E 90 -26.57 29.05 -10.94
C CYS E 90 -26.50 30.26 -10.02
N TYR E 91 -26.75 30.00 -8.75
CA TYR E 91 -26.96 31.00 -7.70
C TYR E 91 -25.89 30.76 -6.65
N PRO E 92 -25.34 31.83 -6.04
CA PRO E 92 -24.24 31.62 -5.11
C PRO E 92 -24.62 30.68 -3.98
N GLY E 93 -23.76 29.70 -3.74
CA GLY E 93 -24.07 28.68 -2.77
C GLY E 93 -22.95 27.67 -2.61
N ALA E 94 -23.03 26.93 -1.51
CA ALA E 94 -22.08 25.87 -1.25
C ALA E 94 -22.89 24.64 -0.87
N THR E 95 -22.32 23.46 -1.09
CA THR E 95 -23.00 22.24 -0.67
C THR E 95 -22.31 21.59 0.51
N VAL E 96 -23.11 21.22 1.50
CA VAL E 96 -22.65 20.39 2.60
C VAL E 96 -22.45 18.98 2.04
N ASN E 97 -21.34 18.35 2.39
CA ASN E 97 -21.03 17.01 1.88
C ASN E 97 -21.00 16.94 0.36
N VAL E 98 -20.48 17.97 -0.30
CA VAL E 98 -20.42 17.98 -1.76
C VAL E 98 -19.48 16.89 -2.31
N GLU E 99 -18.37 16.61 -1.63
CA GLU E 99 -17.45 15.63 -2.19
C GLU E 99 -17.93 14.23 -1.87
N ALA E 100 -18.67 14.09 -0.77
CA ALA E 100 -19.20 12.79 -0.38
C ALA E 100 -20.31 12.41 -1.35
N LEU E 101 -20.83 13.40 -2.06
CA LEU E 101 -21.97 13.25 -2.95
C LEU E 101 -21.60 13.15 -4.43
N ARG E 102 -20.65 13.96 -4.87
CA ARG E 102 -20.18 13.93 -6.25
C ARG E 102 -19.64 12.55 -6.60
N GLN E 103 -18.92 11.95 -5.65
CA GLN E 103 -18.42 10.59 -5.82
C GLN E 103 -19.58 9.60 -5.96
N LYS E 104 -20.65 9.78 -5.18
CA LYS E 104 -21.80 8.89 -5.24
C LYS E 104 -22.40 8.89 -6.65
N ILE E 105 -22.45 10.07 -7.26
CA ILE E 105 -22.99 10.24 -8.61
C ILE E 105 -22.05 9.67 -9.68
N MET E 106 -20.75 9.85 -9.50
CA MET E 106 -19.79 9.42 -10.51
C MET E 106 -19.48 7.94 -10.44
N GLU E 107 -20.15 7.22 -9.56
CA GLU E 107 -19.98 5.77 -9.52
C GLU E 107 -21.35 5.12 -9.55
N SER E 108 -22.37 5.94 -9.83
CA SER E 108 -23.68 5.43 -10.22
C SER E 108 -23.70 5.07 -11.70
N GLY E 109 -24.85 4.62 -12.18
CA GLY E 109 -25.04 4.35 -13.60
C GLY E 109 -26.28 4.96 -14.25
N GLY E 110 -26.91 5.92 -13.58
CA GLY E 110 -28.01 6.64 -14.18
C GLY E 110 -28.87 7.32 -13.13
N ILE E 111 -29.61 8.35 -13.54
CA ILE E 111 -30.52 9.03 -12.62
C ILE E 111 -31.98 8.99 -13.07
N ASN E 112 -32.85 8.54 -12.17
CA ASN E 112 -34.28 8.68 -12.34
C ASN E 112 -34.82 9.80 -11.46
N LYS E 113 -35.89 10.48 -11.86
CA LYS E 113 -36.42 11.55 -11.04
C LYS E 113 -37.88 11.31 -10.69
N ILE E 114 -38.27 11.65 -9.46
CA ILE E 114 -39.64 11.46 -8.99
C ILE E 114 -40.21 12.78 -8.47
N SER E 115 -41.46 13.08 -8.79
CA SER E 115 -42.10 14.28 -8.26
C SER E 115 -42.45 14.05 -6.79
N THR E 116 -42.39 15.09 -5.97
CA THR E 116 -42.59 14.91 -4.54
C THR E 116 -44.06 15.09 -4.17
N GLY E 117 -44.84 15.58 -5.14
CA GLY E 117 -46.22 15.94 -4.89
C GLY E 117 -46.38 16.96 -3.80
N PHE E 118 -45.41 17.86 -3.67
CA PHE E 118 -45.52 18.92 -2.69
C PHE E 118 -46.56 19.93 -3.16
N THR E 119 -47.25 20.53 -2.20
CA THR E 119 -48.44 21.32 -2.41
C THR E 119 -48.42 22.46 -1.42
N TYR E 120 -48.40 23.69 -1.91
CA TYR E 120 -48.14 24.83 -1.04
C TYR E 120 -49.39 25.70 -0.93
N GLY E 121 -49.62 26.20 0.28
CA GLY E 121 -50.77 27.02 0.58
C GLY E 121 -50.96 28.22 -0.31
N SER E 122 -52.17 28.77 -0.29
CA SER E 122 -52.51 29.87 -1.19
C SER E 122 -51.87 31.16 -0.69
N SER E 123 -51.30 31.11 0.50
CA SER E 123 -50.50 32.21 1.03
C SER E 123 -49.15 32.28 0.32
N ILE E 124 -48.77 31.14 -0.27
CA ILE E 124 -47.42 30.91 -0.79
C ILE E 124 -47.27 31.02 -2.32
N ASN E 125 -46.39 31.91 -2.75
CA ASN E 125 -45.96 31.96 -4.15
C ASN E 125 -44.69 31.13 -4.36
N SER E 126 -44.82 30.01 -5.07
CA SER E 126 -43.73 29.07 -5.19
C SER E 126 -42.92 29.28 -6.46
N ALA E 127 -43.44 30.12 -7.35
CA ALA E 127 -42.78 30.41 -8.62
C ALA E 127 -41.61 31.38 -8.46
N GLY E 128 -40.83 31.26 -7.40
CA GLY E 128 -39.64 32.09 -7.23
C GLY E 128 -38.63 31.92 -8.35
N THR E 129 -38.00 33.03 -8.77
CA THR E 129 -36.98 32.99 -9.80
C THR E 129 -35.87 34.02 -9.59
N THR E 130 -34.69 33.73 -10.12
CA THR E 130 -33.54 34.61 -9.98
C THR E 130 -32.99 34.92 -11.37
N ARG E 131 -32.15 35.94 -11.49
CA ARG E 131 -31.55 36.24 -12.79
C ARG E 131 -30.12 35.70 -12.80
N ALA E 132 -29.82 34.88 -11.81
CA ALA E 132 -28.66 34.02 -11.90
C ALA E 132 -28.97 32.82 -12.79
N CYS E 133 -30.24 32.43 -12.82
CA CYS E 133 -30.72 31.25 -13.55
C CYS E 133 -31.44 31.57 -14.85
N MET E 134 -30.71 31.72 -15.94
CA MET E 134 -31.34 32.27 -17.14
C MET E 134 -31.63 31.21 -18.21
N ARG E 135 -32.84 30.63 -18.14
CA ARG E 135 -33.28 29.50 -18.95
C ARG E 135 -33.23 29.75 -20.46
N ASN E 136 -33.88 30.81 -20.93
CA ASN E 136 -33.64 31.30 -22.28
C ASN E 136 -33.24 32.77 -22.29
N GLY E 137 -34.19 33.65 -21.99
CA GLY E 137 -33.89 35.03 -21.68
C GLY E 137 -34.47 35.46 -20.35
N GLY E 138 -35.24 34.57 -19.72
CA GLY E 138 -36.03 34.94 -18.58
C GLY E 138 -35.48 34.46 -17.24
N ASN E 139 -35.96 35.07 -16.17
CA ASN E 139 -35.63 34.58 -14.83
C ASN E 139 -36.18 33.17 -14.66
N SER E 140 -35.31 32.25 -14.28
CA SER E 140 -35.72 30.89 -13.98
C SER E 140 -35.13 30.47 -12.64
N PHE E 141 -35.26 29.19 -12.33
CA PHE E 141 -34.71 28.68 -11.09
C PHE E 141 -34.36 27.21 -11.32
N TYR E 142 -33.69 26.60 -10.35
CA TYR E 142 -33.48 25.15 -10.34
C TYR E 142 -34.75 24.36 -10.69
N ALA E 143 -34.65 23.59 -11.77
CA ALA E 143 -35.69 22.66 -12.23
C ALA E 143 -36.41 21.79 -11.19
N GLU E 144 -35.75 21.42 -10.10
CA GLU E 144 -36.37 20.47 -9.17
C GLU E 144 -36.51 21.07 -7.80
N LEU E 145 -36.62 22.39 -7.78
CA LEU E 145 -36.59 23.16 -6.55
C LEU E 145 -37.51 24.33 -6.70
N LYS E 146 -38.38 24.54 -5.72
CA LYS E 146 -39.30 25.66 -5.80
C LYS E 146 -38.95 26.61 -4.67
N TRP E 147 -38.50 27.79 -5.07
CA TRP E 147 -38.19 28.88 -4.17
C TRP E 147 -39.44 29.50 -3.60
N LEU E 148 -39.88 29.02 -2.45
CA LEU E 148 -41.08 29.55 -1.82
C LEU E 148 -40.83 30.92 -1.23
N VAL E 149 -41.74 31.85 -1.52
CA VAL E 149 -41.80 33.14 -0.87
C VAL E 149 -43.26 33.47 -0.56
N SER E 150 -43.50 34.32 0.43
CA SER E 150 -44.86 34.65 0.79
C SER E 150 -45.41 35.51 -0.35
N LYS E 151 -46.66 35.26 -0.74
CA LYS E 151 -47.18 35.80 -1.99
C LYS E 151 -47.37 37.31 -1.93
N SER E 152 -47.67 37.82 -0.74
CA SER E 152 -47.81 39.25 -0.55
C SER E 152 -46.58 39.78 0.17
N LYS E 153 -45.85 40.69 -0.48
CA LYS E 153 -44.60 41.25 0.05
C LYS E 153 -44.66 41.60 1.53
N GLY E 154 -43.64 41.16 2.28
CA GLY E 154 -43.47 41.54 3.66
C GLY E 154 -44.36 40.78 4.63
N GLN E 155 -45.48 40.27 4.13
CA GLN E 155 -46.43 39.55 4.96
C GLN E 155 -45.78 38.25 5.46
N ASN E 156 -46.03 37.88 6.71
CA ASN E 156 -45.37 36.72 7.30
C ASN E 156 -45.71 35.44 6.55
N PHE E 157 -44.67 34.65 6.27
CA PHE E 157 -44.82 33.35 5.62
C PHE E 157 -45.51 32.38 6.57
N PRO E 158 -46.49 31.61 6.06
CA PRO E 158 -47.23 30.67 6.91
C PRO E 158 -46.40 29.48 7.35
N GLN E 159 -46.69 28.91 8.52
CA GLN E 159 -46.06 27.66 8.90
C GLN E 159 -46.53 26.58 7.96
N THR E 160 -45.59 25.93 7.27
CA THR E 160 -45.95 25.01 6.21
C THR E 160 -45.30 23.66 6.45
N THR E 161 -46.04 22.59 6.19
CA THR E 161 -45.48 21.25 6.31
C THR E 161 -45.70 20.46 5.03
N ASN E 162 -44.59 19.96 4.47
CA ASN E 162 -44.64 19.14 3.27
C ASN E 162 -43.88 17.85 3.51
N THR E 163 -44.51 16.73 3.21
CA THR E 163 -43.88 15.44 3.47
C THR E 163 -43.72 14.62 2.21
N TYR E 164 -42.47 14.32 1.85
CA TYR E 164 -42.22 13.38 0.78
C TYR E 164 -42.43 12.00 1.35
N ARG E 165 -42.68 11.03 0.49
CA ARG E 165 -42.99 9.68 0.92
C ARG E 165 -42.47 8.73 -0.13
N ASN E 166 -41.42 8.00 0.22
CA ASN E 166 -40.84 7.01 -0.68
C ASN E 166 -41.70 5.76 -0.71
N THR E 167 -42.21 5.43 -1.89
CA THR E 167 -42.96 4.19 -2.07
C THR E 167 -42.27 3.23 -3.04
N ASP E 168 -41.13 3.65 -3.60
CA ASP E 168 -40.40 2.82 -4.55
C ASP E 168 -39.50 1.81 -3.82
N THR E 169 -39.02 0.81 -4.58
CA THR E 169 -38.18 -0.27 -4.06
C THR E 169 -36.81 0.14 -3.49
N ALA E 170 -36.15 1.11 -4.13
CA ALA E 170 -34.79 1.49 -3.71
C ALA E 170 -34.75 2.89 -3.12
N GLU E 171 -33.68 3.19 -2.37
CA GLU E 171 -33.57 4.46 -1.69
C GLU E 171 -33.47 5.64 -2.66
N HIS E 172 -34.09 6.75 -2.28
CA HIS E 172 -34.04 7.98 -3.06
C HIS E 172 -33.23 9.07 -2.38
N LEU E 173 -32.26 9.63 -3.10
CA LEU E 173 -31.56 10.81 -2.65
C LEU E 173 -32.48 12.02 -2.80
N ILE E 174 -32.63 12.81 -1.74
CA ILE E 174 -33.51 13.97 -1.79
C ILE E 174 -32.69 15.23 -1.48
N MET E 175 -32.92 16.29 -2.25
CA MET E 175 -32.11 17.48 -2.09
C MET E 175 -33.00 18.68 -1.82
N TRP E 176 -32.55 19.56 -0.94
CA TRP E 176 -33.28 20.78 -0.65
C TRP E 176 -32.33 21.94 -0.42
N GLY E 177 -32.86 23.15 -0.37
CA GLY E 177 -32.02 24.32 -0.17
C GLY E 177 -32.47 25.26 0.93
N ILE E 178 -31.52 25.95 1.53
CA ILE E 178 -31.84 26.98 2.51
C ILE E 178 -31.37 28.34 2.00
N HIS E 179 -32.20 29.36 2.15
CA HIS E 179 -31.87 30.69 1.63
C HIS E 179 -31.31 31.61 2.71
N HIS E 180 -30.12 32.15 2.45
CA HIS E 180 -29.48 33.10 3.36
C HIS E 180 -29.48 34.51 2.79
N PRO E 181 -30.35 35.39 3.32
CA PRO E 181 -30.56 36.73 2.78
C PRO E 181 -29.37 37.67 3.04
N SER E 182 -29.15 38.61 2.12
CA SER E 182 -28.05 39.58 2.22
C SER E 182 -28.18 40.64 3.30
N SER E 183 -29.37 41.22 3.45
CA SER E 183 -29.56 42.31 4.40
C SER E 183 -30.88 42.12 5.14
N THR E 184 -30.94 42.63 6.37
CA THR E 184 -32.11 42.39 7.22
C THR E 184 -33.37 43.02 6.63
N GLN E 185 -33.19 44.06 5.82
CA GLN E 185 -34.29 44.64 5.07
C GLN E 185 -34.91 43.59 4.15
N GLU E 186 -34.05 42.83 3.49
CA GLU E 186 -34.44 41.82 2.51
C GLU E 186 -35.19 40.61 3.07
N LYS E 187 -34.85 40.20 4.29
CA LYS E 187 -35.49 39.03 4.90
C LYS E 187 -36.97 39.23 5.19
N ASN E 188 -37.31 40.42 5.66
CA ASN E 188 -38.70 40.76 5.96
C ASN E 188 -39.54 40.79 4.70
N ASP E 189 -38.97 41.27 3.60
CA ASP E 189 -39.69 41.33 2.33
C ASP E 189 -40.24 39.94 1.95
N LEU E 190 -39.34 38.98 1.76
CA LEU E 190 -39.71 37.66 1.25
C LEU E 190 -40.50 36.79 2.23
N TYR E 191 -40.01 36.64 3.45
CA TYR E 191 -40.65 35.71 4.40
C TYR E 191 -41.38 36.42 5.54
N GLY E 192 -41.01 37.66 5.81
CA GLY E 192 -41.62 38.41 6.89
C GLY E 192 -40.69 38.71 8.05
N THR E 193 -41.25 39.32 9.09
CA THR E 193 -40.47 39.76 10.24
C THR E 193 -40.17 38.62 11.22
N GLN E 194 -40.82 37.48 11.01
CA GLN E 194 -40.85 36.43 12.03
C GLN E 194 -39.50 35.75 12.23
N SER E 195 -39.42 34.94 13.28
CA SER E 195 -38.24 34.11 13.56
C SER E 195 -38.30 32.88 12.64
N LEU E 196 -37.30 32.73 11.78
CA LEU E 196 -37.35 31.66 10.79
C LEU E 196 -36.76 30.35 11.32
N SER E 197 -37.34 29.23 10.88
CA SER E 197 -36.88 27.90 11.24
C SER E 197 -37.33 26.85 10.24
N ILE E 198 -36.40 25.99 9.83
CA ILE E 198 -36.70 24.89 8.92
C ILE E 198 -36.27 23.55 9.54
N SER E 199 -37.24 22.67 9.77
CA SER E 199 -36.95 21.40 10.44
C SER E 199 -37.25 20.17 9.57
N VAL E 200 -36.17 19.54 9.10
CA VAL E 200 -36.24 18.41 8.20
C VAL E 200 -35.94 17.10 8.93
N GLY E 201 -36.95 16.28 9.16
CA GLY E 201 -36.72 15.01 9.83
C GLY E 201 -37.42 13.78 9.27
N SER E 202 -36.64 12.73 9.03
CA SER E 202 -37.17 11.46 8.53
C SER E 202 -37.04 10.40 9.63
N SER E 203 -36.81 9.15 9.26
CA SER E 203 -36.52 8.11 10.26
C SER E 203 -35.02 7.98 10.53
N THR E 204 -34.21 8.39 9.57
CA THR E 204 -32.76 8.22 9.66
C THR E 204 -32.06 9.55 9.41
N TYR E 205 -32.68 10.62 9.93
CA TYR E 205 -32.18 11.97 9.77
C TYR E 205 -32.99 12.89 10.67
N ARG E 206 -32.31 13.81 11.33
CA ARG E 206 -32.96 15.02 11.83
C ARG E 206 -31.96 16.15 11.71
N ASN E 207 -32.47 17.35 11.44
CA ASN E 207 -31.62 18.52 11.34
C ASN E 207 -32.49 19.76 11.46
N ASN E 208 -31.91 20.92 11.17
CA ASN E 208 -32.57 22.19 11.39
C ASN E 208 -31.72 23.32 10.88
N PHE E 209 -32.36 24.32 10.28
CA PHE E 209 -31.63 25.37 9.62
C PHE E 209 -32.27 26.71 9.95
N VAL E 210 -31.44 27.74 10.10
CA VAL E 210 -31.93 29.07 10.43
C VAL E 210 -31.21 30.15 9.62
N PRO E 211 -31.87 30.65 8.56
CA PRO E 211 -31.39 31.66 7.61
C PRO E 211 -30.62 32.80 8.28
N VAL E 212 -29.36 32.99 7.89
CA VAL E 212 -28.53 34.01 8.51
C VAL E 212 -28.29 35.18 7.57
N VAL E 213 -28.70 36.36 8.01
CA VAL E 213 -28.39 37.63 7.34
C VAL E 213 -26.95 38.08 7.62
N GLY E 214 -26.27 38.53 6.57
CA GLY E 214 -24.91 39.06 6.71
C GLY E 214 -24.43 39.75 5.43
N ALA E 215 -23.53 40.71 5.58
CA ALA E 215 -22.99 41.44 4.44
C ALA E 215 -22.01 40.57 3.66
N ARG E 216 -22.29 40.37 2.37
CA ARG E 216 -21.50 39.46 1.55
C ARG E 216 -21.20 40.02 0.17
N PRO E 217 -20.00 39.70 -0.38
CA PRO E 217 -19.62 40.09 -1.74
C PRO E 217 -20.61 39.56 -2.78
N GLN E 218 -20.59 40.12 -3.99
CA GLN E 218 -21.52 39.68 -5.04
C GLN E 218 -20.93 38.63 -5.98
N VAL E 219 -21.58 37.47 -6.01
CA VAL E 219 -21.16 36.36 -6.86
C VAL E 219 -22.27 36.09 -7.87
N ASN E 220 -21.95 36.18 -9.17
CA ASN E 220 -23.00 36.28 -10.18
C ASN E 220 -23.98 37.38 -9.80
N GLY E 221 -23.45 38.48 -9.30
CA GLY E 221 -24.23 39.67 -9.01
C GLY E 221 -25.25 39.50 -7.89
N GLN E 222 -25.17 38.40 -7.16
CA GLN E 222 -26.02 38.22 -6.00
C GLN E 222 -25.25 38.15 -4.67
N SER E 223 -25.78 38.82 -3.65
CA SER E 223 -25.17 38.79 -2.31
C SER E 223 -25.70 37.62 -1.47
N GLY E 224 -26.97 37.29 -1.64
CA GLY E 224 -27.60 36.23 -0.86
C GLY E 224 -27.12 34.85 -1.29
N ARG E 225 -27.27 33.86 -0.42
CA ARG E 225 -26.74 32.53 -0.71
C ARG E 225 -27.75 31.42 -0.49
N ILE E 226 -27.67 30.40 -1.34
CA ILE E 226 -28.46 29.19 -1.15
C ILE E 226 -27.53 28.04 -0.84
N ASP E 227 -27.48 27.63 0.42
CA ASP E 227 -26.72 26.43 0.76
C ASP E 227 -27.61 25.22 0.45
N PHE E 228 -27.01 24.13 -0.01
CA PHE E 228 -27.79 22.97 -0.41
C PHE E 228 -27.49 21.78 0.49
N HIS E 229 -28.54 21.18 1.03
CA HIS E 229 -28.39 20.03 1.90
C HIS E 229 -29.12 18.82 1.34
N TRP E 230 -28.50 17.65 1.47
CA TRP E 230 -29.04 16.43 0.90
C TRP E 230 -29.00 15.27 1.88
N THR E 231 -29.92 14.33 1.68
CA THR E 231 -29.94 13.08 2.44
C THR E 231 -30.58 11.97 1.63
N LEU E 232 -30.40 10.74 2.07
CA LEU E 232 -31.00 9.60 1.39
C LEU E 232 -32.27 9.19 2.12
N VAL E 233 -33.36 9.08 1.37
CA VAL E 233 -34.63 8.67 1.93
C VAL E 233 -34.84 7.19 1.63
N GLN E 234 -34.86 6.39 2.69
CA GLN E 234 -34.90 4.94 2.56
C GLN E 234 -36.24 4.51 2.01
N PRO E 235 -36.30 3.30 1.42
CA PRO E 235 -37.59 2.79 0.96
C PRO E 235 -38.56 2.55 2.10
N GLY E 236 -39.78 3.06 1.94
CA GLY E 236 -40.81 2.92 2.95
C GLY E 236 -40.70 3.97 4.04
N ASP E 237 -39.78 4.92 3.88
CA ASP E 237 -39.57 5.97 4.89
C ASP E 237 -39.88 7.37 4.37
N ASN E 238 -40.81 8.05 5.02
CA ASN E 238 -41.10 9.44 4.68
C ASN E 238 -40.16 10.48 5.30
N ILE E 239 -40.07 11.63 4.66
CA ILE E 239 -39.31 12.75 5.20
C ILE E 239 -40.20 13.99 5.31
N THR E 240 -40.12 14.70 6.43
CA THR E 240 -41.05 15.80 6.70
C THR E 240 -40.35 17.16 6.75
N PHE E 241 -40.89 18.13 6.04
CA PHE E 241 -40.34 19.48 6.07
C PHE E 241 -41.30 20.40 6.79
N SER E 242 -40.85 21.01 7.88
CA SER E 242 -41.66 22.03 8.55
C SER E 242 -40.92 23.35 8.46
N HIS E 243 -41.54 24.36 7.86
CA HIS E 243 -40.80 25.59 7.64
C HIS E 243 -41.57 26.89 7.78
N ASN E 244 -40.87 27.90 8.27
CA ASN E 244 -41.32 29.29 8.29
C ASN E 244 -41.07 29.97 6.96
N GLY E 245 -40.24 29.34 6.15
CA GLY E 245 -39.86 29.89 4.86
C GLY E 245 -38.35 30.02 4.80
N GLY E 246 -37.81 30.21 3.61
CA GLY E 246 -36.38 30.12 3.41
C GLY E 246 -35.99 28.71 3.02
N LEU E 247 -36.99 27.85 2.88
CA LEU E 247 -36.78 26.50 2.37
C LEU E 247 -36.89 26.55 0.85
N ILE E 248 -35.91 25.96 0.17
CA ILE E 248 -35.99 25.81 -1.28
C ILE E 248 -36.47 24.40 -1.58
N ALA E 249 -37.75 24.17 -1.32
CA ALA E 249 -38.27 22.81 -1.23
C ALA E 249 -38.13 22.07 -2.54
N PRO E 250 -37.79 20.77 -2.47
CA PRO E 250 -37.61 19.97 -3.69
C PRO E 250 -38.92 19.66 -4.40
N SER E 251 -39.07 20.07 -5.66
CA SER E 251 -40.25 19.65 -6.41
C SER E 251 -40.08 18.18 -6.76
N ARG E 252 -38.83 17.78 -6.97
CA ARG E 252 -38.52 16.41 -7.35
C ARG E 252 -37.39 15.79 -6.54
N VAL E 253 -37.32 14.46 -6.61
CA VAL E 253 -36.38 13.65 -5.84
C VAL E 253 -35.57 12.74 -6.78
N SER E 254 -34.25 12.91 -6.81
CA SER E 254 -33.43 12.07 -7.70
C SER E 254 -33.33 10.66 -7.15
N LYS E 255 -33.17 9.70 -8.06
CA LYS E 255 -32.85 8.33 -7.68
C LYS E 255 -31.64 7.81 -8.45
N LEU E 256 -30.68 7.23 -7.74
CA LEU E 256 -29.46 6.80 -8.40
C LEU E 256 -29.49 5.29 -8.64
N ILE E 257 -29.24 4.89 -9.88
CA ILE E 257 -29.50 3.52 -10.31
C ILE E 257 -28.19 2.90 -10.83
N GLY E 258 -27.86 1.72 -10.33
CA GLY E 258 -26.74 0.95 -10.87
C GLY E 258 -25.37 1.54 -10.57
N ARG E 259 -24.33 0.96 -11.16
CA ARG E 259 -22.95 1.41 -10.93
C ARG E 259 -22.17 1.54 -12.23
N GLY E 260 -21.48 2.67 -12.39
CA GLY E 260 -20.79 2.98 -13.61
C GLY E 260 -19.45 3.61 -13.31
N LEU E 261 -18.62 3.72 -14.35
CA LEU E 261 -17.31 4.31 -14.23
C LEU E 261 -17.38 5.83 -14.34
N GLY E 262 -16.76 6.55 -13.40
CA GLY E 262 -16.69 8.00 -13.51
C GLY E 262 -15.32 8.53 -13.85
N ILE E 263 -15.25 9.26 -14.96
CA ILE E 263 -14.03 9.89 -15.43
C ILE E 263 -14.01 11.42 -15.30
N GLN E 264 -12.96 11.96 -14.67
CA GLN E 264 -12.75 13.40 -14.78
C GLN E 264 -11.62 13.65 -15.77
N SER E 265 -11.93 14.29 -16.89
CA SER E 265 -10.93 14.50 -17.93
C SER E 265 -11.29 15.68 -18.83
N ASP E 266 -10.29 16.30 -19.43
CA ASP E 266 -10.55 17.31 -20.47
C ASP E 266 -10.37 16.80 -21.90
N ALA E 267 -9.98 15.53 -22.07
CA ALA E 267 -9.78 14.99 -23.40
C ALA E 267 -11.11 14.87 -24.14
N PRO E 268 -11.08 15.08 -25.47
CA PRO E 268 -12.27 14.91 -26.32
C PRO E 268 -12.66 13.44 -26.51
N ILE E 269 -13.94 13.19 -26.72
CA ILE E 269 -14.42 11.82 -26.93
C ILE E 269 -14.07 11.32 -28.33
N ASP E 270 -13.69 10.05 -28.41
CA ASP E 270 -13.62 9.33 -29.69
C ASP E 270 -14.22 7.93 -29.52
N ASN E 271 -15.26 7.63 -30.29
CA ASN E 271 -15.96 6.34 -30.16
C ASN E 271 -15.44 5.29 -31.15
N ASN E 272 -14.46 5.67 -31.96
CA ASN E 272 -13.72 4.74 -32.79
C ASN E 272 -12.97 3.76 -31.87
N CYS E 273 -12.28 4.30 -30.88
CA CYS E 273 -11.24 3.59 -30.14
C CYS E 273 -11.75 2.92 -28.85
N GLU E 274 -11.22 1.74 -28.56
CA GLU E 274 -11.65 0.98 -27.38
C GLU E 274 -10.70 1.22 -26.21
N SER E 275 -11.20 1.10 -24.98
CA SER E 275 -10.35 1.15 -23.79
C SER E 275 -11.07 0.70 -22.51
N LYS E 276 -10.29 0.59 -21.43
CA LYS E 276 -10.83 0.27 -20.11
C LYS E 276 -10.05 1.06 -19.03
N CYS E 277 -9.04 1.80 -19.48
CA CYS E 277 -8.21 2.62 -18.59
C CYS E 277 -8.13 4.07 -19.05
N PHE E 278 -8.60 4.98 -18.19
CA PHE E 278 -8.57 6.41 -18.51
C PHE E 278 -7.92 7.25 -17.40
N TRP E 279 -7.22 8.31 -17.81
CA TRP E 279 -6.74 9.34 -16.89
C TRP E 279 -7.14 10.73 -17.39
N ARG E 280 -6.47 11.75 -16.90
CA ARG E 280 -6.87 13.09 -17.25
C ARG E 280 -6.48 13.38 -18.65
N GLY E 281 -5.28 12.98 -19.03
CA GLY E 281 -4.80 13.24 -20.37
C GLY E 281 -5.49 12.36 -21.37
N GLY E 282 -6.46 11.60 -20.90
CA GLY E 282 -7.18 10.73 -21.77
C GLY E 282 -7.19 9.29 -21.36
N SER E 283 -6.57 8.47 -22.18
CA SER E 283 -6.70 7.05 -22.05
C SER E 283 -5.38 6.34 -22.21
N ILE E 284 -5.32 5.15 -21.66
CA ILE E 284 -4.17 4.28 -21.88
C ILE E 284 -4.56 2.84 -22.22
N ASN E 285 -4.14 2.35 -23.39
CA ASN E 285 -4.39 0.96 -23.75
C ASN E 285 -3.11 0.27 -24.25
N THR E 286 -2.90 -0.94 -23.73
CA THR E 286 -1.72 -1.77 -24.00
C THR E 286 -1.84 -2.98 -23.09
N ARG E 287 -0.98 -3.99 -23.28
CA ARG E 287 -0.91 -5.06 -22.29
C ARG E 287 0.40 -5.08 -21.50
N LEU E 288 1.31 -4.17 -21.80
CA LEU E 288 2.39 -3.86 -20.87
C LEU E 288 1.83 -3.70 -19.46
N PRO E 289 2.48 -4.32 -18.47
CA PRO E 289 1.94 -4.33 -17.11
C PRO E 289 2.29 -3.07 -16.34
N PHE E 290 3.11 -2.21 -16.93
CA PHE E 290 3.53 -0.98 -16.27
C PHE E 290 3.21 0.24 -17.13
N GLN E 291 3.45 1.43 -16.56
CA GLN E 291 3.07 2.69 -17.19
C GLN E 291 3.65 3.88 -16.41
N ASN E 292 4.06 4.93 -17.12
CA ASN E 292 4.67 6.09 -16.46
C ASN E 292 4.10 7.44 -16.92
N LEU E 293 2.96 7.40 -17.59
CA LEU E 293 2.28 8.61 -18.05
C LEU E 293 1.70 9.41 -16.89
N SER E 294 0.91 8.74 -16.07
CA SER E 294 0.24 9.39 -14.95
C SER E 294 -0.06 8.38 -13.82
N PRO E 295 0.13 8.83 -12.57
CA PRO E 295 -0.11 8.11 -11.31
C PRO E 295 -1.59 7.93 -10.95
N ARG E 296 -2.40 8.91 -11.30
CA ARG E 296 -3.84 8.87 -11.04
C ARG E 296 -4.65 8.40 -12.25
N THR E 297 -5.33 7.27 -12.10
CA THR E 297 -6.04 6.61 -13.19
C THR E 297 -7.37 6.05 -12.73
N VAL E 298 -8.22 5.71 -13.69
CA VAL E 298 -9.55 5.18 -13.44
C VAL E 298 -9.82 3.85 -14.17
N GLY E 299 -10.41 2.88 -13.46
CA GLY E 299 -10.74 1.58 -14.04
C GLY E 299 -9.57 0.63 -14.09
N GLN E 300 -9.78 -0.56 -14.66
CA GLN E 300 -8.72 -1.57 -14.71
C GLN E 300 -7.52 -1.02 -15.46
N CYS E 301 -6.34 -1.15 -14.86
CA CYS E 301 -5.18 -0.41 -15.34
C CYS E 301 -3.85 -1.08 -15.03
N PRO E 302 -2.79 -0.70 -15.79
CA PRO E 302 -1.41 -1.06 -15.47
C PRO E 302 -0.87 -0.16 -14.36
N LYS E 303 -0.05 -0.72 -13.49
CA LYS E 303 0.46 0.00 -12.33
C LYS E 303 1.50 1.06 -12.69
N TYR E 304 1.44 2.19 -12.00
CA TYR E 304 2.36 3.31 -12.23
C TYR E 304 3.77 3.07 -11.68
N VAL E 305 4.77 3.38 -12.48
CA VAL E 305 6.17 3.29 -12.05
C VAL E 305 6.94 4.54 -12.48
N ASN E 306 7.99 4.85 -11.74
CA ASN E 306 8.83 6.03 -11.97
C ASN E 306 9.66 6.02 -13.25
N ARG E 307 10.20 4.85 -13.59
CA ARG E 307 11.16 4.75 -14.70
C ARG E 307 10.56 4.97 -16.09
N ARG E 308 11.26 5.77 -16.88
CA ARG E 308 10.86 6.10 -18.25
C ARG E 308 10.85 4.88 -19.16
N SER E 309 11.89 4.06 -19.05
CA SER E 309 11.96 2.82 -19.82
C SER E 309 12.64 1.67 -19.09
N LEU E 310 11.99 0.50 -19.16
CA LEU E 310 12.55 -0.72 -18.59
C LEU E 310 12.71 -1.74 -19.71
N MET E 311 13.91 -2.28 -19.84
CA MET E 311 14.19 -3.16 -20.97
C MET E 311 14.20 -4.58 -20.45
N LEU E 312 13.39 -5.43 -21.07
CA LEU E 312 13.38 -6.85 -20.74
C LEU E 312 14.02 -7.58 -21.91
N ALA E 313 15.07 -8.35 -21.62
CA ALA E 313 15.80 -9.03 -22.68
C ALA E 313 15.00 -10.18 -23.28
N THR E 314 14.98 -10.23 -24.60
CA THR E 314 14.34 -11.29 -25.37
C THR E 314 15.39 -12.17 -26.07
N GLY E 315 16.66 -11.94 -25.77
CA GLY E 315 17.74 -12.57 -26.52
C GLY E 315 19.04 -12.79 -25.75
N MET E 316 19.93 -13.56 -26.35
CA MET E 316 21.24 -13.85 -25.78
C MET E 316 22.20 -12.68 -25.89
N ARG E 317 23.35 -12.81 -25.22
CA ARG E 317 24.35 -11.76 -25.20
C ARG E 317 24.87 -11.44 -26.60
N ASN E 318 25.08 -10.15 -26.86
CA ASN E 318 25.60 -9.70 -28.14
C ASN E 318 27.11 -9.50 -28.09
N VAL E 319 27.84 -10.44 -28.68
CA VAL E 319 29.28 -10.30 -28.76
C VAL E 319 29.79 -10.27 -30.20
N PRO E 320 30.12 -9.07 -30.69
CA PRO E 320 30.74 -8.89 -32.00
C PRO E 320 32.20 -9.32 -31.94
N GLU E 321 32.84 -9.50 -33.09
CA GLU E 321 34.20 -10.01 -33.15
C GLU E 321 35.22 -8.95 -32.72
N LEU F 2 26.78 -17.55 -17.25
CA LEU F 2 27.64 -18.32 -16.35
C LEU F 2 28.23 -19.51 -17.11
N PHE F 3 27.39 -20.42 -17.59
CA PHE F 3 27.83 -21.56 -18.40
C PHE F 3 28.88 -21.20 -19.44
N GLY F 4 29.96 -21.97 -19.47
CA GLY F 4 31.16 -21.62 -20.20
C GLY F 4 30.93 -21.17 -21.64
N ALA F 5 29.79 -21.51 -22.22
CA ALA F 5 29.58 -21.41 -23.66
C ALA F 5 29.59 -20.00 -24.25
N ILE F 6 28.82 -19.06 -23.68
CA ILE F 6 28.76 -17.74 -24.29
C ILE F 6 29.54 -16.70 -23.51
N ALA F 7 30.41 -15.97 -24.20
CA ALA F 7 31.40 -15.08 -23.60
C ALA F 7 32.38 -15.90 -22.77
N GLY F 8 32.53 -17.17 -23.14
CA GLY F 8 33.45 -18.09 -22.50
C GLY F 8 34.44 -18.63 -23.51
N PHE F 9 34.45 -19.93 -23.76
CA PHE F 9 35.34 -20.44 -24.79
C PHE F 9 34.95 -19.89 -26.17
N LEU F 10 33.66 -19.85 -26.49
CA LEU F 10 33.25 -19.28 -27.76
C LEU F 10 33.52 -17.78 -27.69
N GLU F 11 34.37 -17.29 -28.59
CA GLU F 11 34.93 -15.94 -28.44
C GLU F 11 34.24 -14.79 -29.17
N ASN F 12 33.24 -15.09 -30.00
CA ASN F 12 32.26 -14.09 -30.41
C ASN F 12 31.05 -14.79 -31.02
N GLY F 13 30.14 -14.00 -31.57
CA GLY F 13 28.97 -14.55 -32.21
C GLY F 13 29.18 -14.46 -33.71
N TRP F 14 28.32 -15.12 -34.47
CA TRP F 14 28.43 -15.02 -35.91
C TRP F 14 27.38 -14.06 -36.42
N GLU F 15 27.82 -12.83 -36.61
CA GLU F 15 26.96 -11.75 -37.10
C GLU F 15 26.48 -12.07 -38.50
N GLY F 16 27.21 -12.96 -39.18
CA GLY F 16 26.81 -13.47 -40.47
C GLY F 16 25.53 -14.26 -40.36
N MET F 17 25.39 -15.02 -39.28
CA MET F 17 24.19 -15.83 -39.08
C MET F 17 23.00 -14.90 -38.89
N VAL F 18 21.96 -15.11 -39.68
CA VAL F 18 20.76 -14.30 -39.64
C VAL F 18 19.59 -15.26 -39.41
N ASP F 19 19.91 -16.54 -39.40
CA ASP F 19 18.92 -17.58 -39.14
C ASP F 19 19.33 -18.40 -37.91
N GLY F 20 18.53 -18.32 -36.86
CA GLY F 20 18.68 -19.19 -35.71
C GLY F 20 19.73 -18.69 -34.73
N TRP F 21 19.53 -18.94 -33.44
CA TRP F 21 20.54 -18.60 -32.45
C TRP F 21 21.75 -19.53 -32.48
N TYR F 22 21.50 -20.80 -32.72
CA TYR F 22 22.56 -21.82 -32.66
C TYR F 22 22.74 -22.51 -34.00
N GLY F 23 23.98 -22.57 -34.47
CA GLY F 23 24.23 -23.25 -35.72
C GLY F 23 25.57 -23.95 -35.79
N PHE F 24 25.77 -24.65 -36.90
CA PHE F 24 27.00 -25.39 -37.15
C PHE F 24 27.90 -24.65 -38.14
N ARG F 25 29.17 -24.49 -37.79
CA ARG F 25 30.12 -23.97 -38.75
C ARG F 25 30.85 -25.18 -39.31
N HIS F 26 30.83 -25.28 -40.64
CA HIS F 26 31.17 -26.51 -41.36
C HIS F 26 32.54 -26.50 -42.03
N GLN F 27 33.45 -27.38 -41.60
CA GLN F 27 34.72 -27.50 -42.31
C GLN F 27 35.18 -28.92 -42.61
N ASN F 28 35.34 -29.22 -43.89
CA ASN F 28 35.97 -30.44 -44.34
C ASN F 28 36.45 -30.21 -45.76
N ALA F 29 37.23 -31.13 -46.31
CA ALA F 29 37.84 -30.94 -47.62
C ALA F 29 36.80 -30.63 -48.70
N GLN F 30 35.67 -31.31 -48.61
CA GLN F 30 34.60 -31.07 -49.55
C GLN F 30 34.28 -29.60 -49.49
N GLY F 31 33.67 -29.18 -48.38
CA GLY F 31 32.94 -27.92 -48.30
C GLY F 31 33.01 -27.15 -46.99
N THR F 32 32.53 -25.91 -47.03
CA THR F 32 32.39 -25.09 -45.83
C THR F 32 30.92 -24.85 -45.50
N GLN F 34 28.20 -23.60 -42.94
CA GLN F 34 27.33 -22.84 -42.05
C GLN F 34 25.88 -23.35 -42.10
N ALA F 35 25.34 -23.75 -40.95
CA ALA F 35 23.99 -24.26 -40.89
C ALA F 35 23.21 -23.68 -39.71
N ALA F 36 22.36 -24.50 -39.11
CA ALA F 36 21.59 -24.13 -37.91
C ALA F 36 20.79 -25.32 -37.36
N ASP F 37 20.86 -25.52 -36.05
CA ASP F 37 20.12 -26.60 -35.39
C ASP F 37 18.74 -26.10 -34.98
N TYR F 38 17.70 -26.83 -35.37
CA TYR F 38 16.34 -26.30 -35.34
C TYR F 38 15.66 -26.26 -33.96
N LYS F 39 15.50 -27.41 -33.30
CA LYS F 39 14.82 -27.43 -32.00
C LYS F 39 15.74 -27.38 -30.80
N SER F 40 16.97 -26.94 -30.99
CA SER F 40 17.73 -26.36 -29.89
C SER F 40 17.36 -24.88 -29.74
N THR F 41 17.03 -24.24 -30.86
CA THR F 41 16.65 -22.83 -30.84
C THR F 41 15.15 -22.57 -30.72
N GLN F 42 14.32 -23.61 -30.73
CA GLN F 42 12.91 -23.39 -30.41
C GLN F 42 12.57 -24.00 -29.08
N ALA F 43 13.42 -24.89 -28.59
CA ALA F 43 13.35 -25.29 -27.20
C ALA F 43 13.55 -24.00 -26.41
N ALA F 44 14.50 -23.22 -26.91
CA ALA F 44 14.84 -21.89 -26.41
C ALA F 44 13.77 -20.82 -26.65
N ILE F 45 13.17 -20.79 -27.85
CA ILE F 45 12.10 -19.84 -28.13
C ILE F 45 10.84 -20.13 -27.32
N ASP F 46 10.54 -21.41 -27.10
CA ASP F 46 9.37 -21.78 -26.31
C ASP F 46 9.38 -21.09 -24.95
N GLN F 47 10.54 -21.05 -24.31
CA GLN F 47 10.68 -20.32 -23.04
C GLN F 47 10.88 -18.81 -23.19
N ILE F 48 11.49 -18.35 -24.28
CA ILE F 48 11.55 -16.90 -24.51
C ILE F 48 10.15 -16.41 -24.82
N THR F 49 9.32 -17.29 -25.36
CA THR F 49 7.91 -16.98 -25.50
C THR F 49 7.09 -17.88 -24.55
N GLY F 50 7.61 -17.96 -23.32
CA GLY F 50 6.91 -18.41 -22.13
C GLY F 50 6.73 -17.11 -21.36
N LYS F 51 7.82 -16.36 -21.38
CA LYS F 51 7.81 -14.91 -21.67
C LYS F 51 7.00 -13.91 -20.86
N LEU F 52 6.20 -13.24 -21.67
CA LEU F 52 5.72 -11.90 -21.68
C LEU F 52 4.25 -12.25 -21.59
N ASN F 53 4.04 -13.53 -21.32
CA ASN F 53 2.76 -14.11 -21.01
C ASN F 53 2.52 -13.80 -19.55
N ARG F 54 3.50 -14.15 -18.73
CA ARG F 54 3.61 -13.56 -17.41
C ARG F 54 3.36 -12.05 -17.52
N LEU F 55 4.25 -11.37 -18.23
CA LEU F 55 4.22 -9.91 -18.36
C LEU F 55 2.88 -9.31 -18.80
N VAL F 56 2.25 -9.84 -19.85
CA VAL F 56 1.05 -9.21 -20.39
C VAL F 56 -0.30 -9.83 -20.03
N GLU F 57 -0.35 -10.86 -19.19
CA GLU F 57 -1.66 -11.30 -18.70
C GLU F 57 -2.11 -10.32 -17.61
N LYS F 58 -3.30 -9.74 -17.79
CA LYS F 58 -3.78 -8.65 -16.94
C LYS F 58 -4.47 -9.09 -15.66
N THR F 59 -3.75 -8.95 -14.55
CA THR F 59 -4.32 -9.04 -13.20
C THR F 59 -5.22 -7.83 -12.91
N ASN F 60 -6.15 -7.54 -13.81
CA ASN F 60 -6.83 -6.24 -13.84
C ASN F 60 -8.00 -6.03 -12.89
N THR F 61 -7.77 -5.26 -11.83
CA THR F 61 -8.82 -4.89 -10.90
C THR F 61 -9.26 -3.47 -11.23
N GLU F 62 -10.58 -3.22 -11.29
CA GLU F 62 -11.06 -1.88 -11.62
C GLU F 62 -11.00 -0.91 -10.44
N PHE F 63 -10.31 0.21 -10.65
CA PHE F 63 -10.20 1.24 -9.64
C PHE F 63 -11.06 2.46 -9.94
N GLU F 64 -11.44 3.17 -8.88
CA GLU F 64 -12.19 4.41 -8.99
C GLU F 64 -11.29 5.58 -8.59
N SER F 65 -11.80 6.81 -8.69
CA SER F 65 -10.98 7.96 -8.37
C SER F 65 -11.22 8.39 -6.93
N ILE F 66 -10.16 8.36 -6.12
CA ILE F 66 -10.28 8.78 -4.73
C ILE F 66 -9.96 10.26 -4.50
N GLU F 67 -9.29 10.88 -5.47
CA GLU F 67 -9.04 12.31 -5.41
C GLU F 67 -9.53 13.06 -6.66
N SER F 68 -10.42 14.03 -6.44
CA SER F 68 -10.89 14.86 -7.55
C SER F 68 -9.82 15.86 -7.95
N GLU F 69 -9.72 16.11 -9.26
CA GLU F 69 -8.74 17.08 -9.75
C GLU F 69 -9.29 18.50 -9.83
N PHE F 70 -10.60 18.62 -10.03
CA PHE F 70 -11.21 19.92 -10.29
C PHE F 70 -11.80 20.57 -9.07
N SER F 71 -11.33 20.18 -7.88
CA SER F 71 -11.72 20.89 -6.66
C SER F 71 -10.86 20.55 -5.47
N GLU F 72 -10.89 21.45 -4.50
CA GLU F 72 -10.28 21.26 -3.18
C GLU F 72 -10.65 19.91 -2.60
N ILE F 73 -9.66 19.11 -2.18
CA ILE F 73 -9.96 17.98 -1.32
C ILE F 73 -9.54 18.36 0.09
N GLU F 74 -10.29 17.89 1.09
CA GLU F 74 -9.99 18.21 2.49
C GLU F 74 -8.53 17.87 2.81
N HIS F 75 -7.82 18.80 3.45
CA HIS F 75 -6.36 18.73 3.52
C HIS F 75 -5.78 17.51 4.23
N GLN F 76 -6.41 17.04 5.30
CA GLN F 76 -5.89 15.88 6.00
C GLN F 76 -5.99 14.64 5.13
N ILE F 77 -7.20 14.32 4.68
CA ILE F 77 -7.40 13.15 3.85
C ILE F 77 -6.63 13.28 2.53
N GLY F 78 -6.37 14.51 2.11
CA GLY F 78 -5.60 14.78 0.92
C GLY F 78 -4.18 14.25 1.03
N ASN F 79 -3.59 14.41 2.20
CA ASN F 79 -2.22 13.99 2.47
C ASN F 79 -2.08 12.49 2.71
N VAL F 80 -3.06 11.91 3.40
CA VAL F 80 -3.15 10.45 3.53
C VAL F 80 -3.19 9.73 2.19
N ILE F 81 -3.97 10.26 1.25
CA ILE F 81 -4.02 9.72 -0.09
C ILE F 81 -2.69 9.87 -0.84
N ASN F 82 -2.13 11.07 -0.86
CA ASN F 82 -0.81 11.29 -1.47
C ASN F 82 0.34 10.49 -0.84
N TRP F 83 0.16 10.03 0.40
CA TRP F 83 1.19 9.21 1.02
C TRP F 83 1.00 7.75 0.67
N THR F 84 -0.25 7.29 0.66
CA THR F 84 -0.52 5.90 0.34
C THR F 84 -0.11 5.65 -1.11
N LYS F 85 -0.36 6.61 -1.99
CA LYS F 85 -0.09 6.38 -3.41
C LYS F 85 1.40 6.51 -3.71
N ASP F 86 2.09 7.44 -3.03
CA ASP F 86 3.54 7.53 -3.19
C ASP F 86 4.25 6.27 -2.72
N SER F 87 3.64 5.58 -1.75
CA SER F 87 4.22 4.35 -1.24
C SER F 87 3.90 3.15 -2.15
N ILE F 88 2.72 3.17 -2.75
CA ILE F 88 2.30 2.06 -3.61
C ILE F 88 3.09 2.15 -4.92
N THR F 89 3.55 3.36 -5.24
CA THR F 89 4.38 3.55 -6.42
C THR F 89 5.80 3.03 -6.15
N ASP F 90 6.37 3.47 -5.03
CA ASP F 90 7.72 3.03 -4.62
C ASP F 90 7.84 1.52 -4.46
N ILE F 91 6.72 0.85 -4.20
CA ILE F 91 6.65 -0.60 -4.36
C ILE F 91 6.72 -1.04 -5.81
N TRP F 92 5.76 -0.64 -6.64
CA TRP F 92 5.71 -1.14 -8.01
C TRP F 92 6.94 -0.77 -8.84
N THR F 93 7.58 0.35 -8.53
CA THR F 93 8.80 0.72 -9.24
C THR F 93 9.93 -0.22 -8.86
N TYR F 94 9.90 -0.72 -7.62
CA TYR F 94 10.85 -1.73 -7.18
C TYR F 94 10.53 -3.03 -7.90
N GLN F 95 9.26 -3.42 -7.78
CA GLN F 95 8.77 -4.71 -8.24
C GLN F 95 9.03 -4.87 -9.72
N ALA F 96 8.80 -3.79 -10.48
CA ALA F 96 9.09 -3.77 -11.92
C ALA F 96 10.58 -3.91 -12.18
N GLU F 97 11.39 -3.13 -11.47
CA GLU F 97 12.83 -3.11 -11.68
C GLU F 97 13.46 -4.47 -11.36
N LEU F 98 12.94 -5.14 -10.34
CA LEU F 98 13.43 -6.47 -10.03
C LEU F 98 12.98 -7.44 -11.12
N LEU F 99 11.70 -7.38 -11.48
CA LEU F 99 11.11 -8.37 -12.38
C LEU F 99 11.76 -8.40 -13.75
N VAL F 100 12.14 -7.24 -14.28
CA VAL F 100 12.84 -7.25 -15.55
C VAL F 100 14.31 -7.61 -15.34
N ALA F 101 14.92 -7.16 -14.24
CA ALA F 101 16.34 -7.37 -14.06
C ALA F 101 16.65 -8.81 -13.65
N MET F 102 15.66 -9.48 -13.06
CA MET F 102 15.78 -10.89 -12.68
C MET F 102 15.37 -11.83 -13.80
N GLU F 103 14.48 -11.39 -14.69
CA GLU F 103 14.06 -12.28 -15.76
C GLU F 103 14.89 -11.96 -17.00
N ASN F 104 15.74 -10.94 -16.86
CA ASN F 104 16.84 -10.74 -17.80
C ASN F 104 18.00 -11.67 -17.46
N GLN F 105 18.33 -11.71 -16.17
CA GLN F 105 19.40 -12.56 -15.67
C GLN F 105 19.09 -14.03 -15.92
N HIS F 106 17.81 -14.37 -15.82
CA HIS F 106 17.36 -15.73 -16.12
C HIS F 106 17.41 -16.05 -17.61
N THR F 107 16.98 -15.11 -18.45
CA THR F 107 17.07 -15.29 -19.89
C THR F 107 18.52 -15.42 -20.34
N ILE F 108 19.32 -14.39 -20.07
CA ILE F 108 20.70 -14.32 -20.57
C ILE F 108 21.50 -15.60 -20.31
N ASP F 109 21.41 -16.11 -19.08
CA ASP F 109 22.16 -17.30 -18.70
C ASP F 109 21.41 -18.61 -18.93
N MET F 110 20.31 -18.55 -19.66
CA MET F 110 19.68 -19.79 -20.12
C MET F 110 19.95 -19.97 -21.61
N ALA F 111 20.29 -18.87 -22.28
CA ALA F 111 20.72 -18.91 -23.68
C ALA F 111 21.97 -19.73 -24.00
N ASP F 112 22.97 -19.79 -23.12
CA ASP F 112 24.02 -20.79 -23.32
C ASP F 112 23.64 -22.22 -22.92
N SER F 113 22.95 -22.42 -21.79
CA SER F 113 22.51 -23.77 -21.36
C SER F 113 22.19 -24.66 -22.55
N GLU F 114 21.35 -24.16 -23.46
CA GLU F 114 20.98 -24.87 -24.67
C GLU F 114 22.19 -25.09 -25.58
N MET F 115 23.04 -24.07 -25.68
CA MET F 115 24.27 -24.13 -26.48
C MET F 115 25.13 -25.27 -25.95
N LEU F 116 25.27 -25.31 -24.63
CA LEU F 116 26.06 -26.33 -23.96
C LEU F 116 25.45 -27.72 -24.13
N ASN F 117 24.11 -27.80 -24.09
CA ASN F 117 23.41 -29.06 -24.22
C ASN F 117 23.41 -29.57 -25.66
N LEU F 118 23.41 -28.64 -26.61
CA LEU F 118 23.64 -28.95 -28.02
C LEU F 118 25.05 -29.49 -28.21
N TYR F 119 26.01 -28.73 -27.73
CA TYR F 119 27.42 -29.10 -27.71
C TYR F 119 27.70 -30.46 -27.10
N GLU F 120 27.18 -30.71 -25.90
CA GLU F 120 27.41 -31.99 -25.23
C GLU F 120 26.60 -33.14 -25.83
N ARG F 121 25.42 -32.84 -26.39
CA ARG F 121 24.76 -33.78 -27.28
C ARG F 121 25.68 -34.23 -28.42
N VAL F 122 26.19 -33.26 -29.15
CA VAL F 122 27.10 -33.49 -30.26
C VAL F 122 28.32 -34.33 -29.86
N ARG F 123 28.95 -34.00 -28.73
CA ARG F 123 30.18 -34.69 -28.35
C ARG F 123 29.90 -36.06 -27.76
N LYS F 124 28.65 -36.31 -27.44
CA LYS F 124 28.26 -37.65 -27.04
C LYS F 124 27.88 -38.49 -28.26
N GLN F 125 27.44 -37.82 -29.32
CA GLN F 125 27.26 -38.49 -30.61
C GLN F 125 28.61 -38.93 -31.16
N LEU F 126 29.50 -37.96 -31.33
CA LEU F 126 30.86 -38.19 -31.84
C LEU F 126 31.70 -39.15 -31.01
N ARG F 127 31.43 -39.23 -29.70
CA ARG F 127 32.09 -40.20 -28.83
C ARG F 127 33.64 -40.14 -28.95
N GLN F 128 34.26 -41.25 -29.31
CA GLN F 128 35.73 -41.34 -29.40
C GLN F 128 36.25 -41.04 -30.80
N ASN F 129 35.33 -40.68 -31.69
CA ASN F 129 35.69 -40.34 -33.07
C ASN F 129 36.22 -38.91 -33.23
N ALA F 130 36.13 -38.08 -32.19
CA ALA F 130 36.54 -36.69 -32.31
C ALA F 130 37.15 -36.11 -31.03
N GLU F 131 38.04 -35.13 -31.20
CA GLU F 131 38.73 -34.44 -30.11
C GLU F 131 38.30 -33.00 -29.92
N GLU F 132 38.01 -32.55 -28.71
CA GLU F 132 37.31 -31.26 -28.55
C GLU F 132 37.94 -29.93 -29.06
N ASP F 133 39.21 -29.67 -28.77
CA ASP F 133 39.95 -28.50 -29.31
C ASP F 133 39.72 -27.17 -28.55
N GLY F 134 38.71 -27.21 -27.70
CA GLY F 134 38.37 -26.28 -26.64
C GLY F 134 37.89 -24.89 -27.01
N LYS F 135 37.70 -24.64 -28.31
CA LYS F 135 37.07 -23.40 -28.75
C LYS F 135 35.63 -23.68 -29.16
N GLY F 136 35.12 -24.80 -28.71
CA GLY F 136 33.80 -25.27 -29.04
C GLY F 136 33.79 -26.05 -30.35
N CYS F 137 34.95 -26.10 -30.99
CA CYS F 137 35.16 -26.90 -32.20
C CYS F 137 35.46 -28.36 -31.87
N PHE F 138 35.29 -29.23 -32.86
CA PHE F 138 35.62 -30.64 -32.69
C PHE F 138 36.61 -31.10 -33.75
N GLU F 139 37.75 -31.63 -33.33
CA GLU F 139 38.69 -32.17 -34.30
C GLU F 139 38.22 -33.55 -34.70
N ILE F 140 38.02 -33.76 -36.00
CA ILE F 140 37.53 -35.04 -36.50
C ILE F 140 38.64 -35.73 -37.29
N TYR F 141 38.93 -36.97 -36.91
CA TYR F 141 40.10 -37.67 -37.42
C TYR F 141 39.71 -38.80 -38.36
N HIS F 142 38.71 -38.53 -39.18
CA HIS F 142 38.35 -39.35 -40.32
C HIS F 142 37.68 -38.45 -41.34
N ALA F 143 36.96 -39.02 -42.29
CA ALA F 143 36.51 -38.27 -43.46
C ALA F 143 35.39 -37.30 -43.09
N CYS F 148 28.65 -36.09 -45.87
CA CYS F 148 27.26 -35.88 -45.52
C CYS F 148 27.25 -35.74 -44.03
N MET F 149 28.01 -34.77 -43.53
CA MET F 149 28.12 -34.56 -42.11
C MET F 149 26.89 -34.13 -41.39
N GLU F 150 25.77 -34.04 -42.08
CA GLU F 150 24.57 -33.80 -41.26
C GLU F 150 24.20 -35.22 -40.78
N SER F 151 25.05 -35.80 -39.95
CA SER F 151 24.74 -36.97 -39.16
C SER F 151 24.55 -36.37 -37.79
N ILE F 152 25.42 -35.42 -37.49
CA ILE F 152 25.55 -34.85 -36.16
C ILE F 152 24.44 -33.82 -36.02
N ARG F 153 24.22 -33.06 -37.10
CA ARG F 153 23.15 -32.06 -37.10
C ARG F 153 21.79 -32.74 -36.94
N ASN F 154 21.56 -33.81 -37.68
CA ASN F 154 20.27 -34.52 -37.62
C ASN F 154 20.30 -35.86 -36.86
N ASN F 155 21.06 -35.93 -35.78
CA ASN F 155 21.08 -37.11 -34.89
C ASN F 155 21.15 -38.48 -35.56
N THR F 156 22.15 -38.68 -36.41
CA THR F 156 22.21 -39.87 -37.27
C THR F 156 23.42 -40.74 -36.92
N TYR F 157 24.50 -40.08 -36.51
CA TYR F 157 25.86 -40.62 -36.59
C TYR F 157 26.11 -41.86 -35.72
N ASP F 158 26.56 -42.93 -36.35
CA ASP F 158 26.97 -44.16 -35.66
C ASP F 158 28.43 -44.06 -35.27
N HIS F 159 28.73 -44.41 -34.02
CA HIS F 159 30.06 -44.17 -33.47
C HIS F 159 30.98 -45.36 -33.72
N SER F 160 30.39 -46.55 -33.81
CA SER F 160 31.15 -47.77 -34.08
C SER F 160 31.56 -47.82 -35.55
N GLN F 161 30.69 -47.28 -36.41
CA GLN F 161 30.86 -47.28 -37.86
C GLN F 161 32.21 -46.78 -38.36
N TYR F 162 32.67 -45.63 -37.86
CA TYR F 162 34.06 -45.25 -38.07
C TYR F 162 34.81 -45.14 -36.76
N ARG F 163 34.92 -46.25 -36.03
CA ARG F 163 35.64 -46.19 -34.78
C ARG F 163 37.07 -46.38 -35.25
N GLU F 164 37.38 -47.61 -35.66
CA GLU F 164 38.03 -47.89 -36.94
C GLU F 164 39.31 -47.05 -37.19
N GLU F 165 39.45 -46.48 -38.38
CA GLU F 165 40.66 -45.74 -38.77
C GLU F 165 40.88 -44.47 -37.97
N ALA F 166 39.79 -43.86 -37.50
CA ALA F 166 39.87 -42.59 -36.77
C ALA F 166 40.71 -42.71 -35.50
N LEU F 167 40.60 -43.86 -34.84
CA LEU F 167 41.35 -44.10 -33.62
C LEU F 167 42.85 -44.01 -33.90
N LEU F 168 43.23 -44.53 -35.07
CA LEU F 168 44.62 -44.68 -35.45
C LEU F 168 45.13 -43.45 -36.21
N ASN F 169 44.22 -42.64 -36.73
CA ASN F 169 44.56 -41.28 -37.15
C ASN F 169 44.97 -40.37 -35.99
N ARG F 170 44.36 -40.61 -34.84
CA ARG F 170 44.81 -40.03 -33.57
C ARG F 170 46.17 -40.55 -33.12
N LEU F 171 46.37 -41.84 -33.28
CA LEU F 171 47.53 -42.53 -32.72
C LEU F 171 48.72 -42.52 -33.68
N ASN F 172 48.55 -41.86 -34.82
CA ASN F 172 49.68 -41.55 -35.70
C ASN F 172 49.92 -40.05 -35.76
#